data_7KDY
#
_entry.id   7KDY
#
_cell.length_a   84.503
_cell.length_b   132.817
_cell.length_c   155.509
_cell.angle_alpha   90.000
_cell.angle_beta   90.000
_cell.angle_gamma   90.000
#
_symmetry.space_group_name_H-M   'P 21 21 21'
#
loop_
_entity.id
_entity.type
_entity.pdbx_description
1 polymer 'Methyltransferase TokK'
2 non-polymer 'IRON/SULFUR CLUSTER'
3 non-polymer COBALAMIN
4 non-polymer METHIONINE
5 non-polymer "5'-DEOXYADENOSINE"
6 non-polymer '(2R,3R,5R)-3-{[2-({N-[(2R)-2,4-dihydroxy-3,3-dimethylbutanoyl]-beta-alanyl}amino)ethyl]sulfanyl}-7-oxo-1-azabicyclo[3.2.0]heptane-2-carboxylic acid'
7 non-polymer GLYCEROL
8 non-polymer 'POTASSIUM ION'
9 water water
#
_entity_poly.entity_id   1
_entity_poly.type   'polypeptide(L)'
_entity_poly.pdbx_seq_one_letter_code
;MSAELASRGRKVYFVGLNEYPFLPLVAGLLRTYAEQDERIAAAYDFQEPVFLVAPVQEMADGIVEPDVLALSCYVWNFRR
QMKVAKLVKERYPNVLVVAGGPHVPDRPGNFFEKHPYVDVLAHGEGEVAFRELLATRLSDHPDYTAVPGVSVRRGTEAVV
GPKAKRLPRLIDTPSPYLLGVMDGAVATCRERGLRFYALWETNRGCPYSCSFCDWGSATMSTLRKFEDERLQDEIEWFAR
HDVEDLFICDANFGIMPRDLEIAHALAEARGELGAPRQVRVNFAKNSNDRVFDISKTWHDADLLMGTTLSMQSTDMDVLE
AIDRKNIGLDNYRKLQQRYAAENIHTYTELILGLPMETARSFRDGIGSLLEAGNHEDLRVYELGILPNAPLNTPEKIEQY
GLRTVPKRMYVERPGTPDDEAETFEMVMETNAMPRDAWVESFSFIQAVQFLHNGCYTRYLSIFLRQEHGIGYTRFYEGLQ
DYFTGRPDTVLGALYLRMRSLYHDYIDMPALPLANLVASQPDMAADLAPYGRRRGWTIDNWGWLRIATDFDRFHTELREY
LATLGLDPAGDARLEDVLRFQQDVMLRPDYSPELGKSAEYAHDWPGYFAGGLLRPRRVRVAYGDQSFGANGRYRPVPGDL
KAFTMAAIGTSYPVSRMGHFCHRFESAEVTSLAEPVVSEQW
;
_entity_poly.pdbx_strand_id   A,B
#
loop_
_chem_comp.id
_chem_comp.type
_chem_comp.name
_chem_comp.formula
5AD non-polymer 5'-DEOXYADENOSINE 'C10 H13 N5 O3'
B12 non-polymer COBALAMIN 'C62 H89 Co N13 O14 P 2'
GOL non-polymer GLYCEROL 'C3 H8 O3'
K non-polymer 'POTASSIUM ION' 'K 1'
SF4 non-polymer 'IRON/SULFUR CLUSTER' 'Fe4 S4'
WCD non-polymer '(2R,3R,5R)-3-{[2-({N-[(2R)-2,4-dihydroxy-3,3-dimethylbutanoyl]-beta-alanyl}amino)ethyl]sulfanyl}-7-oxo-1-azabicyclo[3.2.0]heptane-2-carboxylic acid' 'C18 H29 N3 O7 S'
#
# COMPACT_ATOMS: atom_id res chain seq x y z
N ARG A 8 -34.75 6.03 23.66
CA ARG A 8 -35.09 5.14 22.56
C ARG A 8 -34.23 5.39 21.32
N GLY A 9 -34.80 5.13 20.16
CA GLY A 9 -34.09 5.17 18.90
C GLY A 9 -33.87 3.76 18.35
N ARG A 10 -33.34 3.72 17.13
CA ARG A 10 -33.03 2.45 16.49
C ARG A 10 -31.84 1.81 17.17
N LYS A 11 -32.04 0.64 17.78
CA LYS A 11 -30.99 0.02 18.55
C LYS A 11 -30.00 -0.69 17.64
N VAL A 12 -28.71 -0.37 17.80
CA VAL A 12 -27.64 -0.97 17.02
C VAL A 12 -26.83 -1.86 17.94
N TYR A 13 -26.82 -3.16 17.66
CA TYR A 13 -26.06 -4.13 18.42
C TYR A 13 -24.84 -4.55 17.61
N PHE A 14 -23.67 -4.52 18.26
CA PHE A 14 -22.45 -5.05 17.69
C PHE A 14 -22.10 -6.35 18.38
N VAL A 15 -21.74 -7.37 17.59
CA VAL A 15 -21.26 -8.64 18.12
C VAL A 15 -19.93 -8.95 17.47
N GLY A 16 -18.89 -9.08 18.29
CA GLY A 16 -17.58 -9.50 17.82
C GLY A 16 -16.88 -10.22 18.94
N LEU A 17 -17.14 -11.52 19.08
CA LEU A 17 -16.71 -12.25 20.25
C LEU A 17 -15.38 -12.96 20.00
N ASN A 18 -14.65 -13.21 21.09
CA ASN A 18 -13.54 -14.15 21.04
C ASN A 18 -13.37 -14.76 22.42
N GLU A 19 -12.64 -15.89 22.45
CA GLU A 19 -12.47 -16.62 23.71
C GLU A 19 -11.60 -15.82 24.66
N TYR A 20 -10.60 -15.11 24.15
CA TYR A 20 -9.84 -14.25 25.03
C TYR A 20 -10.40 -12.82 24.97
N PRO A 21 -10.40 -12.08 26.08
CA PRO A 21 -10.98 -10.73 26.07
C PRO A 21 -10.13 -9.73 25.31
N PHE A 22 -10.68 -9.22 24.22
CA PHE A 22 -10.11 -8.11 23.45
C PHE A 22 -11.15 -7.00 23.36
N LEU A 23 -10.76 -5.79 23.75
CA LEU A 23 -11.71 -4.68 23.74
C LEU A 23 -12.30 -4.50 22.34
N PRO A 24 -13.57 -4.13 22.23
CA PRO A 24 -14.29 -4.07 20.94
C PRO A 24 -13.91 -2.87 20.10
N LEU A 25 -12.70 -2.90 19.54
CA LEU A 25 -12.22 -1.76 18.76
C LEU A 25 -13.05 -1.56 17.50
N VAL A 26 -13.39 -2.63 16.79
CA VAL A 26 -14.15 -2.51 15.55
C VAL A 26 -15.48 -1.80 15.81
N ALA A 27 -16.22 -2.27 16.80
CA ALA A 27 -17.52 -1.66 17.11
C ALA A 27 -17.37 -0.19 17.44
N GLY A 28 -16.32 0.16 18.20
CA GLY A 28 -16.12 1.55 18.55
C GLY A 28 -15.72 2.40 17.35
N LEU A 29 -14.90 1.84 16.46
CA LEU A 29 -14.51 2.59 15.26
C LEU A 29 -15.71 2.84 14.35
N LEU A 30 -16.48 1.80 14.07
CA LEU A 30 -17.62 1.96 13.17
C LEU A 30 -18.66 2.91 13.76
N ARG A 31 -18.93 2.79 15.06
CA ARG A 31 -19.92 3.66 15.68
C ARG A 31 -19.49 5.12 15.62
N THR A 32 -18.28 5.42 16.07
CA THR A 32 -17.88 6.82 16.17
C THR A 32 -17.69 7.44 14.80
N TYR A 33 -17.29 6.65 13.79
CA TYR A 33 -17.20 7.21 12.44
C TYR A 33 -18.59 7.52 11.90
N ALA A 34 -19.55 6.62 12.11
CA ALA A 34 -20.90 6.84 11.60
C ALA A 34 -21.58 8.01 12.31
N GLU A 35 -21.32 8.20 13.61
CA GLU A 35 -21.98 9.24 14.38
C GLU A 35 -21.55 10.65 13.99
N GLN A 36 -20.52 10.79 13.14
CA GLN A 36 -20.23 12.11 12.59
C GLN A 36 -21.37 12.63 11.73
N ASP A 37 -22.21 11.73 11.22
CA ASP A 37 -23.46 12.10 10.57
C ASP A 37 -24.48 12.42 11.65
N GLU A 38 -24.90 13.69 11.73
CA GLU A 38 -25.81 14.12 12.79
C GLU A 38 -27.13 13.36 12.74
N ARG A 39 -27.57 12.97 11.55
CA ARG A 39 -28.80 12.19 11.44
C ARG A 39 -28.63 10.82 12.10
N ILE A 40 -27.46 10.21 11.90
CA ILE A 40 -27.20 8.90 12.51
C ILE A 40 -27.11 9.01 14.02
N ALA A 41 -26.41 10.02 14.51
CA ALA A 41 -26.27 10.20 15.95
C ALA A 41 -27.63 10.40 16.62
N ALA A 42 -28.55 11.11 15.94
CA ALA A 42 -29.85 11.38 16.52
C ALA A 42 -30.77 10.17 16.50
N ALA A 43 -30.69 9.35 15.45
CA ALA A 43 -31.68 8.32 15.23
C ALA A 43 -31.32 6.96 15.82
N TYR A 44 -30.04 6.68 16.01
CA TYR A 44 -29.60 5.36 16.43
C TYR A 44 -29.19 5.36 17.89
N ASP A 45 -29.48 4.26 18.57
CA ASP A 45 -29.16 4.06 19.98
C ASP A 45 -28.17 2.90 20.04
N PHE A 46 -26.88 3.23 20.10
CA PHE A 46 -25.84 2.21 20.05
C PHE A 46 -25.71 1.48 21.38
N GLN A 47 -25.73 0.15 21.32
CA GLN A 47 -25.68 -0.68 22.51
C GLN A 47 -24.23 -1.01 22.87
N GLU A 48 -24.03 -1.41 24.12
CA GLU A 48 -22.71 -1.87 24.53
C GLU A 48 -22.31 -3.05 23.66
N PRO A 49 -21.11 -3.03 23.05
CA PRO A 49 -20.72 -4.13 22.17
C PRO A 49 -20.58 -5.44 22.94
N VAL A 50 -20.95 -6.52 22.29
CA VAL A 50 -20.79 -7.87 22.83
C VAL A 50 -19.46 -8.42 22.32
N PHE A 51 -18.56 -8.73 23.24
CA PHE A 51 -17.25 -9.25 22.85
C PHE A 51 -16.80 -10.43 23.69
N LEU A 52 -17.43 -10.72 24.83
CA LEU A 52 -17.10 -11.90 25.63
C LEU A 52 -18.03 -13.06 25.26
N VAL A 53 -17.47 -14.27 25.27
CA VAL A 53 -18.22 -15.44 24.83
C VAL A 53 -19.27 -15.81 25.86
N ALA A 54 -20.45 -16.17 25.39
CA ALA A 54 -21.55 -16.70 26.19
C ALA A 54 -22.28 -17.72 25.31
N PRO A 55 -23.14 -18.58 25.87
CA PRO A 55 -23.90 -19.51 25.02
C PRO A 55 -24.72 -18.75 23.98
N VAL A 56 -24.79 -19.34 22.78
CA VAL A 56 -25.43 -18.67 21.64
C VAL A 56 -26.85 -18.22 22.00
N GLN A 57 -27.61 -19.10 22.65
CA GLN A 57 -28.99 -18.73 22.99
C GLN A 57 -29.04 -17.56 23.96
N GLU A 58 -28.14 -17.55 24.94
CA GLU A 58 -28.07 -16.44 25.87
C GLU A 58 -27.71 -15.14 25.17
N MET A 59 -26.72 -15.20 24.26
CA MET A 59 -26.32 -14.00 23.53
C MET A 59 -27.46 -13.46 22.68
N ALA A 60 -28.16 -14.35 21.96
CA ALA A 60 -29.27 -13.91 21.12
C ALA A 60 -30.39 -13.32 21.96
N ASP A 61 -30.67 -13.92 23.12
CA ASP A 61 -31.70 -13.38 24.00
C ASP A 61 -31.33 -11.99 24.52
N GLY A 62 -30.03 -11.71 24.64
CA GLY A 62 -29.60 -10.40 25.08
C GLY A 62 -29.78 -9.30 24.05
N ILE A 63 -30.14 -9.66 22.82
CA ILE A 63 -30.35 -8.68 21.76
C ILE A 63 -31.85 -8.43 21.67
N VAL A 64 -32.28 -7.25 22.14
CA VAL A 64 -33.70 -6.96 22.34
C VAL A 64 -34.10 -5.80 21.45
N GLU A 65 -35.15 -6.01 20.65
CA GLU A 65 -35.66 -5.04 19.68
C GLU A 65 -34.54 -4.39 18.87
N PRO A 66 -33.70 -5.18 18.20
CA PRO A 66 -32.63 -4.58 17.40
C PRO A 66 -33.16 -4.03 16.09
N ASP A 67 -32.69 -2.83 15.74
CA ASP A 67 -32.91 -2.32 14.39
C ASP A 67 -31.78 -2.72 13.46
N VAL A 68 -30.55 -2.75 13.97
CA VAL A 68 -29.38 -3.17 13.21
C VAL A 68 -28.58 -4.14 14.06
N LEU A 69 -28.19 -5.27 13.47
CA LEU A 69 -27.30 -6.24 14.10
C LEU A 69 -26.04 -6.32 13.28
N ALA A 70 -24.93 -5.83 13.82
CA ALA A 70 -23.65 -5.74 13.12
C ALA A 70 -22.71 -6.79 13.67
N LEU A 71 -22.21 -7.66 12.79
CA LEU A 71 -21.40 -8.81 13.15
C LEU A 71 -19.98 -8.63 12.61
N SER A 72 -18.99 -8.69 13.50
CA SER A 72 -17.58 -8.57 13.14
C SER A 72 -16.99 -9.97 13.09
N CYS A 73 -16.77 -10.50 11.89
CA CYS A 73 -16.61 -11.93 11.67
C CYS A 73 -15.16 -12.28 11.37
N TYR A 74 -14.60 -13.19 12.17
CA TYR A 74 -13.28 -13.77 11.99
C TYR A 74 -13.43 -15.29 12.04
N VAL A 75 -12.34 -15.99 11.74
CA VAL A 75 -12.36 -17.44 11.76
C VAL A 75 -12.78 -18.00 13.11
N TRP A 76 -12.58 -17.25 14.19
CA TRP A 76 -12.86 -17.74 15.54
C TRP A 76 -14.27 -17.44 16.01
N ASN A 77 -15.10 -16.72 15.25
CA ASN A 77 -16.44 -16.43 15.71
C ASN A 77 -17.49 -16.45 14.61
N PHE A 78 -17.14 -16.87 13.39
CA PHE A 78 -18.08 -16.76 12.28
C PHE A 78 -19.32 -17.63 12.51
N ARG A 79 -19.12 -18.89 12.90
CA ARG A 79 -20.24 -19.81 12.99
C ARG A 79 -21.21 -19.40 14.10
N ARG A 80 -20.69 -19.08 15.28
CA ARG A 80 -21.57 -18.67 16.38
C ARG A 80 -22.29 -17.38 16.05
N GLN A 81 -21.65 -16.46 15.34
CA GLN A 81 -22.32 -15.20 15.05
C GLN A 81 -23.35 -15.35 13.94
N MET A 82 -23.14 -16.28 13.00
CA MET A 82 -24.20 -16.61 12.05
C MET A 82 -25.41 -17.20 12.78
N LYS A 83 -25.17 -18.07 13.77
CA LYS A 83 -26.27 -18.65 14.53
C LYS A 83 -27.02 -17.59 15.31
N VAL A 84 -26.29 -16.64 15.92
CA VAL A 84 -26.94 -15.54 16.62
C VAL A 84 -27.83 -14.75 15.67
N ALA A 85 -27.31 -14.46 14.47
CA ALA A 85 -28.10 -13.72 13.49
C ALA A 85 -29.34 -14.51 13.09
N LYS A 86 -29.20 -15.82 12.91
CA LYS A 86 -30.36 -16.64 12.56
C LYS A 86 -31.43 -16.56 13.63
N LEU A 87 -31.05 -16.69 14.90
CA LEU A 87 -32.02 -16.62 15.98
C LEU A 87 -32.61 -15.23 16.10
N VAL A 88 -31.79 -14.18 15.97
CA VAL A 88 -32.31 -12.82 16.08
C VAL A 88 -33.21 -12.50 14.90
N LYS A 89 -32.85 -12.95 13.69
CA LYS A 89 -33.69 -12.71 12.52
C LYS A 89 -35.04 -13.39 12.67
N GLU A 90 -35.08 -14.58 13.29
CA GLU A 90 -36.35 -15.26 13.54
C GLU A 90 -37.29 -14.41 14.36
N ARG A 91 -36.79 -13.80 15.43
CA ARG A 91 -37.67 -13.03 16.32
C ARG A 91 -37.98 -11.64 15.77
N TYR A 92 -37.11 -11.06 14.96
CA TYR A 92 -37.27 -9.69 14.47
C TYR A 92 -37.04 -9.71 12.96
N PRO A 93 -38.10 -9.96 12.17
CA PRO A 93 -37.92 -10.07 10.72
C PRO A 93 -37.41 -8.79 10.05
N ASN A 94 -37.50 -7.64 10.70
CA ASN A 94 -37.13 -6.37 10.07
C ASN A 94 -35.79 -5.84 10.54
N VAL A 95 -35.04 -6.61 11.31
CA VAL A 95 -33.69 -6.20 11.68
C VAL A 95 -32.79 -6.26 10.46
N LEU A 96 -31.90 -5.28 10.32
CA LEU A 96 -30.89 -5.29 9.28
C LEU A 96 -29.65 -5.99 9.84
N VAL A 97 -29.32 -7.14 9.25
CA VAL A 97 -28.15 -7.92 9.67
C VAL A 97 -27.03 -7.64 8.68
N VAL A 98 -25.96 -7.02 9.16
CA VAL A 98 -24.79 -6.70 8.35
C VAL A 98 -23.58 -7.41 8.96
N ALA A 99 -22.81 -8.10 8.12
CA ALA A 99 -21.63 -8.82 8.55
C ALA A 99 -20.40 -8.25 7.85
N GLY A 100 -19.37 -7.95 8.64
CA GLY A 100 -18.09 -7.52 8.11
C GLY A 100 -16.95 -8.31 8.71
N GLY A 101 -15.71 -7.94 8.41
CA GLY A 101 -14.56 -8.65 8.92
C GLY A 101 -13.93 -9.54 7.87
N PRO A 102 -12.71 -10.02 8.14
CA PRO A 102 -11.96 -10.76 7.12
C PRO A 102 -12.51 -12.14 6.80
N HIS A 103 -13.46 -12.67 7.58
CA HIS A 103 -14.04 -13.94 7.20
C HIS A 103 -15.19 -13.80 6.21
N VAL A 104 -15.64 -12.57 5.96
CA VAL A 104 -16.64 -12.30 4.93
C VAL A 104 -15.95 -12.45 3.57
N PRO A 105 -16.46 -13.31 2.69
CA PRO A 105 -15.76 -13.56 1.42
C PRO A 105 -15.83 -12.36 0.49
N ASP A 106 -14.69 -12.05 -0.16
CA ASP A 106 -14.66 -11.00 -1.17
C ASP A 106 -15.62 -11.31 -2.30
N ARG A 107 -15.72 -12.58 -2.69
CA ARG A 107 -16.66 -13.04 -3.71
C ARG A 107 -17.74 -13.89 -3.04
N PRO A 108 -18.91 -13.32 -2.75
CA PRO A 108 -19.87 -14.04 -1.90
C PRO A 108 -20.43 -15.30 -2.54
N GLY A 109 -20.64 -15.31 -3.84
CA GLY A 109 -21.19 -16.49 -4.49
C GLY A 109 -22.57 -16.80 -3.92
N ASN A 110 -22.69 -17.99 -3.33
CA ASN A 110 -23.96 -18.47 -2.79
C ASN A 110 -24.08 -18.23 -1.29
N PHE A 111 -23.38 -17.23 -0.76
CA PHE A 111 -23.36 -16.99 0.69
C PHE A 111 -24.76 -16.88 1.26
N PHE A 112 -25.63 -16.10 0.61
CA PHE A 112 -26.97 -15.87 1.14
C PHE A 112 -27.90 -17.08 0.97
N GLU A 113 -27.55 -18.06 0.13
CA GLU A 113 -28.27 -19.32 0.17
C GLU A 113 -27.99 -20.07 1.47
N LYS A 114 -26.73 -20.07 1.90
CA LYS A 114 -26.37 -20.72 3.16
C LYS A 114 -26.77 -19.89 4.37
N HIS A 115 -26.82 -18.56 4.23
CA HIS A 115 -27.10 -17.66 5.35
C HIS A 115 -28.16 -16.65 4.94
N PRO A 116 -29.41 -17.08 4.74
CA PRO A 116 -30.45 -16.14 4.30
C PRO A 116 -30.86 -15.14 5.36
N TYR A 117 -30.42 -15.33 6.61
CA TYR A 117 -30.69 -14.41 7.70
C TYR A 117 -29.73 -13.22 7.72
N VAL A 118 -28.73 -13.20 6.85
CA VAL A 118 -27.83 -12.07 6.69
C VAL A 118 -28.34 -11.22 5.54
N ASP A 119 -28.26 -9.90 5.69
CA ASP A 119 -28.79 -8.97 4.71
C ASP A 119 -27.73 -8.23 3.92
N VAL A 120 -26.62 -7.86 4.55
CA VAL A 120 -25.58 -7.07 3.91
C VAL A 120 -24.22 -7.62 4.33
N LEU A 121 -23.30 -7.73 3.37
CA LEU A 121 -21.92 -8.09 3.63
C LEU A 121 -21.03 -6.90 3.32
N ALA A 122 -20.19 -6.52 4.27
CA ALA A 122 -19.22 -5.45 4.07
C ALA A 122 -17.84 -6.04 3.80
N HIS A 123 -17.16 -5.53 2.78
CA HIS A 123 -15.90 -6.08 2.31
C HIS A 123 -14.75 -5.15 2.70
N GLY A 124 -13.79 -5.68 3.45
CA GLY A 124 -12.61 -4.90 3.82
C GLY A 124 -12.94 -3.81 4.83
N GLU A 125 -12.11 -2.76 4.82
CA GLU A 125 -12.27 -1.63 5.71
C GLU A 125 -13.71 -1.13 5.70
N GLY A 126 -14.30 -0.98 6.88
CA GLY A 126 -15.74 -0.86 6.96
C GLY A 126 -16.31 0.51 7.32
N GLU A 127 -15.47 1.48 7.66
CA GLU A 127 -15.97 2.77 8.15
C GLU A 127 -16.97 3.39 7.16
N VAL A 128 -16.57 3.53 5.89
CA VAL A 128 -17.40 4.25 4.93
C VAL A 128 -18.70 3.49 4.67
N ALA A 129 -18.61 2.19 4.42
CA ALA A 129 -19.80 1.40 4.10
C ALA A 129 -20.79 1.38 5.25
N PHE A 130 -20.31 1.21 6.49
CA PHE A 130 -21.23 1.12 7.62
C PHE A 130 -21.98 2.43 7.83
N ARG A 131 -21.29 3.55 7.71
CA ARG A 131 -21.95 4.85 7.84
C ARG A 131 -23.00 5.04 6.76
N GLU A 132 -22.67 4.66 5.52
CA GLU A 132 -23.64 4.81 4.42
C GLU A 132 -24.83 3.87 4.62
N LEU A 133 -24.61 2.66 5.13
CA LEU A 133 -25.73 1.77 5.42
C LEU A 133 -26.71 2.41 6.40
N LEU A 134 -26.21 2.87 7.55
CA LEU A 134 -27.10 3.43 8.57
C LEU A 134 -27.79 4.69 8.06
N ALA A 135 -27.08 5.51 7.28
CA ALA A 135 -27.70 6.71 6.72
C ALA A 135 -28.82 6.34 5.76
N THR A 136 -28.54 5.39 4.86
CA THR A 136 -29.54 4.99 3.87
C THR A 136 -30.75 4.35 4.52
N ARG A 137 -30.56 3.65 5.64
CA ARG A 137 -31.66 3.02 6.36
C ARG A 137 -32.64 4.05 6.93
N LEU A 138 -32.20 5.29 7.14
CA LEU A 138 -33.13 6.29 7.65
C LEU A 138 -34.04 6.87 6.57
N SER A 139 -33.75 6.60 5.30
CA SER A 139 -34.52 7.20 4.22
C SER A 139 -35.89 6.54 4.11
N ASP A 140 -36.84 7.29 3.53
CA ASP A 140 -38.14 6.71 3.20
C ASP A 140 -38.01 5.65 2.11
N HIS A 141 -36.99 5.76 1.26
CA HIS A 141 -36.74 4.80 0.19
C HIS A 141 -35.27 4.42 0.26
N PRO A 142 -34.92 3.46 1.13
CA PRO A 142 -33.53 3.02 1.23
C PRO A 142 -33.01 2.45 -0.09
N ASP A 143 -31.78 2.80 -0.42
CA ASP A 143 -31.12 2.42 -1.67
C ASP A 143 -29.83 1.73 -1.29
N TYR A 144 -29.95 0.46 -0.89
CA TYR A 144 -28.78 -0.29 -0.44
C TYR A 144 -27.86 -0.66 -1.60
N THR A 145 -28.37 -0.67 -2.83
CA THR A 145 -27.54 -1.05 -3.97
C THR A 145 -26.62 0.06 -4.42
N ALA A 146 -26.69 1.25 -3.81
CA ALA A 146 -25.72 2.30 -4.06
C ALA A 146 -24.64 2.37 -2.99
N VAL A 147 -24.75 1.60 -1.92
CA VAL A 147 -23.78 1.62 -0.83
C VAL A 147 -22.47 1.01 -1.32
N PRO A 148 -21.36 1.75 -1.28
CA PRO A 148 -20.09 1.21 -1.76
C PRO A 148 -19.48 0.21 -0.79
N GLY A 149 -18.83 -0.80 -1.35
CA GLY A 149 -18.09 -1.75 -0.54
C GLY A 149 -18.93 -2.79 0.16
N VAL A 150 -20.15 -3.04 -0.31
CA VAL A 150 -21.02 -4.06 0.29
C VAL A 150 -21.60 -4.94 -0.80
N SER A 151 -22.10 -6.10 -0.37
CA SER A 151 -22.96 -6.95 -1.19
C SER A 151 -24.30 -7.09 -0.47
N VAL A 152 -25.39 -6.96 -1.22
CA VAL A 152 -26.74 -6.90 -0.66
C VAL A 152 -27.51 -8.14 -1.09
N ARG A 153 -28.17 -8.78 -0.12
CA ARG A 153 -28.97 -9.96 -0.42
C ARG A 153 -30.28 -9.57 -1.08
N ARG A 154 -30.61 -10.24 -2.19
CA ARG A 154 -31.91 -10.13 -2.83
C ARG A 154 -32.42 -11.55 -3.03
N GLY A 155 -33.42 -11.94 -2.25
CA GLY A 155 -33.80 -13.34 -2.16
C GLY A 155 -32.68 -14.12 -1.51
N THR A 156 -31.98 -14.93 -2.31
CA THR A 156 -30.72 -15.54 -1.88
C THR A 156 -29.57 -15.16 -2.81
N GLU A 157 -29.78 -14.20 -3.70
CA GLU A 157 -28.71 -13.73 -4.58
C GLU A 157 -27.93 -12.63 -3.88
N ALA A 158 -26.63 -12.57 -4.18
CA ALA A 158 -25.74 -11.54 -3.64
C ALA A 158 -25.53 -10.49 -4.73
N VAL A 159 -26.10 -9.31 -4.52
CA VAL A 159 -25.96 -8.21 -5.46
C VAL A 159 -24.73 -7.40 -5.04
N VAL A 160 -23.68 -7.46 -5.84
CA VAL A 160 -22.45 -6.74 -5.51
C VAL A 160 -22.65 -5.26 -5.78
N GLY A 161 -22.39 -4.43 -4.76
CA GLY A 161 -22.52 -3.01 -4.90
C GLY A 161 -21.30 -2.39 -5.53
N PRO A 162 -21.31 -1.05 -5.60
CA PRO A 162 -20.14 -0.34 -6.12
C PRO A 162 -18.89 -0.68 -5.31
N LYS A 163 -17.73 -0.45 -5.94
CA LYS A 163 -16.45 -0.76 -5.33
C LYS A 163 -16.28 -0.01 -4.00
N ALA A 164 -15.55 -0.66 -3.09
CA ALA A 164 -15.32 -0.08 -1.77
C ALA A 164 -14.51 1.21 -1.84
N LYS A 165 -14.88 2.16 -1.00
CA LYS A 165 -14.13 3.39 -0.80
C LYS A 165 -13.39 3.31 0.53
N ARG A 166 -12.12 3.73 0.52
CA ARG A 166 -11.28 3.64 1.70
C ARG A 166 -10.92 5.03 2.23
N LEU A 167 -10.57 5.06 3.51
CA LEU A 167 -10.09 6.27 4.15
C LEU A 167 -8.75 6.69 3.53
N PRO A 168 -8.42 8.00 3.61
CA PRO A 168 -7.21 8.50 2.91
C PRO A 168 -5.89 8.12 3.57
N ARG A 169 -4.80 8.61 2.95
CA ARG A 169 -3.44 8.28 3.42
C ARG A 169 -3.22 8.72 4.85
N LEU A 170 -3.76 9.87 5.24
CA LEU A 170 -3.74 10.32 6.62
C LEU A 170 -5.14 10.08 7.17
N ILE A 171 -5.27 9.07 8.04
CA ILE A 171 -6.59 8.68 8.55
C ILE A 171 -6.92 9.61 9.70
N ASP A 172 -7.92 10.47 9.50
CA ASP A 172 -8.35 11.46 10.47
C ASP A 172 -9.80 11.14 10.84
N THR A 173 -9.96 10.22 11.77
CA THR A 173 -11.27 9.69 12.14
C THR A 173 -11.40 9.77 13.66
N PRO A 174 -12.63 9.65 14.19
CA PRO A 174 -12.78 9.67 15.64
C PRO A 174 -12.14 8.46 16.31
N SER A 175 -11.72 8.67 17.56
CA SER A 175 -11.17 7.59 18.36
C SER A 175 -12.22 7.12 19.36
N PRO A 176 -12.62 5.85 19.34
CA PRO A 176 -13.57 5.39 20.36
C PRO A 176 -13.01 5.46 21.77
N TYR A 177 -11.69 5.31 21.94
CA TYR A 177 -11.09 5.47 23.25
C TYR A 177 -11.26 6.90 23.76
N LEU A 178 -10.84 7.88 22.95
CA LEU A 178 -10.88 9.28 23.40
C LEU A 178 -12.30 9.77 23.62
N LEU A 179 -13.26 9.23 22.88
CA LEU A 179 -14.66 9.62 23.00
C LEU A 179 -15.38 8.90 24.13
N GLY A 180 -14.71 8.00 24.84
CA GLY A 180 -15.28 7.37 26.01
C GLY A 180 -16.15 6.16 25.76
N VAL A 181 -16.30 5.72 24.51
CA VAL A 181 -17.20 4.59 24.25
C VAL A 181 -16.56 3.25 24.50
N MET A 182 -15.30 3.20 24.90
CA MET A 182 -14.66 1.95 25.32
C MET A 182 -14.65 1.80 26.84
N ASP A 183 -15.16 2.80 27.58
CA ASP A 183 -15.12 2.73 29.05
C ASP A 183 -15.93 1.57 29.57
N GLY A 184 -17.11 1.32 28.99
CA GLY A 184 -17.95 0.24 29.47
C GLY A 184 -17.31 -1.12 29.28
N ALA A 185 -16.58 -1.30 28.18
CA ALA A 185 -15.96 -2.60 27.92
C ALA A 185 -14.84 -2.88 28.90
N VAL A 186 -14.04 -1.87 29.23
CA VAL A 186 -13.01 -2.04 30.26
C VAL A 186 -13.65 -2.39 31.59
N ALA A 187 -14.72 -1.67 31.96
CA ALA A 187 -15.37 -1.91 33.24
C ALA A 187 -15.90 -3.33 33.34
N THR A 188 -16.45 -3.85 32.24
CA THR A 188 -16.94 -5.22 32.23
C THR A 188 -15.80 -6.21 32.50
N CYS A 189 -14.67 -6.02 31.82
CA CYS A 189 -13.52 -6.90 32.06
C CYS A 189 -13.06 -6.83 33.52
N ARG A 190 -12.93 -5.61 34.06
CA ARG A 190 -12.43 -5.47 35.42
C ARG A 190 -13.42 -6.03 36.44
N GLU A 191 -14.72 -5.80 36.24
CA GLU A 191 -15.74 -6.36 37.12
C GLU A 191 -15.62 -7.87 37.20
N ARG A 192 -15.32 -8.53 36.08
CA ARG A 192 -15.26 -9.99 36.03
C ARG A 192 -13.87 -10.52 36.31
N GLY A 193 -12.92 -9.66 36.67
CA GLY A 193 -11.58 -10.12 37.00
C GLY A 193 -10.80 -10.67 35.84
N LEU A 194 -11.08 -10.20 34.62
CA LEU A 194 -10.51 -10.78 33.41
C LEU A 194 -9.31 -9.99 32.93
N ARG A 195 -8.20 -10.69 32.71
CA ARG A 195 -7.09 -10.11 31.96
C ARG A 195 -7.53 -9.88 30.52
N PHE A 196 -7.15 -8.74 29.95
CA PHE A 196 -7.64 -8.38 28.63
C PHE A 196 -6.59 -7.58 27.87
N TYR A 197 -6.74 -7.55 26.55
CA TYR A 197 -5.92 -6.74 25.66
C TYR A 197 -6.75 -5.59 25.12
N ALA A 198 -6.17 -4.39 25.13
CA ALA A 198 -6.67 -3.28 24.33
C ALA A 198 -6.06 -3.37 22.94
N LEU A 199 -6.90 -3.24 21.91
CA LEU A 199 -6.44 -3.24 20.53
C LEU A 199 -6.11 -1.82 20.06
N TRP A 200 -5.05 -1.69 19.28
CA TRP A 200 -4.59 -0.38 18.83
C TRP A 200 -3.96 -0.51 17.45
N GLU A 201 -4.26 0.46 16.57
CA GLU A 201 -3.65 0.57 15.25
C GLU A 201 -2.92 1.90 15.15
N THR A 202 -1.68 1.88 14.67
CA THR A 202 -1.04 3.14 14.31
C THR A 202 -1.02 3.38 12.81
N ASN A 203 -1.16 2.34 12.01
CA ASN A 203 -1.29 2.48 10.56
C ASN A 203 -2.07 1.28 10.04
N ARG A 204 -2.36 1.31 8.75
CA ARG A 204 -3.10 0.22 8.12
C ARG A 204 -2.40 -0.22 6.84
N GLY A 205 -2.31 -1.52 6.66
CA GLY A 205 -1.76 -2.09 5.45
C GLY A 205 -0.44 -2.80 5.71
N CYS A 206 -0.12 -3.69 4.79
CA CYS A 206 1.21 -4.27 4.69
C CYS A 206 1.66 -4.10 3.25
N PRO A 207 2.88 -3.61 3.01
CA PRO A 207 3.31 -3.40 1.63
C PRO A 207 3.69 -4.66 0.90
N TYR A 208 3.78 -5.81 1.59
CA TYR A 208 4.31 -7.04 1.02
C TYR A 208 3.16 -7.93 0.53
N SER A 209 3.47 -9.19 0.15
CA SER A 209 2.53 -9.95 -0.68
CA SER A 209 2.53 -9.95 -0.68
C SER A 209 2.50 -11.43 -0.34
N CYS A 210 2.85 -11.82 0.88
CA CYS A 210 2.85 -13.24 1.23
C CYS A 210 1.48 -13.87 0.96
N SER A 211 1.46 -14.95 0.16
CA SER A 211 0.18 -15.40 -0.40
C SER A 211 -0.73 -16.01 0.64
N PHE A 212 -0.17 -16.55 1.73
CA PHE A 212 -0.98 -17.15 2.78
C PHE A 212 -1.69 -16.12 3.66
N CYS A 213 -1.31 -14.86 3.59
CA CYS A 213 -1.68 -13.86 4.58
C CYS A 213 -2.83 -12.98 4.11
N ASP A 214 -3.59 -12.46 5.08
CA ASP A 214 -4.66 -11.51 4.81
C ASP A 214 -4.66 -10.41 5.86
N TRP A 215 -3.48 -9.96 6.26
CA TRP A 215 -3.31 -9.05 7.38
C TRP A 215 -4.15 -7.78 7.21
N GLY A 216 -5.10 -7.59 8.11
CA GLY A 216 -5.98 -6.44 8.08
C GLY A 216 -6.77 -6.29 6.80
N SER A 217 -6.94 -7.37 6.04
CA SER A 217 -7.58 -7.31 4.73
C SER A 217 -6.90 -6.26 3.84
N ALA A 218 -5.58 -6.11 4.00
CA ALA A 218 -4.88 -5.00 3.37
C ALA A 218 -3.41 -5.34 3.14
N THR A 219 -3.13 -6.56 2.69
CA THR A 219 -1.78 -6.81 2.18
C THR A 219 -1.64 -6.18 0.79
N MET A 220 -0.41 -6.13 0.31
CA MET A 220 -0.09 -5.56 -1.01
C MET A 220 -0.69 -4.15 -1.15
N SER A 221 -0.58 -3.35 -0.10
CA SER A 221 -1.27 -2.07 -0.04
CA SER A 221 -1.25 -2.06 -0.10
C SER A 221 -0.30 -0.94 0.26
N THR A 222 -0.64 0.25 -0.21
CA THR A 222 0.08 1.45 0.17
C THR A 222 -0.27 1.80 1.61
N LEU A 223 0.73 2.06 2.44
CA LEU A 223 0.47 2.26 3.86
C LEU A 223 -0.25 3.57 4.11
N ARG A 224 -1.18 3.55 5.07
CA ARG A 224 -1.92 4.72 5.51
C ARG A 224 -1.76 4.88 7.01
N LYS A 225 -1.59 6.12 7.46
CA LYS A 225 -1.22 6.42 8.84
C LYS A 225 -2.39 7.05 9.59
N PHE A 226 -2.58 6.62 10.84
CA PHE A 226 -3.43 7.38 11.75
C PHE A 226 -2.70 8.64 12.20
N GLU A 227 -3.47 9.71 12.38
CA GLU A 227 -2.89 11.02 12.65
C GLU A 227 -2.11 11.03 13.97
N ASP A 228 -1.03 11.81 13.99
CA ASP A 228 -0.08 11.85 15.12
C ASP A 228 -0.78 12.17 16.43
N GLU A 229 -1.59 13.24 16.46
CA GLU A 229 -2.13 13.72 17.73
C GLU A 229 -3.09 12.71 18.33
N ARG A 230 -3.89 12.06 17.49
CA ARG A 230 -4.77 11.01 17.97
C ARG A 230 -3.99 9.89 18.63
N LEU A 231 -2.87 9.49 18.03
CA LEU A 231 -2.08 8.40 18.60
C LEU A 231 -1.48 8.79 19.95
N GLN A 232 -0.95 10.00 20.06
CA GLN A 232 -0.39 10.41 21.35
C GLN A 232 -1.47 10.47 22.42
N ASP A 233 -2.65 10.99 22.09
CA ASP A 233 -3.74 11.03 23.05
C ASP A 233 -4.15 9.63 23.47
N GLU A 234 -4.10 8.67 22.54
CA GLU A 234 -4.48 7.31 22.86
C GLU A 234 -3.43 6.63 23.74
N ILE A 235 -2.14 6.92 23.50
CA ILE A 235 -1.10 6.41 24.39
C ILE A 235 -1.37 6.83 25.82
N GLU A 236 -1.71 8.10 26.02
CA GLU A 236 -2.03 8.58 27.35
C GLU A 236 -3.29 7.92 27.88
N TRP A 237 -4.28 7.66 27.01
CA TRP A 237 -5.50 7.01 27.44
C TRP A 237 -5.20 5.62 28.00
N PHE A 238 -4.44 4.82 27.26
CA PHE A 238 -4.06 3.48 27.73
C PHE A 238 -3.36 3.57 29.09
N ALA A 239 -2.42 4.50 29.21
CA ALA A 239 -1.63 4.61 30.43
C ALA A 239 -2.50 5.06 31.61
N ARG A 240 -3.37 6.06 31.38
CA ARG A 240 -4.20 6.58 32.45
C ARG A 240 -5.22 5.56 32.94
N HIS A 241 -5.64 4.65 32.07
CA HIS A 241 -6.64 3.66 32.42
C HIS A 241 -6.03 2.35 32.88
N ASP A 242 -4.72 2.35 33.15
CA ASP A 242 -4.02 1.21 33.74
C ASP A 242 -4.22 -0.04 32.89
N VAL A 243 -4.20 0.14 31.58
CA VAL A 243 -4.28 -0.97 30.64
C VAL A 243 -2.92 -1.65 30.63
N GLU A 244 -2.82 -2.83 31.22
CA GLU A 244 -1.51 -3.45 31.36
C GLU A 244 -1.05 -4.08 30.06
N ASP A 245 -1.98 -4.63 29.28
CA ASP A 245 -1.65 -5.42 28.09
C ASP A 245 -2.21 -4.72 26.86
N LEU A 246 -1.30 -4.29 25.98
CA LEU A 246 -1.62 -3.57 24.75
C LEU A 246 -1.23 -4.41 23.55
N PHE A 247 -2.17 -4.57 22.61
CA PHE A 247 -1.93 -5.32 21.38
C PHE A 247 -1.98 -4.34 20.22
N ILE A 248 -0.83 -4.08 19.62
CA ILE A 248 -0.74 -3.22 18.44
C ILE A 248 -0.89 -4.10 17.20
N CYS A 249 -1.80 -3.70 16.31
CA CYS A 249 -2.18 -4.53 15.17
C CYS A 249 -1.29 -4.35 13.95
N ASP A 250 -0.30 -3.47 14.01
CA ASP A 250 0.50 -3.15 12.83
C ASP A 250 1.16 -4.40 12.24
N ALA A 251 1.28 -4.42 10.91
CA ALA A 251 1.91 -5.54 10.24
C ALA A 251 3.43 -5.52 10.38
N ASN A 252 4.04 -4.32 10.41
CA ASN A 252 5.49 -4.18 10.34
C ASN A 252 5.95 -3.05 11.28
N PHE A 253 5.82 -3.24 12.58
CA PHE A 253 6.21 -2.16 13.48
C PHE A 253 7.71 -1.87 13.36
N GLY A 254 8.04 -0.59 13.20
CA GLY A 254 9.39 -0.19 12.86
C GLY A 254 9.58 0.16 11.40
N ILE A 255 8.60 -0.13 10.55
CA ILE A 255 8.72 0.18 9.12
C ILE A 255 8.64 1.68 8.86
N MET A 256 8.00 2.46 9.76
CA MET A 256 7.86 3.89 9.60
C MET A 256 8.77 4.64 10.58
N PRO A 257 9.37 5.76 10.15
CA PRO A 257 10.26 6.50 11.05
C PRO A 257 9.62 6.88 12.38
N ARG A 258 8.33 7.25 12.38
CA ARG A 258 7.70 7.67 13.63
C ARG A 258 7.48 6.53 14.61
N ASP A 259 7.61 5.28 14.18
CA ASP A 259 7.41 4.17 15.10
C ASP A 259 8.37 4.21 16.27
N LEU A 260 9.58 4.77 16.07
CA LEU A 260 10.51 4.91 17.19
C LEU A 260 10.00 5.94 18.19
N GLU A 261 9.44 7.06 17.71
CA GLU A 261 8.87 8.04 18.62
C GLU A 261 7.68 7.46 19.37
N ILE A 262 6.83 6.70 18.67
CA ILE A 262 5.72 6.01 19.35
C ILE A 262 6.26 5.10 20.44
N ALA A 263 7.33 4.36 20.15
CA ALA A 263 7.90 3.45 21.13
C ALA A 263 8.41 4.20 22.36
N HIS A 264 9.08 5.33 22.15
CA HIS A 264 9.55 6.11 23.29
C HIS A 264 8.39 6.68 24.08
N ALA A 265 7.33 7.13 23.40
CA ALA A 265 6.17 7.67 24.11
C ALA A 265 5.53 6.60 24.99
N LEU A 266 5.47 5.35 24.52
CA LEU A 266 4.91 4.29 25.34
C LEU A 266 5.81 3.98 26.53
N ALA A 267 7.13 4.00 26.33
CA ALA A 267 8.04 3.78 27.45
C ALA A 267 7.92 4.88 28.48
N GLU A 268 7.78 6.13 28.04
CA GLU A 268 7.62 7.22 29.00
C GLU A 268 6.27 7.15 29.69
N ALA A 269 5.23 6.70 29.00
CA ALA A 269 3.94 6.50 29.64
C ALA A 269 4.02 5.45 30.74
N ARG A 270 4.70 4.33 30.45
CA ARG A 270 4.92 3.31 31.47
C ARG A 270 5.65 3.89 32.68
N GLY A 271 6.66 4.72 32.43
CA GLY A 271 7.44 5.27 33.53
C GLY A 271 6.63 6.23 34.40
N GLU A 272 5.76 7.01 33.78
CA GLU A 272 5.00 8.06 34.45
C GLU A 272 3.69 7.57 35.05
N LEU A 273 3.04 6.59 34.42
CA LEU A 273 1.71 6.15 34.82
C LEU A 273 1.62 4.68 35.21
N GLY A 274 2.68 3.90 35.01
CA GLY A 274 2.65 2.51 35.43
C GLY A 274 2.01 1.57 34.45
N ALA A 275 1.58 2.08 33.29
CA ALA A 275 0.91 1.28 32.27
C ALA A 275 1.24 1.89 30.92
N PRO A 276 1.27 1.08 29.85
CA PRO A 276 1.12 -0.37 29.86
C PRO A 276 2.32 -1.08 30.47
N ARG A 277 2.19 -2.38 30.78
CA ARG A 277 3.32 -3.18 31.24
C ARG A 277 3.86 -4.09 30.16
N GLN A 278 3.03 -4.43 29.18
CA GLN A 278 3.40 -5.33 28.10
C GLN A 278 2.78 -4.83 26.81
N VAL A 279 3.58 -4.79 25.74
CA VAL A 279 3.10 -4.38 24.43
C VAL A 279 3.41 -5.50 23.46
N ARG A 280 2.36 -6.03 22.82
CA ARG A 280 2.50 -7.06 21.82
C ARG A 280 2.38 -6.43 20.45
N VAL A 281 3.34 -6.71 19.56
CA VAL A 281 3.29 -6.19 18.20
C VAL A 281 4.14 -7.06 17.31
N ASN A 282 3.78 -7.11 16.02
CA ASN A 282 4.58 -7.77 15.00
C ASN A 282 5.56 -6.76 14.42
N PHE A 283 6.84 -7.07 14.47
CA PHE A 283 7.89 -6.17 14.00
C PHE A 283 8.18 -6.42 12.52
N ALA A 284 8.78 -5.40 11.88
CA ALA A 284 8.88 -5.33 10.43
C ALA A 284 9.64 -6.52 9.83
N LYS A 285 9.16 -6.98 8.66
CA LYS A 285 9.80 -8.08 7.97
C LYS A 285 11.24 -7.76 7.62
N ASN A 286 11.46 -6.60 6.99
CA ASN A 286 12.82 -6.15 6.66
C ASN A 286 13.39 -5.45 7.88
N SER A 287 13.80 -6.27 8.85
CA SER A 287 14.24 -5.78 10.15
C SER A 287 15.43 -4.84 9.99
N ASN A 288 15.44 -3.75 10.76
CA ASN A 288 16.39 -2.68 10.51
C ASN A 288 16.85 -2.11 11.85
N ASP A 289 17.61 -1.00 11.76
CA ASP A 289 18.11 -0.33 12.96
C ASP A 289 16.97 0.20 13.82
N ARG A 290 15.91 0.68 13.17
CA ARG A 290 14.79 1.25 13.92
C ARG A 290 14.10 0.18 14.76
N VAL A 291 13.95 -1.03 14.21
CA VAL A 291 13.40 -2.14 14.99
C VAL A 291 14.29 -2.41 16.20
N PHE A 292 15.61 -2.41 16.02
CA PHE A 292 16.51 -2.62 17.14
C PHE A 292 16.35 -1.51 18.18
N ASP A 293 16.33 -0.25 17.71
CA ASP A 293 16.20 0.86 18.64
C ASP A 293 14.89 0.77 19.43
N ILE A 294 13.79 0.41 18.75
CA ILE A 294 12.52 0.22 19.44
C ILE A 294 12.64 -0.89 20.48
N SER A 295 13.21 -2.03 20.07
CA SER A 295 13.31 -3.18 20.97
C SER A 295 14.16 -2.85 22.19
N LYS A 296 15.26 -2.13 21.99
CA LYS A 296 16.09 -1.70 23.11
C LYS A 296 15.31 -0.78 24.05
N THR A 297 14.55 0.15 23.49
CA THR A 297 13.73 1.04 24.30
C THR A 297 12.71 0.26 25.14
N TRP A 298 12.05 -0.71 24.53
CA TRP A 298 11.04 -1.47 25.27
C TRP A 298 11.67 -2.50 26.19
N HIS A 299 12.86 -3.00 25.87
CA HIS A 299 13.58 -3.85 26.80
C HIS A 299 13.89 -3.09 28.09
N ASP A 300 14.34 -1.84 27.96
CA ASP A 300 14.64 -1.03 29.15
C ASP A 300 13.40 -0.77 29.98
N ALA A 301 12.25 -0.60 29.33
CA ALA A 301 11.01 -0.34 30.04
C ALA A 301 10.27 -1.63 30.39
N ASP A 302 10.82 -2.78 30.01
CA ASP A 302 10.22 -4.10 30.23
C ASP A 302 8.85 -4.22 29.57
N LEU A 303 8.64 -3.48 28.48
CA LEU A 303 7.43 -3.63 27.67
C LEU A 303 7.55 -4.72 26.62
N LEU A 304 8.78 -5.10 26.27
CA LEU A 304 9.02 -5.96 25.11
C LEU A 304 8.51 -7.37 25.35
N MET A 305 7.81 -7.92 24.37
CA MET A 305 7.36 -9.31 24.37
C MET A 305 8.05 -10.14 23.30
N GLY A 306 9.10 -9.60 22.67
CA GLY A 306 9.86 -10.35 21.67
C GLY A 306 9.87 -9.65 20.34
N THR A 307 11.07 -9.54 19.76
CA THR A 307 11.25 -8.91 18.45
C THR A 307 11.02 -9.93 17.35
N THR A 308 10.06 -9.64 16.46
CA THR A 308 9.70 -10.56 15.39
C THR A 308 10.80 -10.58 14.33
N LEU A 309 11.39 -11.75 14.13
CA LEU A 309 12.31 -12.00 13.00
C LEU A 309 11.82 -13.27 12.30
N SER A 310 10.64 -13.18 11.68
CA SER A 310 9.97 -14.37 11.19
C SER A 310 10.36 -14.71 9.76
N MET A 311 10.21 -15.98 9.42
CA MET A 311 10.69 -16.51 8.14
C MET A 311 9.58 -17.21 7.36
N GLN A 312 8.64 -17.85 8.07
CA GLN A 312 7.62 -18.72 7.52
C GLN A 312 8.25 -19.98 6.92
N SER A 313 9.23 -19.79 6.04
CA SER A 313 10.03 -20.87 5.50
C SER A 313 11.40 -20.31 5.18
N THR A 314 12.39 -21.20 5.07
CA THR A 314 13.70 -20.80 4.60
C THR A 314 14.03 -21.38 3.23
N ASP A 315 13.14 -22.19 2.66
CA ASP A 315 13.41 -22.85 1.39
C ASP A 315 13.12 -21.91 0.22
N MET A 316 14.07 -21.86 -0.73
CA MET A 316 13.96 -20.91 -1.85
C MET A 316 12.71 -21.16 -2.68
N ASP A 317 12.38 -22.43 -2.95
CA ASP A 317 11.21 -22.72 -3.77
C ASP A 317 9.91 -22.38 -3.05
N VAL A 318 9.85 -22.66 -1.74
CA VAL A 318 8.67 -22.31 -0.96
C VAL A 318 8.46 -20.80 -0.96
N LEU A 319 9.52 -20.05 -0.69
CA LEU A 319 9.39 -18.60 -0.62
C LEU A 319 8.97 -18.00 -1.95
N GLU A 320 9.50 -18.54 -3.05
CA GLU A 320 9.07 -18.07 -4.37
C GLU A 320 7.61 -18.40 -4.60
N ALA A 321 7.16 -19.57 -4.14
CA ALA A 321 5.78 -19.99 -4.37
C ALA A 321 4.78 -19.14 -3.58
N ILE A 322 5.18 -18.61 -2.41
CA ILE A 322 4.29 -17.79 -1.59
C ILE A 322 4.59 -16.30 -1.72
N ASP A 323 5.50 -15.92 -2.63
CA ASP A 323 5.81 -14.51 -2.91
C ASP A 323 6.36 -13.78 -1.69
N ARG A 324 7.32 -14.39 -1.02
CA ARG A 324 7.95 -13.78 0.15
C ARG A 324 9.47 -13.80 -0.02
N LYS A 325 10.09 -12.66 0.26
CA LYS A 325 11.54 -12.56 0.34
C LYS A 325 11.93 -12.34 1.80
N ASN A 326 12.79 -13.21 2.32
CA ASN A 326 13.32 -13.07 3.68
C ASN A 326 14.68 -12.39 3.65
N ILE A 327 15.09 -11.89 4.82
CA ILE A 327 16.46 -11.44 4.97
C ILE A 327 17.39 -12.64 4.82
N GLY A 328 18.62 -12.37 4.39
CA GLY A 328 19.58 -13.43 4.19
C GLY A 328 19.88 -14.17 5.48
N LEU A 329 20.27 -15.44 5.34
CA LEU A 329 20.61 -16.25 6.51
C LEU A 329 21.81 -15.68 7.26
N ASP A 330 22.77 -15.09 6.53
CA ASP A 330 23.92 -14.50 7.22
C ASP A 330 23.54 -13.19 7.90
N ASN A 331 22.65 -12.40 7.28
CA ASN A 331 22.16 -11.21 7.93
C ASN A 331 21.32 -11.56 9.16
N TYR A 332 20.55 -12.64 9.07
CA TYR A 332 19.81 -13.14 10.23
C TYR A 332 20.75 -13.51 11.37
N ARG A 333 21.86 -14.18 11.04
CA ARG A 333 22.86 -14.50 12.06
C ARG A 333 23.41 -13.24 12.71
N LYS A 334 23.73 -12.23 11.90
CA LYS A 334 24.25 -10.99 12.44
C LYS A 334 23.24 -10.31 13.35
N LEU A 335 21.95 -10.36 12.97
CA LEU A 335 20.92 -9.80 13.83
C LEU A 335 20.86 -10.54 15.17
N GLN A 336 20.90 -11.87 15.12
CA GLN A 336 20.84 -12.64 16.36
C GLN A 336 22.00 -12.26 17.28
N GLN A 337 23.19 -12.05 16.73
CA GLN A 337 24.32 -11.64 17.54
C GLN A 337 24.11 -10.26 18.15
N ARG A 338 23.59 -9.32 17.36
CA ARG A 338 23.37 -7.97 17.86
C ARG A 338 22.37 -7.97 19.01
N TYR A 339 21.26 -8.71 18.85
CA TYR A 339 20.24 -8.73 19.90
C TYR A 339 20.73 -9.48 21.13
N ALA A 340 21.45 -10.58 20.94
CA ALA A 340 21.95 -11.35 22.07
C ALA A 340 22.92 -10.53 22.91
N ALA A 341 23.73 -9.68 22.25
CA ALA A 341 24.69 -8.85 22.98
C ALA A 341 24.00 -7.87 23.91
N GLU A 342 22.76 -7.49 23.61
CA GLU A 342 21.98 -6.60 24.46
C GLU A 342 20.94 -7.32 25.30
N ASN A 343 20.91 -8.66 25.25
CA ASN A 343 19.91 -9.45 25.97
C ASN A 343 18.49 -9.06 25.58
N ILE A 344 18.27 -8.85 24.28
CA ILE A 344 16.96 -8.49 23.75
C ILE A 344 16.37 -9.72 23.10
N HIS A 345 15.20 -10.15 23.58
CA HIS A 345 14.59 -11.39 23.13
C HIS A 345 14.02 -11.23 21.73
N THR A 346 14.31 -12.21 20.86
CA THR A 346 13.74 -12.29 19.52
C THR A 346 13.00 -13.61 19.36
N TYR A 347 12.17 -13.69 18.33
CA TYR A 347 11.50 -14.95 18.01
C TYR A 347 11.32 -15.05 16.50
N THR A 348 11.11 -16.27 16.03
CA THR A 348 10.97 -16.56 14.61
C THR A 348 9.83 -17.53 14.40
N GLU A 349 8.90 -17.17 13.51
CA GLU A 349 7.74 -18.00 13.20
C GLU A 349 7.96 -18.77 11.90
N LEU A 350 7.48 -20.00 11.88
CA LEU A 350 7.43 -20.83 10.68
C LEU A 350 6.00 -21.32 10.50
N ILE A 351 5.65 -21.62 9.24
CA ILE A 351 4.35 -22.19 8.91
C ILE A 351 4.59 -23.57 8.33
N LEU A 352 3.88 -24.57 8.86
CA LEU A 352 4.03 -25.94 8.41
C LEU A 352 3.08 -26.22 7.26
N GLY A 353 3.59 -26.86 6.21
CA GLY A 353 2.76 -27.25 5.10
C GLY A 353 2.61 -26.21 4.00
N LEU A 354 3.56 -25.27 3.89
CA LEU A 354 3.51 -24.29 2.83
C LEU A 354 3.73 -24.97 1.47
N PRO A 355 3.21 -24.39 0.40
CA PRO A 355 3.47 -24.92 -0.94
C PRO A 355 4.94 -25.23 -1.16
N MET A 356 5.21 -26.45 -1.63
CA MET A 356 6.50 -26.99 -2.04
C MET A 356 7.41 -27.34 -0.88
N GLU A 357 6.96 -27.20 0.37
CA GLU A 357 7.79 -27.54 1.51
C GLU A 357 7.79 -29.05 1.72
N THR A 358 8.97 -29.64 1.79
CA THR A 358 9.11 -31.05 2.13
C THR A 358 9.51 -31.18 3.59
N ALA A 359 9.32 -32.39 4.13
CA ALA A 359 9.82 -32.68 5.48
C ALA A 359 11.30 -32.38 5.58
N ARG A 360 12.05 -32.68 4.52
CA ARG A 360 13.49 -32.43 4.51
C ARG A 360 13.78 -30.94 4.64
N SER A 361 13.19 -30.11 3.77
CA SER A 361 13.47 -28.68 3.84
C SER A 361 12.95 -28.08 5.14
N PHE A 362 11.84 -28.60 5.67
CA PHE A 362 11.30 -28.07 6.92
C PHE A 362 12.28 -28.30 8.07
N ARG A 363 12.80 -29.52 8.21
CA ARG A 363 13.76 -29.80 9.28
C ARG A 363 15.08 -29.06 9.06
N ASP A 364 15.55 -29.02 7.82
CA ASP A 364 16.81 -28.32 7.55
C ASP A 364 16.72 -26.83 7.88
N GLY A 365 15.57 -26.21 7.56
CA GLY A 365 15.40 -24.81 7.88
C GLY A 365 15.45 -24.56 9.37
N ILE A 366 14.77 -25.41 10.16
CA ILE A 366 14.81 -25.28 11.61
C ILE A 366 16.24 -25.35 12.12
N GLY A 367 17.01 -26.32 11.64
CA GLY A 367 18.39 -26.44 12.07
C GLY A 367 19.21 -25.22 11.69
N SER A 368 18.98 -24.69 10.49
CA SER A 368 19.73 -23.51 10.06
C SER A 368 19.40 -22.30 10.91
N LEU A 369 18.20 -22.25 11.49
CA LEU A 369 17.85 -21.13 12.36
C LEU A 369 18.57 -21.23 13.70
N LEU A 370 18.63 -22.45 14.25
CA LEU A 370 19.43 -22.67 15.45
C LEU A 370 20.90 -22.38 15.16
N GLU A 371 21.39 -22.84 14.01
CA GLU A 371 22.79 -22.59 13.63
C GLU A 371 23.09 -21.10 13.60
N ALA A 372 22.15 -20.29 13.10
CA ALA A 372 22.34 -18.86 13.04
C ALA A 372 22.20 -18.18 14.39
N GLY A 373 21.74 -18.90 15.42
CA GLY A 373 21.73 -18.34 16.76
C GLY A 373 20.37 -18.19 17.42
N ASN A 374 19.31 -18.67 16.78
CA ASN A 374 17.98 -18.66 17.42
C ASN A 374 17.83 -19.93 18.24
N HIS A 375 18.04 -19.81 19.55
CA HIS A 375 17.91 -20.94 20.46
C HIS A 375 16.72 -20.82 21.39
N GLU A 376 16.15 -19.63 21.55
CA GLU A 376 15.19 -19.38 22.62
C GLU A 376 13.74 -19.40 22.18
N ASP A 377 13.42 -19.06 20.93
CA ASP A 377 12.01 -18.83 20.60
C ASP A 377 11.78 -19.12 19.13
N LEU A 378 11.27 -20.32 18.84
CA LEU A 378 10.84 -20.73 17.51
C LEU A 378 9.37 -21.13 17.60
N ARG A 379 8.54 -20.55 16.73
CA ARG A 379 7.10 -20.79 16.78
C ARG A 379 6.62 -21.34 15.45
N VAL A 380 5.60 -22.19 15.51
CA VAL A 380 5.07 -22.86 14.34
C VAL A 380 3.55 -22.78 14.35
N TYR A 381 2.96 -22.56 13.17
CA TYR A 381 1.51 -22.57 12.99
C TYR A 381 1.15 -23.51 11.86
N GLU A 382 0.05 -24.25 12.02
CA GLU A 382 -0.53 -24.97 10.90
C GLU A 382 -1.04 -23.97 9.86
N LEU A 383 -0.75 -24.24 8.59
CA LEU A 383 -1.20 -23.36 7.53
C LEU A 383 -2.72 -23.38 7.42
N GLY A 384 -3.33 -22.20 7.49
CA GLY A 384 -4.75 -22.04 7.25
C GLY A 384 -4.99 -21.37 5.92
N ILE A 385 -6.04 -21.82 5.22
CA ILE A 385 -6.50 -21.17 4.01
C ILE A 385 -7.51 -20.12 4.43
N LEU A 386 -7.09 -18.85 4.39
CA LEU A 386 -7.99 -17.78 4.80
C LEU A 386 -8.89 -17.39 3.62
N PRO A 387 -10.16 -17.07 3.88
CA PRO A 387 -11.09 -16.78 2.78
C PRO A 387 -10.57 -15.81 1.73
N ASN A 388 -9.90 -14.74 2.12
CA ASN A 388 -9.50 -13.72 1.15
C ASN A 388 -7.99 -13.63 0.96
N ALA A 389 -7.23 -14.61 1.43
CA ALA A 389 -5.82 -14.66 1.12
C ALA A 389 -5.63 -14.98 -0.36
N PRO A 390 -4.58 -14.42 -0.99
CA PRO A 390 -4.29 -14.78 -2.39
C PRO A 390 -4.13 -16.27 -2.62
N LEU A 391 -3.68 -17.00 -1.61
CA LEU A 391 -3.49 -18.45 -1.75
C LEU A 391 -4.80 -19.19 -1.93
N ASN A 392 -5.93 -18.59 -1.56
CA ASN A 392 -7.22 -19.27 -1.59
C ASN A 392 -7.88 -19.09 -2.96
N THR A 393 -7.30 -19.79 -3.95
CA THR A 393 -7.92 -19.94 -5.25
C THR A 393 -7.83 -21.40 -5.66
N PRO A 394 -8.84 -21.90 -6.41
CA PRO A 394 -8.75 -23.28 -6.87
C PRO A 394 -7.49 -23.58 -7.64
N GLU A 395 -6.98 -22.61 -8.41
CA GLU A 395 -5.77 -22.81 -9.20
C GLU A 395 -4.55 -23.01 -8.30
N LYS A 396 -4.40 -22.17 -7.28
CA LYS A 396 -3.26 -22.31 -6.37
C LYS A 396 -3.33 -23.61 -5.60
N ILE A 397 -4.51 -23.96 -5.10
CA ILE A 397 -4.69 -25.20 -4.33
C ILE A 397 -4.36 -26.40 -5.20
N GLU A 398 -4.81 -26.39 -6.46
CA GLU A 398 -4.51 -27.50 -7.36
C GLU A 398 -3.03 -27.53 -7.73
N GLN A 399 -2.45 -26.36 -8.03
CA GLN A 399 -1.05 -26.33 -8.45
C GLN A 399 -0.13 -26.95 -7.41
N TYR A 400 -0.40 -26.73 -6.13
CA TYR A 400 0.44 -27.25 -5.07
C TYR A 400 -0.16 -28.44 -4.35
N GLY A 401 -1.35 -28.89 -4.76
CA GLY A 401 -1.95 -30.06 -4.16
C GLY A 401 -2.34 -29.90 -2.71
N LEU A 402 -2.77 -28.70 -2.31
CA LEU A 402 -3.12 -28.46 -0.92
C LEU A 402 -4.38 -29.25 -0.55
N ARG A 403 -4.27 -30.07 0.50
CA ARG A 403 -5.38 -30.82 1.04
C ARG A 403 -5.70 -30.25 2.42
N THR A 404 -6.98 -30.02 2.69
CA THR A 404 -7.38 -29.37 3.92
C THR A 404 -8.48 -30.17 4.61
N VAL A 405 -8.62 -29.95 5.91
CA VAL A 405 -9.77 -30.45 6.65
C VAL A 405 -10.42 -29.27 7.36
N PRO A 406 -11.74 -29.26 7.52
CA PRO A 406 -12.39 -28.21 8.30
C PRO A 406 -12.16 -28.42 9.79
N LYS A 407 -11.05 -27.87 10.29
CA LYS A 407 -10.59 -28.17 11.63
C LYS A 407 -11.32 -27.31 12.66
N ARG A 408 -11.96 -27.97 13.63
CA ARG A 408 -12.56 -27.24 14.75
C ARG A 408 -11.49 -26.53 15.55
N MET A 409 -11.86 -25.38 16.13
CA MET A 409 -10.90 -24.61 16.90
C MET A 409 -10.96 -24.88 18.40
N TYR A 410 -12.13 -25.14 18.96
CA TYR A 410 -12.28 -25.22 20.40
C TYR A 410 -13.05 -26.47 20.80
N VAL A 411 -12.78 -26.94 22.02
CA VAL A 411 -13.59 -28.02 22.59
C VAL A 411 -15.03 -27.53 22.67
N GLU A 412 -15.96 -28.40 22.30
CA GLU A 412 -17.37 -28.02 22.32
C GLU A 412 -18.04 -28.66 23.53
N ARG A 413 -18.71 -27.82 24.30
CA ARG A 413 -19.44 -28.31 25.47
C ARG A 413 -20.57 -29.23 25.03
N PRO A 414 -20.85 -30.29 25.79
CA PRO A 414 -21.92 -31.22 25.40
C PRO A 414 -23.26 -30.51 25.21
N GLY A 415 -23.93 -30.87 24.13
CA GLY A 415 -25.20 -30.28 23.76
C GLY A 415 -25.11 -29.11 22.79
N THR A 416 -23.92 -28.72 22.37
CA THR A 416 -23.78 -27.62 21.43
C THR A 416 -23.98 -28.12 20.00
N PRO A 417 -24.91 -27.54 19.23
CA PRO A 417 -25.12 -27.98 17.85
C PRO A 417 -23.85 -27.83 17.01
N ASP A 418 -23.71 -28.71 16.02
CA ASP A 418 -22.49 -28.75 15.22
C ASP A 418 -22.38 -27.58 14.26
N ASP A 419 -23.47 -26.85 14.00
CA ASP A 419 -23.37 -25.65 13.18
C ASP A 419 -22.91 -24.44 13.98
N GLU A 420 -22.59 -24.63 15.27
CA GLU A 420 -22.05 -23.58 16.11
C GLU A 420 -20.56 -23.72 16.37
N ALA A 421 -19.91 -24.74 15.81
CA ALA A 421 -18.50 -24.99 16.04
C ALA A 421 -17.67 -24.22 15.03
N GLU A 422 -16.74 -23.40 15.52
CA GLU A 422 -15.87 -22.64 14.63
C GLU A 422 -14.87 -23.58 13.97
N THR A 423 -14.59 -23.34 12.68
CA THR A 423 -13.69 -24.20 11.93
C THR A 423 -12.65 -23.38 11.19
N PHE A 424 -11.49 -24.01 10.99
CA PHE A 424 -10.29 -23.40 10.45
C PHE A 424 -9.82 -24.29 9.31
N GLU A 425 -9.82 -23.75 8.09
CA GLU A 425 -9.47 -24.60 6.95
C GLU A 425 -7.98 -24.93 6.96
N MET A 426 -7.62 -26.05 7.55
CA MET A 426 -6.23 -26.37 7.86
C MET A 426 -5.62 -27.29 6.80
N VAL A 427 -4.46 -26.89 6.27
CA VAL A 427 -3.70 -27.75 5.37
C VAL A 427 -3.02 -28.84 6.17
N MET A 428 -3.20 -30.10 5.74
CA MET A 428 -2.52 -31.22 6.38
C MET A 428 -1.83 -32.14 5.38
N GLU A 429 -1.72 -31.73 4.12
CA GLU A 429 -1.05 -32.52 3.10
C GLU A 429 -0.89 -31.67 1.84
N THR A 430 0.28 -31.77 1.21
CA THR A 430 0.56 -31.10 -0.06
C THR A 430 1.25 -32.09 -0.99
N ASN A 431 1.46 -31.66 -2.24
CA ASN A 431 2.22 -32.47 -3.18
C ASN A 431 3.63 -32.72 -2.68
N ALA A 432 4.20 -31.80 -1.92
CA ALA A 432 5.56 -31.95 -1.41
C ALA A 432 5.62 -32.59 -0.03
N MET A 433 4.50 -32.64 0.69
CA MET A 433 4.49 -33.14 2.07
C MET A 433 3.27 -34.04 2.27
N PRO A 434 3.44 -35.36 2.14
CA PRO A 434 2.34 -36.28 2.49
C PRO A 434 1.97 -36.15 3.96
N ARG A 435 0.74 -36.56 4.28
CA ARG A 435 0.24 -36.34 5.64
C ARG A 435 1.06 -37.07 6.68
N ASP A 436 1.65 -38.22 6.34
CA ASP A 436 2.53 -38.91 7.28
C ASP A 436 3.75 -38.05 7.60
N ALA A 437 4.33 -37.41 6.58
CA ALA A 437 5.47 -36.53 6.81
C ALA A 437 5.06 -35.25 7.51
N TRP A 438 3.85 -34.77 7.25
CA TRP A 438 3.30 -33.63 7.99
C TRP A 438 3.26 -33.93 9.48
N VAL A 439 2.75 -35.11 9.85
CA VAL A 439 2.67 -35.50 11.25
C VAL A 439 4.07 -35.57 11.85
N GLU A 440 5.00 -36.22 11.15
CA GLU A 440 6.36 -36.35 11.67
C GLU A 440 7.03 -34.99 11.81
N SER A 441 6.78 -34.09 10.87
CA SER A 441 7.38 -32.76 10.92
C SER A 441 6.80 -31.94 12.07
N PHE A 442 5.50 -32.07 12.30
CA PHE A 442 4.86 -31.37 13.40
C PHE A 442 5.44 -31.82 14.74
N SER A 443 5.57 -33.14 14.93
CA SER A 443 6.16 -33.64 16.17
C SER A 443 7.61 -33.17 16.32
N PHE A 444 8.36 -33.17 15.22
CA PHE A 444 9.76 -32.75 15.26
C PHE A 444 9.91 -31.35 15.82
N ILE A 445 9.13 -30.39 15.30
CA ILE A 445 9.33 -29.01 15.73
C ILE A 445 8.73 -28.79 17.11
N GLN A 446 7.69 -29.54 17.49
CA GLN A 446 7.22 -29.46 18.87
C GLN A 446 8.32 -29.87 19.84
N ALA A 447 9.02 -30.96 19.52
CA ALA A 447 10.11 -31.42 20.38
C ALA A 447 11.24 -30.40 20.43
N VAL A 448 11.55 -29.78 19.29
CA VAL A 448 12.56 -28.72 19.30
C VAL A 448 12.14 -27.59 20.23
N GLN A 449 10.83 -27.31 20.30
CA GLN A 449 10.37 -26.24 21.17
C GLN A 449 10.54 -26.59 22.65
N PHE A 450 10.04 -27.76 23.08
CA PHE A 450 10.16 -28.00 24.52
C PHE A 450 11.53 -28.52 24.94
N LEU A 451 12.32 -29.07 24.01
CA LEU A 451 13.66 -29.51 24.37
C LEU A 451 14.71 -28.40 24.24
N HIS A 452 14.65 -27.61 23.17
CA HIS A 452 15.66 -26.60 22.90
C HIS A 452 15.22 -25.23 23.41
N ASN A 453 14.10 -24.70 22.93
CA ASN A 453 13.56 -23.48 23.52
C ASN A 453 13.28 -23.67 25.00
N GLY A 454 12.74 -24.85 25.36
CA GLY A 454 12.47 -25.22 26.75
C GLY A 454 13.69 -25.54 27.58
N CYS A 455 14.87 -25.56 26.96
CA CYS A 455 16.21 -25.59 27.56
CA CYS A 455 16.20 -25.59 27.57
C CYS A 455 16.66 -26.98 28.00
N TYR A 456 15.77 -27.99 28.05
CA TYR A 456 16.18 -29.29 28.59
C TYR A 456 17.44 -29.84 27.93
N THR A 457 17.60 -29.65 26.61
CA THR A 457 18.81 -30.10 25.94
C THR A 457 19.50 -28.99 25.15
N ARG A 458 19.16 -27.72 25.40
CA ARG A 458 19.72 -26.64 24.60
C ARG A 458 21.23 -26.50 24.79
N TYR A 459 21.68 -26.50 26.05
CA TYR A 459 23.11 -26.31 26.29
C TYR A 459 23.90 -27.54 25.88
N LEU A 460 23.36 -28.73 26.12
CA LEU A 460 23.98 -29.95 25.61
C LEU A 460 24.11 -29.89 24.08
N SER A 461 23.04 -29.48 23.41
CA SER A 461 23.06 -29.42 21.95
C SER A 461 24.07 -28.41 21.44
N ILE A 462 24.15 -27.25 22.09
CA ILE A 462 25.12 -26.23 21.68
C ILE A 462 26.54 -26.75 21.88
N PHE A 463 26.80 -27.41 23.01
CA PHE A 463 28.12 -27.95 23.28
C PHE A 463 28.50 -29.01 22.24
N LEU A 464 27.58 -29.93 21.94
CA LEU A 464 27.87 -30.96 20.96
C LEU A 464 28.11 -30.38 19.58
N ARG A 465 27.39 -29.31 19.24
CA ARG A 465 27.59 -28.68 17.94
C ARG A 465 28.95 -28.01 17.83
N GLN A 466 29.33 -27.26 18.86
CA GLN A 466 30.52 -26.42 18.78
C GLN A 466 31.82 -27.17 19.12
N GLU A 467 31.73 -28.25 19.90
CA GLU A 467 32.92 -28.99 20.28
C GLU A 467 33.00 -30.38 19.66
N HIS A 468 31.88 -30.94 19.19
CA HIS A 468 31.89 -32.28 18.62
C HIS A 468 31.28 -32.32 17.22
N GLY A 469 30.95 -31.18 16.63
CA GLY A 469 30.46 -31.16 15.26
C GLY A 469 29.13 -31.83 15.03
N ILE A 470 28.29 -31.95 16.05
CA ILE A 470 26.98 -32.56 15.91
C ILE A 470 26.00 -31.44 15.54
N GLY A 471 25.58 -31.42 14.27
CA GLY A 471 24.69 -30.37 13.82
C GLY A 471 23.34 -30.39 14.54
N TYR A 472 22.71 -29.22 14.57
CA TYR A 472 21.45 -29.09 15.29
C TYR A 472 20.37 -29.97 14.67
N THR A 473 20.26 -29.96 13.33
CA THR A 473 19.30 -30.85 12.67
C THR A 473 19.62 -32.31 12.96
N ARG A 474 20.90 -32.68 12.84
CA ARG A 474 21.32 -34.04 13.14
C ARG A 474 20.94 -34.44 14.57
N PHE A 475 21.17 -33.54 15.53
CA PHE A 475 20.91 -33.86 16.93
C PHE A 475 19.43 -34.15 17.16
N TYR A 476 18.56 -33.27 16.67
CA TYR A 476 17.14 -33.42 16.97
C TYR A 476 16.46 -34.42 16.04
N GLU A 477 16.97 -34.61 14.82
CA GLU A 477 16.53 -35.73 14.01
C GLU A 477 16.89 -37.06 14.65
N GLY A 478 18.11 -37.15 15.20
CA GLY A 478 18.51 -38.38 15.86
C GLY A 478 17.66 -38.70 17.08
N LEU A 479 17.31 -37.66 17.84
CA LEU A 479 16.45 -37.87 19.01
C LEU A 479 15.11 -38.49 18.60
N GLN A 480 14.50 -37.94 17.55
CA GLN A 480 13.20 -38.46 17.12
C GLN A 480 13.31 -39.87 16.58
N ASP A 481 14.32 -40.15 15.76
CA ASP A 481 14.49 -41.49 15.21
C ASP A 481 14.78 -42.50 16.31
N TYR A 482 15.66 -42.15 17.24
CA TYR A 482 16.07 -43.08 18.28
C TYR A 482 14.93 -43.36 19.26
N PHE A 483 14.28 -42.31 19.75
CA PHE A 483 13.34 -42.49 20.85
C PHE A 483 11.95 -42.93 20.38
N THR A 484 11.57 -42.63 19.15
CA THR A 484 10.30 -43.13 18.63
C THR A 484 10.27 -44.66 18.61
N GLY A 485 11.43 -45.30 18.44
CA GLY A 485 11.52 -46.73 18.52
C GLY A 485 11.58 -47.31 19.92
N ARG A 486 11.50 -46.47 20.96
CA ARG A 486 11.63 -46.90 22.34
C ARG A 486 10.43 -46.39 23.12
N PRO A 487 9.30 -47.09 23.05
CA PRO A 487 8.03 -46.54 23.57
C PRO A 487 8.00 -46.31 25.07
N ASP A 488 8.84 -46.97 25.84
CA ASP A 488 8.79 -46.86 27.29
C ASP A 488 9.75 -45.81 27.86
N THR A 489 10.53 -45.15 27.02
CA THR A 489 11.33 -44.03 27.50
C THR A 489 10.44 -42.80 27.67
N VAL A 490 10.96 -41.82 28.42
CA VAL A 490 10.20 -40.58 28.64
C VAL A 490 9.97 -39.87 27.31
N LEU A 491 11.05 -39.65 26.55
CA LEU A 491 10.96 -38.91 25.30
C LEU A 491 10.26 -39.73 24.23
N GLY A 492 10.50 -41.05 24.21
CA GLY A 492 9.82 -41.90 23.24
C GLY A 492 8.32 -41.91 23.41
N ALA A 493 7.85 -41.94 24.66
CA ALA A 493 6.41 -41.88 24.90
C ALA A 493 5.82 -40.57 24.38
N LEU A 494 6.58 -39.48 24.46
CA LEU A 494 6.09 -38.20 23.96
C LEU A 494 5.98 -38.20 22.43
N TYR A 495 7.03 -38.66 21.75
CA TYR A 495 7.00 -38.73 20.30
C TYR A 495 5.85 -39.59 19.79
N LEU A 496 5.65 -40.76 20.40
CA LEU A 496 4.60 -41.65 19.92
C LEU A 496 3.21 -41.12 20.24
N ARG A 497 3.07 -40.44 21.38
CA ARG A 497 1.78 -39.83 21.70
C ARG A 497 1.45 -38.72 20.72
N MET A 498 2.46 -37.94 20.31
CA MET A 498 2.24 -36.88 19.33
C MET A 498 1.92 -37.46 17.95
N ARG A 499 2.58 -38.56 17.57
CA ARG A 499 2.30 -39.17 16.28
CA ARG A 499 2.30 -39.17 16.28
C ARG A 499 0.85 -39.63 16.19
N SER A 500 0.37 -40.31 17.23
CA SER A 500 -1.02 -40.76 17.22
C SER A 500 -1.99 -39.59 17.37
N LEU A 501 -1.62 -38.57 18.15
CA LEU A 501 -2.48 -37.41 18.31
C LEU A 501 -2.67 -36.68 16.99
N TYR A 502 -1.59 -36.43 16.26
CA TYR A 502 -1.69 -35.64 15.04
C TYR A 502 -2.34 -36.43 13.91
N HIS A 503 -2.28 -37.76 13.94
CA HIS A 503 -3.07 -38.54 12.99
C HIS A 503 -4.54 -38.50 13.35
N ASP A 504 -4.88 -38.59 14.64
CA ASP A 504 -6.26 -38.38 15.05
C ASP A 504 -6.70 -36.96 14.73
N TYR A 505 -5.79 -36.00 14.90
CA TYR A 505 -6.06 -34.60 14.58
C TYR A 505 -6.54 -34.44 13.14
N ILE A 506 -5.92 -35.16 12.20
CA ILE A 506 -6.34 -35.12 10.82
C ILE A 506 -7.65 -35.88 10.62
N ASP A 507 -7.71 -37.11 11.13
CA ASP A 507 -8.82 -38.01 10.83
C ASP A 507 -10.10 -37.59 11.53
N MET A 508 -10.00 -36.86 12.64
CA MET A 508 -11.16 -36.41 13.41
C MET A 508 -11.13 -34.89 13.42
N PRO A 509 -11.71 -34.23 12.40
CA PRO A 509 -11.69 -32.77 12.34
C PRO A 509 -12.28 -32.09 13.57
N ALA A 510 -12.97 -32.83 14.44
CA ALA A 510 -13.51 -32.24 15.66
C ALA A 510 -12.46 -31.99 16.72
N LEU A 511 -11.33 -32.67 16.68
CA LEU A 511 -10.27 -32.45 17.65
C LEU A 511 -9.78 -30.99 17.54
N PRO A 512 -9.88 -30.20 18.61
CA PRO A 512 -9.79 -28.74 18.46
C PRO A 512 -8.37 -28.22 18.31
N LEU A 513 -8.20 -27.26 17.39
CA LEU A 513 -6.89 -26.69 17.13
C LEU A 513 -6.33 -25.96 18.36
N ALA A 514 -7.18 -25.22 19.07
CA ALA A 514 -6.71 -24.36 20.15
C ALA A 514 -6.83 -25.00 21.52
N ASN A 515 -7.49 -26.15 21.64
CA ASN A 515 -7.62 -26.86 22.92
C ASN A 515 -7.25 -28.32 22.75
N LEU A 516 -6.21 -28.60 21.97
CA LEU A 516 -5.91 -29.97 21.57
C LEU A 516 -5.55 -30.83 22.78
N VAL A 517 -4.61 -30.37 23.60
CA VAL A 517 -4.20 -31.11 24.79
C VAL A 517 -5.41 -31.33 25.70
N ALA A 518 -6.19 -30.27 25.92
CA ALA A 518 -7.32 -30.36 26.84
C ALA A 518 -8.38 -31.35 26.36
N SER A 519 -8.47 -31.60 25.06
CA SER A 519 -9.45 -32.52 24.51
C SER A 519 -9.08 -33.98 24.73
N GLN A 520 -7.85 -34.27 25.18
CA GLN A 520 -7.38 -35.63 25.37
C GLN A 520 -7.36 -35.97 26.85
N PRO A 521 -8.22 -36.87 27.33
CA PRO A 521 -8.28 -37.12 28.78
C PRO A 521 -6.95 -37.56 29.40
N ASP A 522 -6.17 -38.39 28.71
CA ASP A 522 -4.91 -38.84 29.28
C ASP A 522 -3.91 -37.70 29.39
N MET A 523 -3.84 -36.83 28.38
CA MET A 523 -2.91 -35.71 28.44
C MET A 523 -3.37 -34.68 29.47
N ALA A 524 -4.67 -34.41 29.53
CA ALA A 524 -5.20 -33.49 30.53
C ALA A 524 -4.96 -34.03 31.94
N ALA A 525 -5.08 -35.36 32.12
CA ALA A 525 -4.83 -35.95 33.42
C ALA A 525 -3.37 -35.79 33.82
N ASP A 526 -2.45 -35.91 32.86
CA ASP A 526 -1.04 -35.78 33.17
C ASP A 526 -0.68 -34.38 33.65
N LEU A 527 -1.44 -33.36 33.23
CA LEU A 527 -1.12 -31.98 33.56
C LEU A 527 -1.98 -31.43 34.71
N ALA A 528 -2.98 -32.17 35.16
CA ALA A 528 -3.85 -31.70 36.24
C ALA A 528 -3.10 -31.25 37.49
N PRO A 529 -2.07 -31.95 37.98
CA PRO A 529 -1.33 -31.43 39.15
C PRO A 529 -0.68 -30.08 38.90
N TYR A 530 -0.48 -29.69 37.65
CA TYR A 530 0.19 -28.43 37.35
C TYR A 530 -0.77 -27.27 37.15
N GLY A 531 -2.03 -27.53 36.90
CA GLY A 531 -3.00 -26.46 36.72
C GLY A 531 -4.19 -26.93 35.92
N ARG A 532 -5.21 -26.09 35.90
CA ARG A 532 -6.44 -26.33 35.13
C ARG A 532 -6.47 -25.34 33.98
N ARG A 533 -6.27 -25.85 32.75
CA ARG A 533 -6.22 -24.98 31.59
C ARG A 533 -6.91 -25.63 30.40
N ARG A 534 -7.68 -24.84 29.65
CA ARG A 534 -8.18 -25.25 28.35
C ARG A 534 -7.16 -25.04 27.24
N GLY A 535 -6.18 -24.15 27.45
CA GLY A 535 -5.33 -23.73 26.37
C GLY A 535 -3.92 -24.28 26.40
N TRP A 536 -3.69 -25.37 27.14
CA TRP A 536 -2.40 -26.06 27.10
C TRP A 536 -1.95 -26.23 25.65
N THR A 537 -0.71 -25.86 25.38
CA THR A 537 -0.11 -26.18 24.10
C THR A 537 0.64 -27.50 24.19
N ILE A 538 0.96 -28.06 23.02
CA ILE A 538 1.73 -29.31 22.97
C ILE A 538 3.09 -29.10 23.62
N ASP A 539 3.73 -27.95 23.38
CA ASP A 539 5.05 -27.76 23.96
C ASP A 539 4.96 -27.49 25.46
N ASN A 540 3.87 -26.90 25.95
CA ASN A 540 3.63 -26.89 27.40
C ASN A 540 3.59 -28.32 27.94
N TRP A 541 2.80 -29.17 27.30
CA TRP A 541 2.61 -30.55 27.76
C TRP A 541 3.93 -31.31 27.74
N GLY A 542 4.68 -31.20 26.64
CA GLY A 542 5.96 -31.85 26.56
C GLY A 542 6.91 -31.40 27.65
N TRP A 543 6.96 -30.08 27.91
CA TRP A 543 7.88 -29.57 28.93
C TRP A 543 7.52 -30.10 30.31
N LEU A 544 6.23 -30.16 30.64
CA LEU A 544 5.82 -30.61 31.97
C LEU A 544 5.96 -32.13 32.11
N ARG A 545 5.69 -32.88 31.04
CA ARG A 545 5.89 -34.33 31.10
C ARG A 545 7.32 -34.68 31.42
N ILE A 546 8.28 -33.94 30.85
CA ILE A 546 9.68 -34.17 31.18
C ILE A 546 9.97 -33.74 32.61
N ALA A 547 9.38 -32.63 33.05
CA ALA A 547 9.56 -32.21 34.44
C ALA A 547 9.08 -33.27 35.42
N THR A 548 8.03 -34.02 35.06
CA THR A 548 7.50 -35.05 35.94
C THR A 548 8.46 -36.24 36.05
N ASP A 549 9.09 -36.62 34.94
CA ASP A 549 10.00 -37.76 34.94
C ASP A 549 11.42 -37.31 34.61
N PHE A 550 11.89 -36.30 35.32
CA PHE A 550 13.12 -35.59 34.95
C PHE A 550 14.35 -36.50 35.07
N ASP A 551 14.49 -37.21 36.19
CA ASP A 551 15.68 -38.02 36.41
C ASP A 551 15.77 -39.16 35.40
N ARG A 552 14.64 -39.84 35.15
CA ARG A 552 14.66 -40.91 34.17
C ARG A 552 14.95 -40.38 32.76
N PHE A 553 14.45 -39.18 32.46
CA PHE A 553 14.76 -38.54 31.18
C PHE A 553 16.27 -38.44 30.97
N HIS A 554 17.01 -38.04 32.01
CA HIS A 554 18.43 -37.83 31.83
C HIS A 554 19.23 -39.12 31.80
N THR A 555 18.81 -40.15 32.54
CA THR A 555 19.49 -41.44 32.43
C THR A 555 19.30 -42.04 31.04
N GLU A 556 18.07 -41.93 30.50
CA GLU A 556 17.81 -42.46 29.17
C GLU A 556 18.50 -41.63 28.09
N LEU A 557 18.68 -40.33 28.35
CA LEU A 557 19.40 -39.49 27.40
C LEU A 557 20.84 -39.96 27.20
N ARG A 558 21.47 -40.50 28.25
CA ARG A 558 22.82 -41.01 28.13
C ARG A 558 22.92 -42.12 27.10
N GLU A 559 21.90 -42.97 27.01
CA GLU A 559 21.95 -44.07 26.06
C GLU A 559 21.89 -43.57 24.62
N TYR A 560 21.13 -42.51 24.36
CA TYR A 560 21.13 -41.93 23.03
C TYR A 560 22.49 -41.33 22.70
N LEU A 561 23.14 -40.71 23.68
CA LEU A 561 24.45 -40.09 23.44
C LEU A 561 25.49 -41.14 23.06
N ALA A 562 25.32 -42.39 23.52
CA ALA A 562 26.23 -43.46 23.14
C ALA A 562 26.12 -43.79 21.65
N THR A 563 24.93 -43.65 21.05
CA THR A 563 24.78 -43.94 19.63
C THR A 563 25.44 -42.91 18.73
N LEU A 564 25.83 -41.76 19.28
CA LEU A 564 26.53 -40.74 18.50
C LEU A 564 28.04 -40.91 18.57
N GLY A 565 28.53 -41.95 19.25
CA GLY A 565 29.96 -42.15 19.43
C GLY A 565 30.55 -41.40 20.61
N LEU A 566 29.71 -40.83 21.48
CA LEU A 566 30.19 -40.07 22.61
C LEU A 566 30.13 -40.85 23.94
N ASP A 571 33.83 -40.02 29.26
CA ASP A 571 34.30 -38.67 28.96
C ASP A 571 33.87 -37.71 30.06
N ALA A 572 34.85 -37.11 30.73
CA ALA A 572 34.57 -36.32 31.92
C ALA A 572 33.95 -34.96 31.57
N ARG A 573 34.43 -34.32 30.50
CA ARG A 573 33.90 -33.01 30.14
C ARG A 573 32.43 -33.10 29.75
N LEU A 574 32.07 -34.12 28.96
CA LEU A 574 30.67 -34.33 28.62
C LEU A 574 29.85 -34.64 29.87
N GLU A 575 30.41 -35.43 30.79
CA GLU A 575 29.76 -35.67 32.07
C GLU A 575 29.53 -34.37 32.83
N ASP A 576 30.48 -33.45 32.74
CA ASP A 576 30.39 -32.18 33.47
C ASP A 576 29.29 -31.31 32.89
N VAL A 577 29.24 -31.17 31.57
CA VAL A 577 28.23 -30.31 30.96
C VAL A 577 26.83 -30.91 31.14
N LEU A 578 26.73 -32.24 31.25
CA LEU A 578 25.42 -32.84 31.50
C LEU A 578 24.90 -32.46 32.87
N ARG A 579 25.77 -32.44 33.88
CA ARG A 579 25.35 -32.00 35.21
C ARG A 579 24.90 -30.54 35.17
N PHE A 580 25.66 -29.69 34.47
CA PHE A 580 25.25 -28.30 34.30
C PHE A 580 23.89 -28.22 33.61
N GLN A 581 23.69 -29.02 32.57
CA GLN A 581 22.41 -29.04 31.85
C GLN A 581 21.28 -29.52 32.76
N GLN A 582 21.59 -30.40 33.70
CA GLN A 582 20.57 -30.85 34.65
C GLN A 582 20.27 -29.77 35.68
N ASP A 583 21.31 -29.13 36.23
CA ASP A 583 21.12 -28.20 37.34
C ASP A 583 20.46 -26.91 36.89
N VAL A 584 20.69 -26.47 35.65
CA VAL A 584 20.21 -25.17 35.21
C VAL A 584 18.70 -25.15 35.07
N MET A 585 18.05 -26.30 34.97
CA MET A 585 16.60 -26.34 34.80
C MET A 585 15.90 -25.95 36.09
N LEU A 586 14.80 -25.21 35.97
CA LEU A 586 13.97 -24.88 37.12
C LEU A 586 13.20 -26.12 37.58
N ARG A 587 13.25 -26.40 38.88
CA ARG A 587 12.65 -27.59 39.46
C ARG A 587 11.63 -27.20 40.52
N PRO A 588 10.66 -28.07 40.81
CA PRO A 588 9.59 -27.70 41.76
C PRO A 588 10.08 -27.44 43.17
N ASP A 589 11.25 -27.94 43.56
CA ASP A 589 11.75 -27.75 44.91
C ASP A 589 12.63 -26.51 45.06
N TYR A 590 12.76 -25.70 44.01
CA TYR A 590 13.62 -24.53 44.09
C TYR A 590 13.07 -23.53 45.09
N SER A 591 13.95 -22.99 45.94
CA SER A 591 13.61 -21.97 46.91
C SER A 591 14.35 -20.69 46.58
N PRO A 592 13.66 -19.59 46.26
CA PRO A 592 14.36 -18.32 46.03
C PRO A 592 15.12 -17.83 47.26
N GLU A 593 14.66 -18.19 48.45
CA GLU A 593 15.37 -17.82 49.67
C GLU A 593 16.72 -18.52 49.75
N LEU A 594 16.73 -19.83 49.48
CA LEU A 594 17.96 -20.62 49.63
C LEU A 594 18.84 -20.56 48.39
N GLY A 595 18.26 -20.34 47.22
CA GLY A 595 19.04 -20.44 46.01
C GLY A 595 19.35 -21.89 45.67
N LYS A 596 20.27 -22.04 44.72
CA LYS A 596 20.67 -23.35 44.22
C LYS A 596 22.09 -23.23 43.69
N SER A 597 22.99 -24.11 44.16
CA SER A 597 24.39 -24.02 43.81
C SER A 597 24.95 -25.39 43.41
N ALA A 598 26.04 -25.36 42.67
CA ALA A 598 26.75 -26.56 42.24
C ALA A 598 28.15 -26.16 41.82
N GLU A 599 29.02 -27.16 41.68
CA GLU A 599 30.41 -26.96 41.27
C GLU A 599 30.67 -27.73 39.99
N TYR A 600 31.45 -27.13 39.10
CA TYR A 600 31.75 -27.73 37.80
C TYR A 600 33.23 -27.62 37.49
N ALA A 601 33.70 -28.53 36.63
CA ALA A 601 35.08 -28.52 36.19
C ALA A 601 35.35 -27.47 35.13
N HIS A 602 34.31 -26.83 34.58
CA HIS A 602 34.46 -25.80 33.56
C HIS A 602 33.50 -24.66 33.88
N ASP A 603 33.86 -23.47 33.39
CA ASP A 603 33.03 -22.27 33.57
C ASP A 603 31.99 -22.26 32.46
N TRP A 604 30.94 -23.04 32.66
CA TRP A 604 29.91 -23.19 31.64
C TRP A 604 29.13 -21.90 31.41
N PRO A 605 28.74 -21.14 32.44
CA PRO A 605 28.11 -19.84 32.16
C PRO A 605 28.97 -18.94 31.30
N GLY A 606 30.28 -18.87 31.57
CA GLY A 606 31.15 -18.07 30.72
C GLY A 606 31.24 -18.62 29.31
N TYR A 607 31.24 -19.95 29.17
CA TYR A 607 31.33 -20.56 27.85
C TYR A 607 30.09 -20.28 27.00
N PHE A 608 28.91 -20.54 27.55
CA PHE A 608 27.68 -20.31 26.78
C PHE A 608 27.36 -18.83 26.60
N ALA A 609 28.16 -17.93 27.17
CA ALA A 609 28.03 -16.51 26.91
C ALA A 609 29.02 -16.04 25.87
N GLY A 610 29.80 -16.94 25.27
CA GLY A 610 30.74 -16.61 24.22
C GLY A 610 32.20 -16.77 24.58
N GLY A 611 32.52 -17.12 25.83
CA GLY A 611 33.90 -17.25 26.22
C GLY A 611 34.53 -18.56 25.77
N LEU A 612 35.85 -18.62 25.89
CA LEU A 612 36.59 -19.83 25.53
C LEU A 612 36.40 -20.90 26.60
N LEU A 613 36.24 -22.14 26.16
CA LEU A 613 36.09 -23.25 27.09
C LEU A 613 37.43 -23.58 27.74
N ARG A 614 37.51 -23.41 29.06
CA ARG A 614 38.71 -23.65 29.83
C ARG A 614 38.40 -24.58 30.99
N PRO A 615 39.31 -25.51 31.31
CA PRO A 615 39.09 -26.39 32.47
C PRO A 615 39.29 -25.65 33.79
N ARG A 616 38.39 -24.72 34.10
CA ARG A 616 38.48 -23.89 35.30
C ARG A 616 37.38 -24.30 36.28
N ARG A 617 37.78 -24.78 37.46
CA ARG A 617 36.84 -25.20 38.47
C ARG A 617 36.14 -23.98 39.07
N VAL A 618 34.80 -23.97 39.02
CA VAL A 618 34.00 -22.84 39.46
C VAL A 618 32.83 -23.34 40.31
N ARG A 619 32.33 -22.44 41.15
CA ARG A 619 31.07 -22.62 41.86
C ARG A 619 30.03 -21.69 41.25
N VAL A 620 28.88 -22.25 40.90
CA VAL A 620 27.77 -21.48 40.32
C VAL A 620 26.63 -21.48 41.32
N ALA A 621 26.21 -20.29 41.74
CA ALA A 621 25.12 -20.11 42.70
C ALA A 621 24.00 -19.34 42.02
N TYR A 622 22.90 -20.03 41.72
CA TYR A 622 21.74 -19.41 41.11
C TYR A 622 20.88 -18.76 42.19
N GLY A 623 20.50 -17.50 41.97
CA GLY A 623 19.71 -16.80 42.95
C GLY A 623 18.45 -16.14 42.40
N ASP A 624 17.83 -16.79 41.41
CA ASP A 624 16.61 -16.25 40.80
C ASP A 624 15.53 -16.05 41.85
N GLN A 625 14.93 -14.87 41.84
CA GLN A 625 13.83 -14.57 42.76
C GLN A 625 12.46 -14.66 42.09
N SER A 626 12.38 -14.42 40.78
CA SER A 626 11.11 -14.45 40.08
C SER A 626 11.36 -14.82 38.62
N PHE A 627 10.28 -15.18 37.93
CA PHE A 627 10.34 -15.63 36.55
C PHE A 627 9.22 -15.00 35.75
N GLY A 628 9.31 -15.11 34.43
CA GLY A 628 8.22 -14.73 33.57
C GLY A 628 8.20 -13.26 33.21
N ALA A 629 7.14 -12.88 32.50
CA ALA A 629 6.97 -11.51 32.05
C ALA A 629 6.96 -10.56 33.25
N ASN A 630 7.82 -9.55 33.20
CA ASN A 630 7.95 -8.57 34.27
C ASN A 630 8.33 -9.22 35.60
N GLY A 631 8.89 -10.43 35.55
CA GLY A 631 9.24 -11.16 36.75
C GLY A 631 8.08 -11.36 37.70
N ARG A 632 6.88 -11.63 37.17
CA ARG A 632 5.68 -11.63 37.99
C ARG A 632 5.41 -12.96 38.68
N TYR A 633 6.18 -14.01 38.39
CA TYR A 633 5.91 -15.33 38.95
C TYR A 633 7.03 -15.71 39.90
N ARG A 634 6.69 -15.90 41.18
CA ARG A 634 7.68 -16.30 42.16
C ARG A 634 7.50 -17.78 42.49
N PRO A 635 8.57 -18.57 42.44
CA PRO A 635 8.46 -19.98 42.82
C PRO A 635 8.23 -20.14 44.32
N VAL A 636 7.47 -21.17 44.66
CA VAL A 636 7.20 -21.56 46.04
C VAL A 636 7.48 -23.06 46.15
N PRO A 637 8.50 -23.48 46.91
CA PRO A 637 8.88 -24.90 46.91
C PRO A 637 7.71 -25.79 47.30
N GLY A 638 7.54 -26.88 46.54
CA GLY A 638 6.47 -27.81 46.78
C GLY A 638 5.13 -27.44 46.17
N ASP A 639 4.93 -26.18 45.80
CA ASP A 639 3.68 -25.74 45.21
C ASP A 639 3.78 -25.94 43.71
N LEU A 640 3.10 -26.97 43.19
CA LEU A 640 3.21 -27.30 41.77
C LEU A 640 2.54 -26.25 40.89
N LYS A 641 1.48 -25.61 41.37
CA LYS A 641 0.87 -24.53 40.60
C LYS A 641 1.82 -23.35 40.48
N ALA A 642 2.45 -22.95 41.58
CA ALA A 642 3.42 -21.86 41.53
C ALA A 642 4.62 -22.23 40.67
N PHE A 643 5.04 -23.51 40.72
CA PHE A 643 6.13 -23.95 39.87
C PHE A 643 5.78 -23.82 38.39
N THR A 644 4.55 -24.20 38.03
CA THR A 644 4.15 -24.16 36.63
C THR A 644 4.17 -22.73 36.10
N MET A 645 3.65 -21.77 36.88
CA MET A 645 3.66 -20.39 36.44
C MET A 645 5.08 -19.88 36.26
N ALA A 646 5.98 -20.21 37.20
CA ALA A 646 7.36 -19.76 37.08
C ALA A 646 8.08 -20.46 35.94
N ALA A 647 7.78 -21.74 35.72
CA ALA A 647 8.52 -22.51 34.73
C ALA A 647 8.12 -22.16 33.31
N ILE A 648 6.81 -22.12 33.03
CA ILE A 648 6.32 -21.98 31.67
C ILE A 648 5.31 -20.85 31.51
N GLY A 649 4.94 -20.17 32.59
CA GLY A 649 4.06 -19.02 32.46
C GLY A 649 2.67 -19.41 31.97
N THR A 650 2.02 -18.47 31.30
CA THR A 650 0.69 -18.68 30.75
C THR A 650 0.76 -19.36 29.40
N SER A 651 -0.28 -20.12 29.07
CA SER A 651 -0.36 -20.71 27.73
C SER A 651 -0.66 -19.64 26.69
N TYR A 652 -1.55 -18.71 27.01
CA TYR A 652 -1.71 -17.49 26.24
C TYR A 652 -1.78 -16.32 27.21
N PRO A 653 -1.02 -15.23 27.00
CA PRO A 653 -0.04 -15.03 25.92
C PRO A 653 1.12 -16.01 25.97
N VAL A 654 1.76 -16.22 24.81
CA VAL A 654 2.89 -17.12 24.75
C VAL A 654 4.00 -16.61 25.66
N SER A 655 4.57 -17.51 26.46
CA SER A 655 5.50 -17.18 27.52
C SER A 655 6.85 -17.79 27.19
N ARG A 656 7.76 -16.97 26.65
CA ARG A 656 9.10 -17.43 26.29
C ARG A 656 10.19 -16.52 26.81
N MET A 657 9.88 -15.56 27.67
CA MET A 657 10.86 -14.65 28.23
C MET A 657 10.99 -14.89 29.73
N GLY A 658 12.18 -15.28 30.16
CA GLY A 658 12.43 -15.48 31.58
C GLY A 658 11.82 -16.74 32.15
N HIS A 659 11.88 -17.85 31.41
CA HIS A 659 11.24 -19.08 31.85
C HIS A 659 12.23 -20.25 31.75
N PHE A 660 11.75 -21.41 32.17
CA PHE A 660 12.38 -22.72 31.94
C PHE A 660 13.60 -22.98 32.81
N CYS A 661 14.53 -22.03 32.88
CA CYS A 661 15.82 -22.29 33.50
C CYS A 661 16.29 -21.08 34.30
N HIS A 662 17.24 -21.33 35.20
CA HIS A 662 17.88 -20.26 35.94
C HIS A 662 18.75 -19.42 35.01
N ARG A 663 18.81 -18.12 35.26
CA ARG A 663 19.52 -17.21 34.39
C ARG A 663 20.88 -16.82 34.97
N PHE A 664 21.85 -16.60 34.07
CA PHE A 664 23.21 -16.26 34.47
C PHE A 664 23.30 -14.84 35.02
N GLU A 665 22.46 -13.92 34.52
CA GLU A 665 22.49 -12.56 35.03
C GLU A 665 22.22 -12.51 36.53
N SER A 666 21.52 -13.51 37.06
CA SER A 666 21.23 -13.60 38.49
C SER A 666 22.10 -14.63 39.20
N ALA A 667 23.13 -15.15 38.52
CA ALA A 667 23.96 -16.20 39.07
C ALA A 667 25.34 -15.67 39.44
N GLU A 668 25.89 -16.17 40.53
CA GLU A 668 27.21 -15.78 41.00
C GLU A 668 28.18 -16.91 40.70
N VAL A 669 29.22 -16.61 39.91
CA VAL A 669 30.23 -17.59 39.51
C VAL A 669 31.54 -17.21 40.18
N THR A 670 32.03 -18.09 41.05
CA THR A 670 33.27 -17.87 41.77
C THR A 670 34.23 -19.03 41.53
N SER A 671 35.52 -18.70 41.48
CA SER A 671 36.55 -19.71 41.27
C SER A 671 36.80 -20.49 42.55
N LEU A 672 37.28 -21.72 42.40
CA LEU A 672 37.57 -22.57 43.54
C LEU A 672 39.08 -22.67 43.79
N GLY B 9 29.98 -10.11 -7.47
CA GLY B 9 29.90 -9.78 -8.89
C GLY B 9 30.05 -8.29 -9.18
N ARG B 10 30.13 -7.95 -10.46
CA ARG B 10 30.21 -6.55 -10.88
C ARG B 10 28.88 -5.86 -10.62
N LYS B 11 28.88 -4.85 -9.75
CA LYS B 11 27.64 -4.21 -9.34
C LYS B 11 27.16 -3.23 -10.41
N VAL B 12 25.89 -3.37 -10.80
CA VAL B 12 25.25 -2.51 -11.79
C VAL B 12 24.21 -1.66 -11.08
N TYR B 13 24.41 -0.34 -11.09
CA TYR B 13 23.47 0.60 -10.49
C TYR B 13 22.69 1.30 -11.59
N PHE B 14 21.36 1.37 -11.43
CA PHE B 14 20.48 2.14 -12.29
C PHE B 14 19.99 3.38 -11.55
N VAL B 15 20.04 4.53 -12.21
CA VAL B 15 19.47 5.77 -11.68
C VAL B 15 18.54 6.37 -12.72
N GLY B 16 17.28 6.54 -12.34
CA GLY B 16 16.29 7.18 -13.19
C GLY B 16 15.25 7.89 -12.34
N LEU B 17 15.52 9.13 -11.97
CA LEU B 17 14.72 9.82 -10.96
C LEU B 17 13.58 10.61 -11.59
N ASN B 18 12.51 10.78 -10.82
CA ASN B 18 11.51 11.80 -11.10
C ASN B 18 10.83 12.19 -9.79
N GLU B 19 10.17 13.36 -9.82
CA GLU B 19 9.53 13.90 -8.63
C GLU B 19 8.31 13.08 -8.23
N TYR B 20 7.55 12.60 -9.22
CA TYR B 20 6.44 11.72 -8.89
C TYR B 20 6.88 10.26 -9.00
N PRO B 21 6.35 9.38 -8.15
CA PRO B 21 6.80 7.99 -8.16
C PRO B 21 6.33 7.23 -9.40
N PHE B 22 7.28 6.87 -10.26
CA PHE B 22 7.04 6.00 -11.41
C PHE B 22 7.99 4.82 -11.28
N LEU B 23 7.44 3.61 -11.36
CA LEU B 23 8.26 2.41 -11.22
C LEU B 23 9.37 2.40 -12.27
N PRO B 24 10.55 1.89 -11.93
CA PRO B 24 11.73 1.95 -12.84
C PRO B 24 11.66 0.91 -13.96
N LEU B 25 10.78 1.17 -14.92
CA LEU B 25 10.58 0.23 -16.01
C LEU B 25 11.82 0.10 -16.88
N VAL B 26 12.49 1.23 -17.18
CA VAL B 26 13.68 1.18 -18.03
C VAL B 26 14.73 0.27 -17.42
N ALA B 27 15.04 0.46 -16.15
CA ALA B 27 16.04 -0.37 -15.48
C ALA B 27 15.63 -1.85 -15.54
N GLY B 28 14.35 -2.13 -15.33
CA GLY B 28 13.91 -3.52 -15.38
C GLY B 28 14.00 -4.11 -16.77
N LEU B 29 13.67 -3.31 -17.80
CA LEU B 29 13.77 -3.79 -19.17
C LEU B 29 15.21 -4.07 -19.55
N LEU B 30 16.11 -3.12 -19.28
CA LEU B 30 17.51 -3.29 -19.65
C LEU B 30 18.13 -4.48 -18.91
N ARG B 31 17.84 -4.62 -17.62
CA ARG B 31 18.41 -5.72 -16.85
C ARG B 31 17.94 -7.07 -17.37
N THR B 32 16.63 -7.26 -17.48
CA THR B 32 16.12 -8.59 -17.82
C THR B 32 16.44 -8.98 -19.25
N TYR B 33 16.53 -8.01 -20.17
CA TYR B 33 16.95 -8.35 -21.53
C TYR B 33 18.40 -8.80 -21.54
N ALA B 34 19.26 -8.10 -20.82
CA ALA B 34 20.68 -8.45 -20.79
C ALA B 34 20.91 -9.77 -20.08
N GLU B 35 20.12 -10.07 -19.04
CA GLU B 35 20.31 -11.30 -18.27
C GLU B 35 19.95 -12.56 -19.05
N GLN B 36 19.36 -12.44 -20.24
CA GLN B 36 19.20 -13.62 -21.09
C GLN B 36 20.54 -14.21 -21.48
N ASP B 37 21.61 -13.42 -21.46
CA ASP B 37 22.97 -13.93 -21.61
C ASP B 37 23.40 -14.49 -20.24
N GLU B 38 23.59 -15.81 -20.17
CA GLU B 38 23.90 -16.43 -18.89
C GLU B 38 25.21 -15.90 -18.31
N ARG B 39 26.17 -15.54 -19.16
CA ARG B 39 27.41 -14.96 -18.63
C ARG B 39 27.15 -13.62 -17.97
N ILE B 40 26.24 -12.81 -18.53
CA ILE B 40 25.90 -11.55 -17.90
C ILE B 40 25.21 -11.79 -16.56
N ALA B 41 24.25 -12.72 -16.54
CA ALA B 41 23.53 -12.99 -15.29
C ALA B 41 24.47 -13.47 -14.19
N ALA B 42 25.47 -14.27 -14.56
CA ALA B 42 26.39 -14.82 -13.57
C ALA B 42 27.37 -13.77 -13.05
N ALA B 43 27.80 -12.85 -13.92
CA ALA B 43 28.91 -11.96 -13.60
C ALA B 43 28.48 -10.64 -12.96
N TYR B 44 27.25 -10.20 -13.19
CA TYR B 44 26.80 -8.89 -12.75
C TYR B 44 25.82 -9.02 -11.58
N ASP B 45 25.92 -8.08 -10.65
CA ASP B 45 25.06 -8.01 -9.47
C ASP B 45 24.23 -6.73 -9.61
N PHE B 46 23.01 -6.88 -10.12
CA PHE B 46 22.17 -5.73 -10.40
C PHE B 46 21.58 -5.19 -9.10
N GLN B 47 21.71 -3.90 -8.87
CA GLN B 47 21.24 -3.26 -7.66
C GLN B 47 19.80 -2.77 -7.84
N GLU B 48 19.14 -2.51 -6.72
CA GLU B 48 17.81 -1.93 -6.76
C GLU B 48 17.87 -0.57 -7.45
N PRO B 49 17.03 -0.32 -8.45
CA PRO B 49 17.10 0.97 -9.16
C PRO B 49 16.76 2.14 -8.25
N VAL B 50 17.44 3.25 -8.50
CA VAL B 50 17.17 4.50 -7.80
C VAL B 50 16.20 5.31 -8.67
N PHE B 51 15.01 5.58 -8.14
CA PHE B 51 14.00 6.32 -8.90
C PHE B 51 13.27 7.40 -8.10
N LEU B 52 13.37 7.41 -6.78
CA LEU B 52 12.78 8.46 -5.96
C LEU B 52 13.83 9.52 -5.66
N VAL B 53 13.41 10.78 -5.64
CA VAL B 53 14.36 11.88 -5.50
C VAL B 53 14.88 11.94 -4.07
N ALA B 54 16.19 12.16 -3.94
CA ALA B 54 16.88 12.39 -2.68
C ALA B 54 17.99 13.40 -2.97
N PRO B 55 18.61 13.99 -1.94
CA PRO B 55 19.73 14.91 -2.22
C PRO B 55 20.82 14.24 -3.04
N VAL B 56 21.40 15.00 -3.97
CA VAL B 56 22.39 14.47 -4.91
C VAL B 56 23.53 13.79 -4.17
N GLN B 57 24.04 14.44 -3.12
CA GLN B 57 25.17 13.87 -2.39
C GLN B 57 24.80 12.55 -1.73
N GLU B 58 23.59 12.47 -1.19
CA GLU B 58 23.11 11.23 -0.57
C GLU B 58 22.97 10.13 -1.62
N MET B 59 22.38 10.44 -2.77
CA MET B 59 22.23 9.44 -3.83
C MET B 59 23.59 8.92 -4.29
N ALA B 60 24.54 9.83 -4.51
CA ALA B 60 25.86 9.42 -4.93
C ALA B 60 26.56 8.59 -3.86
N ASP B 61 26.41 8.98 -2.58
CA ASP B 61 27.01 8.21 -1.51
C ASP B 61 26.41 6.82 -1.41
N GLY B 62 25.17 6.64 -1.83
CA GLY B 62 24.55 5.32 -1.82
C GLY B 62 25.05 4.37 -2.90
N ILE B 63 25.87 4.85 -3.82
CA ILE B 63 26.42 4.04 -4.90
C ILE B 63 27.83 3.63 -4.49
N VAL B 64 27.99 2.36 -4.14
CA VAL B 64 29.22 1.84 -3.53
C VAL B 64 29.80 0.76 -4.43
N GLU B 65 31.09 0.91 -4.76
CA GLU B 65 31.80 -0.01 -5.64
C GLU B 65 31.04 -0.39 -6.91
N PRO B 66 30.60 0.60 -7.70
CA PRO B 66 29.90 0.27 -8.95
C PRO B 66 30.88 -0.14 -10.03
N ASP B 67 30.50 -1.18 -10.77
CA ASP B 67 31.19 -1.50 -12.01
C ASP B 67 30.55 -0.78 -13.19
N VAL B 68 29.23 -0.63 -13.17
CA VAL B 68 28.48 0.08 -14.21
C VAL B 68 27.48 1.01 -13.52
N LEU B 69 27.42 2.25 -13.98
CA LEU B 69 26.43 3.22 -13.53
C LEU B 69 25.58 3.59 -14.75
N ALA B 70 24.32 3.19 -14.75
CA ALA B 70 23.43 3.39 -15.88
C ALA B 70 22.42 4.48 -15.55
N LEU B 71 22.38 5.53 -16.38
CA LEU B 71 21.56 6.71 -16.14
C LEU B 71 20.48 6.82 -17.21
N SER B 72 19.23 6.87 -16.77
CA SER B 72 18.08 7.02 -17.67
C SER B 72 17.68 8.49 -17.65
N CYS B 73 17.99 9.22 -18.71
CA CYS B 73 18.02 10.68 -18.67
C CYS B 73 16.83 11.28 -19.41
N TYR B 74 16.08 12.11 -18.71
CA TYR B 74 14.98 12.89 -19.26
C TYR B 74 15.20 14.34 -18.88
N VAL B 75 14.37 15.23 -19.44
CA VAL B 75 14.50 16.65 -19.14
C VAL B 75 14.34 16.92 -17.64
N TRP B 76 13.67 16.04 -16.89
CA TRP B 76 13.44 16.28 -15.48
C TRP B 76 14.52 15.72 -14.56
N ASN B 77 15.55 15.03 -15.10
CA ASN B 77 16.58 14.50 -14.21
C ASN B 77 17.97 14.55 -14.80
N PHE B 78 18.16 15.21 -15.96
CA PHE B 78 19.46 15.15 -16.63
C PHE B 78 20.56 15.77 -15.78
N ARG B 79 20.32 16.96 -15.23
CA ARG B 79 21.36 17.68 -14.51
C ARG B 79 21.76 16.97 -13.23
N ARG B 80 20.78 16.54 -12.44
CA ARG B 80 21.10 15.86 -11.19
C ARG B 80 21.80 14.54 -11.45
N GLN B 81 21.43 13.84 -12.52
CA GLN B 81 22.08 12.56 -12.78
C GLN B 81 23.48 12.74 -13.36
N MET B 82 23.72 13.82 -14.11
CA MET B 82 25.09 14.14 -14.50
C MET B 82 25.94 14.43 -13.26
N LYS B 83 25.37 15.14 -12.28
CA LYS B 83 26.12 15.44 -11.06
C LYS B 83 26.44 14.18 -10.27
N VAL B 84 25.48 13.26 -10.18
CA VAL B 84 25.74 11.98 -9.52
C VAL B 84 26.88 11.25 -10.21
N ALA B 85 26.84 11.21 -11.54
CA ALA B 85 27.91 10.53 -12.29
C ALA B 85 29.26 11.18 -12.03
N LYS B 86 29.30 12.51 -11.98
CA LYS B 86 30.55 13.20 -11.70
C LYS B 86 31.11 12.78 -10.34
N LEU B 87 30.26 12.77 -9.31
CA LEU B 87 30.70 12.40 -7.97
C LEU B 87 31.13 10.93 -7.91
N VAL B 88 30.37 10.04 -8.55
CA VAL B 88 30.73 8.62 -8.52
C VAL B 88 32.02 8.38 -9.29
N LYS B 89 32.18 9.03 -10.44
CA LYS B 89 33.39 8.84 -11.24
C LYS B 89 34.64 9.32 -10.50
N GLU B 90 34.52 10.38 -9.69
CA GLU B 90 35.65 10.82 -8.88
C GLU B 90 36.11 9.70 -7.95
N ARG B 91 35.16 9.02 -7.32
CA ARG B 91 35.48 7.96 -6.36
C ARG B 91 35.88 6.66 -7.04
N TYR B 92 35.39 6.41 -8.25
CA TYR B 92 35.63 5.16 -8.96
C TYR B 92 36.04 5.42 -10.39
N PRO B 93 37.34 5.60 -10.65
CA PRO B 93 37.79 5.92 -12.01
C PRO B 93 37.44 4.88 -13.05
N ASN B 94 37.13 3.64 -12.66
CA ASN B 94 36.92 2.56 -13.61
C ASN B 94 35.46 2.15 -13.74
N VAL B 95 34.53 2.87 -13.12
CA VAL B 95 33.13 2.58 -13.35
C VAL B 95 32.78 2.98 -14.78
N LEU B 96 31.97 2.16 -15.44
CA LEU B 96 31.46 2.50 -16.77
C LEU B 96 30.18 3.29 -16.60
N VAL B 97 30.20 4.56 -16.99
CA VAL B 97 29.04 5.44 -16.88
C VAL B 97 28.37 5.47 -18.25
N VAL B 98 27.15 4.93 -18.33
CA VAL B 98 26.39 4.93 -19.58
C VAL B 98 25.09 5.68 -19.35
N ALA B 99 24.78 6.61 -20.25
CA ALA B 99 23.57 7.41 -20.19
C ALA B 99 22.72 7.12 -21.42
N GLY B 100 21.44 6.85 -21.18
CA GLY B 100 20.48 6.67 -22.26
C GLY B 100 19.26 7.53 -21.99
N GLY B 101 18.23 7.39 -22.81
CA GLY B 101 17.03 8.19 -22.66
C GLY B 101 16.94 9.32 -23.66
N PRO B 102 15.75 9.91 -23.77
CA PRO B 102 15.52 10.91 -24.82
C PRO B 102 16.24 12.23 -24.61
N HIS B 103 16.82 12.48 -23.43
CA HIS B 103 17.58 13.71 -23.30
C HIS B 103 19.02 13.57 -23.79
N VAL B 104 19.47 12.35 -24.09
CA VAL B 104 20.78 12.13 -24.70
C VAL B 104 20.72 12.59 -26.15
N PRO B 105 21.62 13.48 -26.59
CA PRO B 105 21.53 14.01 -27.95
C PRO B 105 21.87 12.95 -28.99
N ASP B 106 21.08 12.93 -30.08
CA ASP B 106 21.37 12.05 -31.20
C ASP B 106 22.75 12.31 -31.79
N ARG B 107 23.15 13.57 -31.84
CA ARG B 107 24.49 13.95 -32.30
C ARG B 107 25.27 14.46 -31.10
N PRO B 108 26.13 13.66 -30.48
CA PRO B 108 26.73 14.07 -29.21
C PRO B 108 27.62 15.30 -29.32
N GLY B 109 28.33 15.46 -30.42
CA GLY B 109 29.16 16.64 -30.58
C GLY B 109 30.19 16.74 -29.48
N ASN B 110 30.14 17.82 -28.70
CA ASN B 110 31.10 18.08 -27.63
C ASN B 110 30.55 17.64 -26.28
N PHE B 111 29.62 16.68 -26.26
CA PHE B 111 28.99 16.27 -25.01
C PHE B 111 30.02 15.87 -23.96
N PHE B 112 31.03 15.08 -24.36
CA PHE B 112 32.00 14.61 -23.38
C PHE B 112 32.99 15.68 -22.96
N GLU B 113 33.08 16.80 -23.69
CA GLU B 113 33.83 17.94 -23.16
C GLU B 113 33.11 18.55 -21.98
N LYS B 114 31.79 18.68 -22.06
CA LYS B 114 31.00 19.20 -20.95
C LYS B 114 30.81 18.17 -19.86
N HIS B 115 30.80 16.87 -20.20
CA HIS B 115 30.54 15.79 -19.25
C HIS B 115 31.58 14.70 -19.42
N PRO B 116 32.83 14.97 -19.04
CA PRO B 116 33.89 13.97 -19.23
C PRO B 116 33.79 12.77 -18.32
N TYR B 117 32.91 12.81 -17.32
CA TYR B 117 32.67 11.70 -16.41
C TYR B 117 31.69 10.67 -16.98
N VAL B 118 31.12 10.93 -18.16
CA VAL B 118 30.28 9.96 -18.85
C VAL B 118 31.14 9.22 -19.88
N ASP B 119 30.90 7.93 -20.05
CA ASP B 119 31.72 7.11 -20.91
C ASP B 119 31.02 6.65 -22.19
N VAL B 120 29.72 6.38 -22.13
CA VAL B 120 28.97 5.85 -23.26
C VAL B 120 27.60 6.53 -23.28
N LEU B 121 27.16 6.93 -24.48
CA LEU B 121 25.80 7.43 -24.69
C LEU B 121 25.04 6.42 -25.52
N ALA B 122 23.86 6.03 -25.06
CA ALA B 122 22.99 5.13 -25.81
C ALA B 122 21.89 5.95 -26.48
N HIS B 123 21.64 5.69 -27.76
CA HIS B 123 20.72 6.47 -28.57
C HIS B 123 19.46 5.66 -28.82
N GLY B 124 18.30 6.20 -28.41
CA GLY B 124 17.05 5.52 -28.67
C GLY B 124 16.89 4.25 -27.86
N GLU B 125 16.07 3.33 -28.39
CA GLU B 125 15.81 2.05 -27.73
C GLU B 125 17.11 1.38 -27.31
N GLY B 126 17.19 0.99 -26.04
CA GLY B 126 18.47 0.65 -25.45
C GLY B 126 18.75 -0.80 -25.17
N GLU B 127 17.76 -1.69 -25.34
CA GLU B 127 17.93 -3.09 -24.94
C GLU B 127 19.17 -3.72 -25.57
N VAL B 128 19.30 -3.62 -26.90
CA VAL B 128 20.38 -4.32 -27.57
C VAL B 128 21.73 -3.73 -27.18
N ALA B 129 21.84 -2.40 -27.20
CA ALA B 129 23.10 -1.74 -26.89
C ALA B 129 23.55 -2.04 -25.47
N PHE B 130 22.63 -2.00 -24.51
CA PHE B 130 23.03 -2.23 -23.12
C PHE B 130 23.55 -3.65 -22.94
N ARG B 131 22.88 -4.64 -23.55
CA ARG B 131 23.35 -6.01 -23.45
C ARG B 131 24.72 -6.18 -24.08
N GLU B 132 24.94 -5.57 -25.26
CA GLU B 132 26.25 -5.68 -25.92
C GLU B 132 27.34 -5.01 -25.08
N LEU B 133 27.00 -3.89 -24.44
CA LEU B 133 27.95 -3.22 -23.56
C LEU B 133 28.39 -4.14 -22.42
N LEU B 134 27.42 -4.71 -21.70
CA LEU B 134 27.77 -5.57 -20.57
C LEU B 134 28.50 -6.82 -21.04
N ALA B 135 28.12 -7.36 -22.21
CA ALA B 135 28.79 -8.56 -22.70
C ALA B 135 30.25 -8.30 -23.04
N THR B 136 30.53 -7.23 -23.80
CA THR B 136 31.91 -6.95 -24.18
C THR B 136 32.76 -6.57 -22.96
N ARG B 137 32.16 -5.96 -21.94
CA ARG B 137 32.91 -5.64 -20.73
C ARG B 137 33.41 -6.90 -20.01
N LEU B 138 32.75 -8.04 -20.22
CA LEU B 138 33.20 -9.32 -19.68
C LEU B 138 34.25 -10.00 -20.56
N SER B 139 34.51 -9.47 -21.74
CA SER B 139 35.41 -10.10 -22.69
C SER B 139 36.87 -9.96 -22.24
N ASP B 140 37.71 -10.86 -22.76
CA ASP B 140 39.14 -10.72 -22.57
C ASP B 140 39.68 -9.48 -23.28
N HIS B 141 38.99 -9.04 -24.32
CA HIS B 141 39.35 -7.83 -25.05
C HIS B 141 38.09 -7.00 -25.27
N PRO B 142 37.69 -6.20 -24.28
CA PRO B 142 36.50 -5.36 -24.46
C PRO B 142 36.66 -4.44 -25.66
N ASP B 143 35.57 -4.33 -26.44
CA ASP B 143 35.56 -3.57 -27.69
C ASP B 143 34.34 -2.64 -27.68
N TYR B 144 34.47 -1.50 -26.99
CA TYR B 144 33.32 -0.63 -26.84
C TYR B 144 32.94 0.07 -28.14
N THR B 145 33.90 0.26 -29.04
CA THR B 145 33.62 0.93 -30.30
C THR B 145 32.95 0.01 -31.32
N ALA B 146 32.68 -1.24 -30.98
CA ALA B 146 31.91 -2.12 -31.83
C ALA B 146 30.43 -2.21 -31.43
N VAL B 147 30.06 -1.62 -30.30
CA VAL B 147 28.69 -1.68 -29.78
C VAL B 147 27.77 -0.84 -30.65
N PRO B 148 26.71 -1.41 -31.22
CA PRO B 148 25.80 -0.63 -32.05
C PRO B 148 24.88 0.25 -31.22
N GLY B 149 24.55 1.42 -31.79
CA GLY B 149 23.60 2.30 -31.17
C GLY B 149 24.11 3.11 -30.00
N VAL B 150 25.43 3.28 -29.90
CA VAL B 150 26.02 4.08 -28.83
C VAL B 150 27.08 5.00 -29.42
N SER B 151 27.43 6.01 -28.64
CA SER B 151 28.61 6.84 -28.88
C SER B 151 29.54 6.66 -27.68
N VAL B 152 30.83 6.48 -27.96
CA VAL B 152 31.82 6.13 -26.94
C VAL B 152 32.80 7.28 -26.78
N ARG B 153 33.10 7.64 -25.54
CA ARG B 153 34.04 8.71 -25.26
C ARG B 153 35.47 8.21 -25.50
N ARG B 154 36.25 9.01 -26.23
CA ARG B 154 37.69 8.78 -26.39
C ARG B 154 38.38 10.10 -26.08
N GLY B 155 39.03 10.19 -24.92
CA GLY B 155 39.46 11.47 -24.41
C GLY B 155 38.26 12.31 -24.06
N THR B 156 38.00 13.35 -24.85
CA THR B 156 36.74 14.08 -24.78
C THR B 156 36.00 14.07 -26.11
N GLU B 157 36.45 13.27 -27.07
CA GLU B 157 35.77 13.13 -28.35
C GLU B 157 34.72 12.04 -28.27
N ALA B 158 33.66 12.21 -29.04
CA ALA B 158 32.56 11.25 -29.11
C ALA B 158 32.71 10.42 -30.38
N VAL B 159 32.99 9.13 -30.23
CA VAL B 159 33.11 8.23 -31.37
C VAL B 159 31.75 7.59 -31.61
N VAL B 160 31.12 7.93 -32.74
CA VAL B 160 29.80 7.38 -33.05
C VAL B 160 29.95 5.93 -33.47
N GLY B 161 29.20 5.04 -32.80
CA GLY B 161 29.29 3.63 -33.11
C GLY B 161 28.44 3.25 -34.31
N PRO B 162 28.40 1.95 -34.60
CA PRO B 162 27.53 1.46 -35.66
C PRO B 162 26.08 1.84 -35.41
N LYS B 163 25.29 1.79 -36.49
CA LYS B 163 23.88 2.17 -36.40
C LYS B 163 23.17 1.32 -35.35
N ALA B 164 22.20 1.93 -34.68
CA ALA B 164 21.47 1.23 -33.62
C ALA B 164 20.72 0.04 -34.19
N LYS B 165 20.71 -1.04 -33.43
CA LYS B 165 19.89 -2.21 -33.75
C LYS B 165 18.64 -2.15 -32.89
N ARG B 166 17.50 -2.37 -33.51
CA ARG B 166 16.22 -2.30 -32.82
C ARG B 166 15.67 -3.70 -32.65
N LEU B 167 14.83 -3.86 -31.63
CA LEU B 167 14.12 -5.12 -31.44
C LEU B 167 13.20 -5.38 -32.63
N PRO B 168 12.82 -6.63 -32.87
CA PRO B 168 12.08 -6.96 -34.08
C PRO B 168 10.66 -6.41 -34.05
N ARG B 169 10.03 -6.48 -35.22
CA ARG B 169 8.67 -5.99 -35.38
CA ARG B 169 8.66 -6.00 -35.39
C ARG B 169 7.74 -6.54 -34.31
N LEU B 170 7.92 -7.79 -33.93
CA LEU B 170 7.20 -8.40 -32.82
C LEU B 170 8.21 -8.53 -31.67
N ILE B 171 8.02 -7.73 -30.63
CA ILE B 171 8.97 -7.66 -29.53
C ILE B 171 8.69 -8.81 -28.57
N ASP B 172 9.62 -9.76 -28.50
CA ASP B 172 9.53 -10.95 -27.67
C ASP B 172 10.69 -10.91 -26.68
N THR B 173 10.51 -10.21 -25.57
CA THR B 173 11.55 -9.96 -24.59
C THR B 173 11.03 -10.27 -23.20
N PRO B 174 11.93 -10.39 -22.21
CA PRO B 174 11.48 -10.65 -20.84
C PRO B 174 10.69 -9.50 -20.25
N SER B 175 9.79 -9.84 -19.32
CA SER B 175 9.02 -8.84 -18.60
C SER B 175 9.61 -8.63 -17.22
N PRO B 176 10.07 -7.41 -16.91
CA PRO B 176 10.60 -7.17 -15.55
C PRO B 176 9.54 -7.35 -14.47
N TYR B 177 8.27 -7.07 -14.78
CA TYR B 177 7.20 -7.33 -13.82
C TYR B 177 7.09 -8.81 -13.51
N LEU B 178 6.96 -9.64 -14.54
CA LEU B 178 6.77 -11.07 -14.33
C LEU B 178 7.98 -11.71 -13.68
N LEU B 179 9.18 -11.20 -13.95
CA LEU B 179 10.40 -11.77 -13.39
C LEU B 179 10.71 -11.27 -11.98
N GLY B 180 9.90 -10.37 -11.44
CA GLY B 180 10.03 -9.95 -10.07
C GLY B 180 11.00 -8.83 -9.78
N VAL B 181 11.65 -8.26 -10.80
CA VAL B 181 12.65 -7.22 -10.54
C VAL B 181 12.04 -5.85 -10.32
N MET B 182 10.70 -5.73 -10.40
CA MET B 182 10.01 -4.51 -10.00
C MET B 182 9.46 -4.60 -8.58
N ASP B 183 9.60 -5.75 -7.92
CA ASP B 183 8.99 -5.94 -6.60
C ASP B 183 9.56 -4.98 -5.57
N GLY B 184 10.87 -4.78 -5.57
CA GLY B 184 11.47 -3.90 -4.57
C GLY B 184 10.98 -2.48 -4.71
N ALA B 185 10.81 -2.02 -5.94
CA ALA B 185 10.35 -0.67 -6.17
C ALA B 185 8.90 -0.49 -5.72
N VAL B 186 8.06 -1.48 -6.01
CA VAL B 186 6.66 -1.42 -5.55
C VAL B 186 6.62 -1.36 -4.03
N ALA B 187 7.41 -2.20 -3.38
CA ALA B 187 7.42 -2.24 -1.92
C ALA B 187 7.89 -0.91 -1.33
N THR B 188 8.90 -0.30 -1.94
CA THR B 188 9.40 0.98 -1.45
C THR B 188 8.31 2.05 -1.48
N CYS B 189 7.59 2.15 -2.60
CA CYS B 189 6.50 3.13 -2.68
C CYS B 189 5.45 2.86 -1.61
N ARG B 190 5.04 1.59 -1.47
CA ARG B 190 4.01 1.25 -0.51
C ARG B 190 4.48 1.49 0.92
N GLU B 191 5.73 1.13 1.23
CA GLU B 191 6.31 1.40 2.54
C GLU B 191 6.20 2.87 2.91
N ARG B 192 6.43 3.75 1.95
CA ARG B 192 6.49 5.19 2.20
C ARG B 192 5.14 5.88 2.01
N GLY B 193 4.07 5.13 1.79
CA GLY B 193 2.75 5.70 1.64
C GLY B 193 2.55 6.51 0.38
N LEU B 194 3.29 6.20 -0.68
CA LEU B 194 3.31 7.01 -1.89
C LEU B 194 2.39 6.39 -2.95
N ARG B 195 1.45 7.19 -3.45
CA ARG B 195 0.77 6.80 -4.67
C ARG B 195 1.78 6.76 -5.80
N PHE B 196 1.68 5.75 -6.66
CA PHE B 196 2.69 5.56 -7.70
C PHE B 196 2.02 5.02 -8.96
N TYR B 197 2.71 5.20 -10.08
CA TYR B 197 2.27 4.66 -11.36
C TYR B 197 3.17 3.50 -11.77
N ALA B 198 2.55 2.41 -12.21
CA ALA B 198 3.28 1.39 -12.93
C ALA B 198 3.29 1.75 -14.41
N LEU B 199 4.48 1.81 -15.00
CA LEU B 199 4.62 2.13 -16.41
C LEU B 199 4.48 0.86 -17.23
N TRP B 200 3.80 0.97 -18.38
CA TRP B 200 3.48 -0.20 -19.19
C TRP B 200 3.45 0.21 -20.66
N GLU B 201 4.03 -0.63 -21.51
CA GLU B 201 4.01 -0.44 -22.96
C GLU B 201 3.29 -1.61 -23.61
N THR B 202 2.38 -1.32 -24.55
CA THR B 202 1.85 -2.39 -25.40
C THR B 202 2.44 -2.37 -26.80
N ASN B 203 2.95 -1.22 -27.25
CA ASN B 203 3.67 -1.15 -28.51
C ASN B 203 4.64 0.02 -28.42
N ARG B 204 5.48 0.16 -29.43
CA ARG B 204 6.45 1.24 -29.47
C ARG B 204 6.36 1.96 -30.80
N GLY B 205 6.41 3.28 -30.76
CA GLY B 205 6.45 4.09 -31.96
C GLY B 205 5.20 4.94 -32.13
N CYS B 206 5.35 6.00 -32.91
CA CYS B 206 4.23 6.75 -33.43
C CYS B 206 4.44 6.94 -34.93
N PRO B 207 3.44 6.66 -35.76
CA PRO B 207 3.62 6.78 -37.21
C PRO B 207 3.59 8.22 -37.71
N TYR B 208 3.22 9.18 -36.87
CA TYR B 208 3.01 10.56 -37.31
C TYR B 208 4.28 11.38 -37.11
N SER B 209 4.19 12.71 -37.27
CA SER B 209 5.41 13.49 -37.48
C SER B 209 5.33 14.90 -36.89
N CYS B 210 4.59 15.10 -35.80
CA CYS B 210 4.50 16.43 -35.20
C CYS B 210 5.88 16.91 -34.80
N SER B 211 6.27 18.10 -35.30
CA SER B 211 7.68 18.49 -35.24
C SER B 211 8.16 18.76 -33.82
N PHE B 212 7.25 19.13 -32.91
CA PHE B 212 7.61 19.41 -31.52
C PHE B 212 7.85 18.14 -30.72
N CYS B 213 7.45 16.98 -31.22
CA CYS B 213 7.33 15.78 -30.41
C CYS B 213 8.53 14.86 -30.59
N ASP B 214 8.81 14.07 -29.56
CA ASP B 214 9.85 13.03 -29.59
C ASP B 214 9.38 11.78 -28.87
N TRP B 215 8.09 11.43 -29.04
CA TRP B 215 7.46 10.36 -28.27
C TRP B 215 8.23 9.05 -28.36
N GLY B 216 8.72 8.59 -27.21
CA GLY B 216 9.44 7.33 -27.14
C GLY B 216 10.67 7.28 -28.02
N SER B 217 11.24 8.43 -28.39
CA SER B 217 12.35 8.48 -29.34
C SER B 217 12.03 7.72 -30.62
N ALA B 218 10.77 7.76 -31.04
CA ALA B 218 10.33 6.89 -32.13
C ALA B 218 9.10 7.42 -32.86
N THR B 219 9.05 8.74 -33.09
CA THR B 219 8.04 9.26 -33.99
C THR B 219 8.47 8.98 -35.44
N MET B 220 7.55 9.21 -36.38
CA MET B 220 7.80 8.97 -37.80
C MET B 220 8.27 7.53 -38.05
N SER B 221 7.71 6.58 -37.30
CA SER B 221 8.26 5.23 -37.26
C SER B 221 7.17 4.18 -37.46
N THR B 222 7.59 3.03 -37.98
CA THR B 222 6.71 1.86 -38.07
C THR B 222 6.52 1.26 -36.68
N LEU B 223 5.27 0.96 -36.33
CA LEU B 223 4.95 0.48 -34.99
C LEU B 223 5.43 -0.94 -34.79
N ARG B 224 5.88 -1.25 -33.58
CA ARG B 224 6.29 -2.59 -33.18
C ARG B 224 5.53 -2.96 -31.92
N LYS B 225 5.02 -4.20 -31.88
CA LYS B 225 4.11 -4.63 -30.83
C LYS B 225 4.82 -5.57 -29.86
N PHE B 226 4.52 -5.42 -28.58
CA PHE B 226 4.90 -6.45 -27.62
C PHE B 226 3.99 -7.66 -27.79
N GLU B 227 4.56 -8.84 -27.61
CA GLU B 227 3.87 -10.10 -27.88
C GLU B 227 2.63 -10.25 -26.99
N ASP B 228 1.58 -10.88 -27.56
CA ASP B 228 0.28 -10.98 -26.90
C ASP B 228 0.38 -11.60 -25.52
N GLU B 229 1.07 -12.74 -25.43
CA GLU B 229 1.05 -13.51 -24.18
C GLU B 229 1.75 -12.76 -23.06
N ARG B 230 2.83 -12.05 -23.37
CA ARG B 230 3.48 -11.23 -22.36
C ARG B 230 2.53 -10.17 -21.80
N LEU B 231 1.78 -9.49 -22.68
CA LEU B 231 0.84 -8.46 -22.22
C LEU B 231 -0.29 -9.06 -21.39
N GLN B 232 -0.81 -10.21 -21.81
CA GLN B 232 -1.89 -10.85 -21.05
C GLN B 232 -1.40 -11.26 -19.66
N ASP B 233 -0.19 -11.81 -19.58
CA ASP B 233 0.37 -12.19 -18.29
C ASP B 233 0.60 -10.97 -17.40
N GLU B 234 1.00 -9.85 -18.01
CA GLU B 234 1.26 -8.65 -17.21
C GLU B 234 -0.03 -8.05 -16.68
N ILE B 235 -1.10 -8.09 -17.48
CA ILE B 235 -2.40 -7.64 -16.98
C ILE B 235 -2.79 -8.43 -15.74
N GLU B 236 -2.64 -9.76 -15.80
CA GLU B 236 -2.97 -10.58 -14.65
C GLU B 236 -2.05 -10.28 -13.47
N TRP B 237 -0.76 -10.04 -13.75
CA TRP B 237 0.18 -9.71 -12.68
C TRP B 237 -0.23 -8.41 -11.98
N PHE B 238 -0.55 -7.37 -12.74
CA PHE B 238 -1.04 -6.13 -12.14
C PHE B 238 -2.25 -6.39 -11.25
N ALA B 239 -3.20 -7.18 -11.74
CA ALA B 239 -4.42 -7.42 -10.99
C ALA B 239 -4.16 -8.21 -9.73
N ARG B 240 -3.37 -9.28 -9.83
CA ARG B 240 -3.12 -10.12 -8.66
C ARG B 240 -2.24 -9.44 -7.61
N HIS B 241 -1.45 -8.44 -8.00
CA HIS B 241 -0.62 -7.72 -7.05
C HIS B 241 -1.20 -6.37 -6.63
N ASP B 242 -2.48 -6.12 -6.92
CA ASP B 242 -3.20 -4.93 -6.46
C ASP B 242 -2.52 -3.64 -6.90
N VAL B 243 -1.98 -3.63 -8.12
CA VAL B 243 -1.37 -2.44 -8.68
C VAL B 243 -2.51 -1.52 -9.13
N GLU B 244 -2.67 -0.39 -8.43
CA GLU B 244 -3.86 0.44 -8.59
C GLU B 244 -3.78 1.40 -9.78
N ASP B 245 -2.60 1.98 -10.03
CA ASP B 245 -2.47 3.07 -11.00
C ASP B 245 -1.53 2.65 -12.13
N LEU B 246 -2.06 2.60 -13.35
CA LEU B 246 -1.31 2.14 -14.50
C LEU B 246 -1.15 3.28 -15.49
N PHE B 247 0.08 3.52 -15.95
CA PHE B 247 0.36 4.52 -16.97
C PHE B 247 0.82 3.78 -18.22
N ILE B 248 0.00 3.77 -19.24
CA ILE B 248 0.34 3.15 -20.51
C ILE B 248 1.03 4.19 -21.39
N CYS B 249 2.19 3.83 -21.93
CA CYS B 249 3.05 4.77 -22.63
C CYS B 249 2.73 4.92 -24.11
N ASP B 250 1.75 4.19 -24.63
CA ASP B 250 1.49 4.17 -26.06
C ASP B 250 1.22 5.59 -26.58
N ALA B 251 1.63 5.84 -27.82
CA ALA B 251 1.38 7.14 -28.43
C ALA B 251 -0.06 7.32 -28.85
N ASN B 252 -0.73 6.24 -29.31
CA ASN B 252 -2.05 6.35 -29.93
C ASN B 252 -2.92 5.15 -29.50
N PHE B 253 -3.28 5.08 -28.23
CA PHE B 253 -4.04 3.92 -27.78
C PHE B 253 -5.40 3.88 -28.49
N GLY B 254 -5.72 2.71 -29.04
CA GLY B 254 -6.85 2.56 -29.92
C GLY B 254 -6.48 2.49 -31.39
N ILE B 255 -5.24 2.81 -31.75
CA ILE B 255 -4.86 2.77 -33.16
C ILE B 255 -4.81 1.33 -33.67
N MET B 256 -4.59 0.37 -32.77
CA MET B 256 -4.51 -1.03 -33.18
C MET B 256 -5.75 -1.80 -32.73
N PRO B 257 -6.25 -2.73 -33.55
CA PRO B 257 -7.45 -3.49 -33.17
C PRO B 257 -7.33 -4.18 -31.81
N ARG B 258 -6.15 -4.71 -31.49
CA ARG B 258 -6.02 -5.43 -30.22
C ARG B 258 -6.11 -4.50 -29.01
N ASP B 259 -6.03 -3.19 -29.20
CA ASP B 259 -6.14 -2.28 -28.06
C ASP B 259 -7.49 -2.41 -27.38
N LEU B 260 -8.54 -2.75 -28.15
CA LEU B 260 -9.85 -2.95 -27.54
C LEU B 260 -9.86 -4.22 -26.67
N GLU B 261 -9.20 -5.29 -27.13
CA GLU B 261 -9.10 -6.49 -26.30
C GLU B 261 -8.32 -6.22 -25.03
N ILE B 262 -7.22 -5.48 -25.15
CA ILE B 262 -6.46 -5.07 -23.97
C ILE B 262 -7.35 -4.28 -23.02
N ALA B 263 -8.16 -3.37 -23.56
CA ALA B 263 -9.03 -2.55 -22.72
C ALA B 263 -10.05 -3.40 -21.97
N HIS B 264 -10.64 -4.38 -22.65
CA HIS B 264 -11.61 -5.26 -21.97
C HIS B 264 -10.94 -6.10 -20.89
N ALA B 265 -9.72 -6.59 -21.16
CA ALA B 265 -9.02 -7.39 -20.16
C ALA B 265 -8.75 -6.59 -18.89
N LEU B 266 -8.41 -5.31 -19.04
CA LEU B 266 -8.17 -4.46 -17.87
C LEU B 266 -9.46 -4.18 -17.12
N ALA B 267 -10.56 -3.93 -17.86
CA ALA B 267 -11.84 -3.70 -17.19
C ALA B 267 -12.29 -4.93 -16.43
N GLU B 268 -12.08 -6.11 -17.00
CA GLU B 268 -12.47 -7.35 -16.33
C GLU B 268 -11.59 -7.61 -15.11
N ALA B 269 -10.32 -7.22 -15.16
CA ALA B 269 -9.45 -7.36 -13.99
C ALA B 269 -9.95 -6.50 -12.84
N ARG B 270 -10.31 -5.25 -13.11
CA ARG B 270 -10.86 -4.40 -12.06
C ARG B 270 -12.14 -5.00 -11.50
N GLY B 271 -13.00 -5.53 -12.37
CA GLY B 271 -14.26 -6.07 -11.88
C GLY B 271 -14.08 -7.31 -11.04
N GLU B 272 -13.18 -8.21 -11.45
CA GLU B 272 -13.03 -9.50 -10.80
C GLU B 272 -12.04 -9.48 -9.64
N LEU B 273 -10.97 -8.67 -9.72
CA LEU B 273 -9.95 -8.66 -8.68
C LEU B 273 -9.73 -7.31 -8.04
N GLY B 274 -10.35 -6.24 -8.55
CA GLY B 274 -10.27 -4.93 -7.94
C GLY B 274 -9.11 -4.06 -8.36
N ALA B 275 -8.27 -4.52 -9.28
CA ALA B 275 -7.12 -3.73 -9.70
C ALA B 275 -6.85 -4.03 -11.17
N PRO B 276 -6.35 -3.05 -11.93
CA PRO B 276 -6.08 -1.66 -11.51
C PRO B 276 -7.38 -0.87 -11.31
N ARG B 277 -7.30 0.29 -10.67
CA ARG B 277 -8.47 1.14 -10.55
C ARG B 277 -8.43 2.39 -11.42
N GLN B 278 -7.24 2.80 -11.88
CA GLN B 278 -7.11 3.96 -12.76
C GLN B 278 -6.06 3.64 -13.82
N VAL B 279 -6.36 3.95 -15.08
CA VAL B 279 -5.44 3.74 -16.19
C VAL B 279 -5.28 5.06 -16.94
N ARG B 280 -4.05 5.53 -17.04
CA ARG B 280 -3.73 6.75 -17.78
C ARG B 280 -3.11 6.37 -19.12
N VAL B 281 -3.61 6.95 -20.21
CA VAL B 281 -3.05 6.67 -21.52
C VAL B 281 -3.42 7.81 -22.47
N ASN B 282 -2.58 8.00 -23.48
CA ASN B 282 -2.86 8.92 -24.58
C ASN B 282 -3.58 8.16 -25.70
N PHE B 283 -4.76 8.65 -26.08
CA PHE B 283 -5.57 7.99 -27.10
C PHE B 283 -5.26 8.52 -28.50
N ALA B 284 -5.60 7.70 -29.50
CA ALA B 284 -5.13 7.88 -30.87
C ALA B 284 -5.54 9.22 -31.46
N LYS B 285 -4.63 9.79 -32.26
CA LYS B 285 -4.88 11.09 -32.88
C LYS B 285 -6.11 11.06 -33.78
N ASN B 286 -6.19 10.08 -34.69
CA ASN B 286 -7.39 9.95 -35.53
C ASN B 286 -8.44 9.20 -34.74
N SER B 287 -9.09 9.92 -33.82
CA SER B 287 -10.05 9.32 -32.90
C SER B 287 -11.20 8.68 -33.67
N ASN B 288 -11.60 7.48 -33.24
CA ASN B 288 -12.48 6.66 -34.06
C ASN B 288 -13.41 5.84 -33.15
N ASP B 289 -14.13 4.89 -33.77
CA ASP B 289 -15.06 4.04 -33.02
C ASP B 289 -14.33 3.19 -31.99
N ARG B 290 -13.13 2.71 -32.32
CA ARG B 290 -12.42 1.87 -31.37
C ARG B 290 -12.03 2.65 -30.12
N VAL B 291 -11.59 3.91 -30.29
CA VAL B 291 -11.32 4.75 -29.13
C VAL B 291 -12.57 4.91 -28.27
N PHE B 292 -13.72 5.14 -28.91
CA PHE B 292 -14.96 5.25 -28.16
C PHE B 292 -15.28 3.96 -27.42
N ASP B 293 -15.16 2.81 -28.10
CA ASP B 293 -15.46 1.53 -27.45
C ASP B 293 -14.53 1.30 -26.26
N ILE B 294 -13.26 1.62 -26.40
CA ILE B 294 -12.33 1.52 -25.27
C ILE B 294 -12.80 2.44 -24.15
N SER B 295 -13.10 3.70 -24.49
CA SER B 295 -13.47 4.68 -23.48
C SER B 295 -14.74 4.27 -22.76
N LYS B 296 -15.73 3.74 -23.50
CA LYS B 296 -16.96 3.27 -22.88
C LYS B 296 -16.69 2.11 -21.94
N THR B 297 -15.84 1.17 -22.36
CA THR B 297 -15.48 0.04 -21.51
C THR B 297 -14.84 0.52 -20.21
N TRP B 298 -13.93 1.48 -20.29
CA TRP B 298 -13.25 1.96 -19.09
C TRP B 298 -14.13 2.91 -18.28
N HIS B 299 -15.05 3.64 -18.93
CA HIS B 299 -16.00 4.44 -18.17
C HIS B 299 -16.88 3.56 -17.28
N ASP B 300 -17.37 2.45 -17.83
CA ASP B 300 -18.20 1.53 -17.04
C ASP B 300 -17.43 0.95 -15.86
N ALA B 301 -16.13 0.70 -16.03
CA ALA B 301 -15.30 0.18 -14.96
C ALA B 301 -14.64 1.26 -14.12
N ASP B 302 -14.89 2.54 -14.44
CA ASP B 302 -14.31 3.70 -13.74
C ASP B 302 -12.79 3.69 -13.79
N LEU B 303 -12.22 3.10 -14.85
CA LEU B 303 -10.78 3.15 -15.11
C LEU B 303 -10.37 4.40 -15.89
N LEU B 304 -11.32 5.02 -16.57
CA LEU B 304 -11.01 6.09 -17.51
C LEU B 304 -10.54 7.34 -16.79
N MET B 305 -9.46 7.93 -17.29
CA MET B 305 -8.95 9.21 -16.80
C MET B 305 -9.10 10.30 -17.84
N GLY B 306 -9.86 10.06 -18.90
CA GLY B 306 -10.12 11.09 -19.91
C GLY B 306 -9.67 10.61 -21.28
N THR B 307 -10.55 10.79 -22.26
CA THR B 307 -10.26 10.42 -23.64
C THR B 307 -9.56 11.57 -24.35
N THR B 308 -8.35 11.31 -24.85
CA THR B 308 -7.54 12.32 -25.51
C THR B 308 -8.12 12.66 -26.88
N LEU B 309 -8.52 13.92 -27.06
CA LEU B 309 -8.91 14.45 -28.36
C LEU B 309 -8.10 15.73 -28.59
N SER B 310 -6.79 15.57 -28.73
CA SER B 310 -5.92 16.73 -28.68
C SER B 310 -5.70 17.33 -30.08
N MET B 311 -5.36 18.61 -30.09
CA MET B 311 -5.27 19.39 -31.32
C MET B 311 -3.92 20.05 -31.47
N GLN B 312 -3.32 20.46 -30.35
CA GLN B 312 -2.13 21.30 -30.28
C GLN B 312 -2.40 22.69 -30.83
N SER B 313 -2.94 22.77 -32.04
CA SER B 313 -3.39 24.01 -32.65
C SER B 313 -4.55 23.67 -33.58
N THR B 314 -5.36 24.68 -33.91
CA THR B 314 -6.37 24.51 -34.96
C THR B 314 -6.05 25.36 -36.19
N ASP B 315 -4.98 26.15 -36.16
CA ASP B 315 -4.68 27.04 -37.27
C ASP B 315 -4.02 26.28 -38.40
N MET B 316 -4.51 26.49 -39.62
CA MET B 316 -4.04 25.71 -40.77
C MET B 316 -2.55 25.94 -41.02
N ASP B 317 -2.09 27.18 -40.89
CA ASP B 317 -0.67 27.47 -41.12
C ASP B 317 0.21 26.87 -40.03
N VAL B 318 -0.25 26.90 -38.78
CA VAL B 318 0.51 26.29 -37.69
C VAL B 318 0.64 24.79 -37.92
N LEU B 319 -0.49 24.13 -38.22
CA LEU B 319 -0.48 22.69 -38.40
C LEU B 319 0.40 22.28 -39.57
N GLU B 320 0.40 23.09 -40.65
CA GLU B 320 1.31 22.82 -41.75
C GLU B 320 2.77 22.95 -41.31
N ALA B 321 3.06 23.96 -40.48
CA ALA B 321 4.45 24.20 -40.07
C ALA B 321 4.97 23.12 -39.14
N ILE B 322 4.10 22.51 -38.32
CA ILE B 322 4.55 21.43 -37.45
C ILE B 322 4.20 20.06 -38.02
N ASP B 323 3.65 20.02 -39.23
CA ASP B 323 3.35 18.77 -39.95
C ASP B 323 2.39 17.87 -39.15
N ARG B 324 1.27 18.44 -38.75
CA ARG B 324 0.26 17.68 -38.01
C ARG B 324 -1.08 17.80 -38.71
N LYS B 325 -1.76 16.67 -38.88
CA LYS B 325 -3.13 16.62 -39.37
C LYS B 325 -4.05 16.28 -38.20
N ASN B 326 -5.03 17.14 -37.95
CA ASN B 326 -6.05 16.87 -36.95
C ASN B 326 -7.30 16.30 -37.63
N ILE B 327 -8.16 15.68 -36.81
CA ILE B 327 -9.48 15.33 -37.30
C ILE B 327 -10.24 16.61 -37.60
N GLY B 328 -11.20 16.50 -38.51
CA GLY B 328 -11.98 17.67 -38.88
C GLY B 328 -12.74 18.24 -37.70
N LEU B 329 -12.98 19.55 -37.75
CA LEU B 329 -13.69 20.20 -36.65
C LEU B 329 -15.12 19.67 -36.52
N ASP B 330 -15.76 19.31 -37.63
CA ASP B 330 -17.11 18.77 -37.53
C ASP B 330 -17.10 17.34 -36.97
N ASN B 331 -16.08 16.55 -37.33
CA ASN B 331 -15.96 15.23 -36.71
C ASN B 331 -15.71 15.36 -35.21
N TYR B 332 -14.87 16.33 -34.82
CA TYR B 332 -14.64 16.60 -33.40
C TYR B 332 -15.94 16.97 -32.69
N ARG B 333 -16.77 17.82 -33.31
CA ARG B 333 -18.05 18.17 -32.72
C ARG B 333 -18.94 16.95 -32.53
N LYS B 334 -19.04 16.10 -33.56
CA LYS B 334 -19.84 14.90 -33.45
C LYS B 334 -19.31 13.96 -32.38
N LEU B 335 -17.99 13.84 -32.26
CA LEU B 335 -17.41 13.02 -31.20
C LEU B 335 -17.77 13.57 -29.82
N GLN B 336 -17.64 14.89 -29.63
CA GLN B 336 -17.98 15.47 -28.33
C GLN B 336 -19.43 15.19 -27.96
N GLN B 337 -20.35 15.29 -28.93
CA GLN B 337 -21.75 14.99 -28.64
C GLN B 337 -21.93 13.51 -28.30
N ARG B 338 -21.27 12.63 -29.03
CA ARG B 338 -21.38 11.21 -28.72
C ARG B 338 -20.84 10.90 -27.34
N TYR B 339 -19.69 11.48 -26.98
CA TYR B 339 -19.12 11.26 -25.66
C TYR B 339 -19.98 11.89 -24.56
N ALA B 340 -20.49 13.11 -24.80
CA ALA B 340 -21.30 13.77 -23.78
C ALA B 340 -22.57 12.99 -23.48
N ALA B 341 -23.18 12.39 -24.51
CA ALA B 341 -24.38 11.60 -24.29
C ALA B 341 -24.12 10.39 -23.40
N GLU B 342 -22.87 9.91 -23.36
CA GLU B 342 -22.51 8.77 -22.52
C GLU B 342 -21.87 9.18 -21.21
N ASN B 343 -21.77 10.48 -20.94
CA ASN B 343 -21.10 11.00 -19.74
C ASN B 343 -19.66 10.50 -19.68
N ILE B 344 -18.98 10.47 -20.82
CA ILE B 344 -17.60 10.01 -20.92
C ILE B 344 -16.71 11.25 -21.06
N HIS B 345 -15.79 11.41 -20.12
CA HIS B 345 -14.96 12.61 -20.06
C HIS B 345 -13.92 12.61 -21.18
N THR B 346 -13.82 13.73 -21.89
CA THR B 346 -12.80 13.95 -22.91
C THR B 346 -11.96 15.16 -22.52
N TYR B 347 -10.78 15.27 -23.14
CA TYR B 347 -9.95 16.45 -22.95
C TYR B 347 -9.19 16.73 -24.24
N THR B 348 -8.77 17.98 -24.37
CA THR B 348 -8.06 18.45 -25.56
C THR B 348 -6.87 19.28 -25.14
N GLU B 349 -5.69 18.94 -25.65
CA GLU B 349 -4.48 19.67 -25.33
C GLU B 349 -4.13 20.66 -26.44
N LEU B 350 -3.63 21.82 -26.04
CA LEU B 350 -3.07 22.81 -26.94
C LEU B 350 -1.66 23.13 -26.47
N ILE B 351 -0.82 23.58 -27.39
CA ILE B 351 0.53 24.03 -27.07
C ILE B 351 0.64 25.51 -27.42
N LEU B 352 1.11 26.31 -26.46
CA LEU B 352 1.25 27.74 -26.65
C LEU B 352 2.61 28.05 -27.28
N GLY B 353 2.61 28.91 -28.30
CA GLY B 353 3.85 29.34 -28.90
C GLY B 353 4.36 28.49 -30.03
N LEU B 354 3.48 27.71 -30.68
CA LEU B 354 3.89 26.92 -31.83
C LEU B 354 4.26 27.84 -32.99
N PRO B 355 5.13 27.37 -33.88
CA PRO B 355 5.44 28.14 -35.10
C PRO B 355 4.19 28.68 -35.78
N MET B 356 4.23 29.98 -36.07
CA MET B 356 3.25 30.75 -36.84
C MET B 356 1.96 31.04 -36.08
N GLU B 357 1.83 30.63 -34.81
CA GLU B 357 0.60 30.89 -34.07
C GLU B 357 0.60 32.34 -33.59
N THR B 358 -0.47 33.06 -33.89
CA THR B 358 -0.67 34.41 -33.37
C THR B 358 -1.63 34.38 -32.19
N ALA B 359 -1.63 35.48 -31.43
CA ALA B 359 -2.63 35.63 -30.37
C ALA B 359 -4.03 35.49 -30.93
N ARG B 360 -4.26 35.99 -32.14
CA ARG B 360 -5.57 35.87 -32.77
C ARG B 360 -5.94 34.41 -33.03
N SER B 361 -5.05 33.67 -33.71
CA SER B 361 -5.37 32.27 -34.04
C SER B 361 -5.44 31.41 -32.78
N PHE B 362 -4.64 31.73 -31.76
CA PHE B 362 -4.69 30.97 -30.52
C PHE B 362 -6.05 31.12 -29.85
N ARG B 363 -6.55 32.36 -29.78
CA ARG B 363 -7.87 32.60 -29.18
C ARG B 363 -8.97 31.99 -30.04
N ASP B 364 -8.87 32.15 -31.36
CA ASP B 364 -9.90 31.60 -32.25
C ASP B 364 -9.97 30.08 -32.13
N GLY B 365 -8.80 29.44 -31.99
CA GLY B 365 -8.80 28.00 -31.83
C GLY B 365 -9.53 27.57 -30.57
N ILE B 366 -9.24 28.24 -29.45
CA ILE B 366 -9.94 27.95 -28.20
C ILE B 366 -11.44 28.12 -28.35
N GLY B 367 -11.86 29.22 -28.97
CA GLY B 367 -13.29 29.44 -29.16
C GLY B 367 -13.95 28.37 -30.01
N SER B 368 -13.27 27.94 -31.07
CA SER B 368 -13.86 26.93 -31.93
C SER B 368 -13.97 25.58 -31.22
N LEU B 369 -13.10 25.32 -30.23
CA LEU B 369 -13.20 24.07 -29.50
C LEU B 369 -14.39 24.08 -28.55
N LEU B 370 -14.63 25.22 -27.87
CA LEU B 370 -15.85 25.34 -27.08
C LEU B 370 -17.09 25.27 -27.97
N GLU B 371 -17.05 25.92 -29.12
CA GLU B 371 -18.19 25.87 -30.04
C GLU B 371 -18.49 24.44 -30.45
N ALA B 372 -17.46 23.63 -30.67
CA ALA B 372 -17.65 22.23 -31.04
C ALA B 372 -18.05 21.34 -29.87
N GLY B 373 -18.03 21.84 -28.63
CA GLY B 373 -18.56 21.05 -27.54
C GLY B 373 -17.57 20.63 -26.47
N ASN B 374 -16.33 21.12 -26.50
CA ASN B 374 -15.37 20.84 -25.43
C ASN B 374 -15.59 21.87 -24.33
N HIS B 375 -16.33 21.49 -23.29
CA HIS B 375 -16.58 22.41 -22.20
C HIS B 375 -15.88 22.03 -20.90
N GLU B 376 -15.43 20.78 -20.75
CA GLU B 376 -14.98 20.31 -19.45
C GLU B 376 -13.48 20.31 -19.27
N ASP B 377 -12.69 20.14 -20.32
CA ASP B 377 -11.27 19.86 -20.09
C ASP B 377 -10.45 20.35 -21.28
N LEU B 378 -9.84 21.52 -21.12
CA LEU B 378 -8.91 22.08 -22.07
C LEU B 378 -7.59 22.29 -21.35
N ARG B 379 -6.51 21.76 -21.93
CA ARG B 379 -5.19 21.80 -21.30
C ARG B 379 -4.19 22.49 -22.22
N VAL B 380 -3.24 23.20 -21.61
CA VAL B 380 -2.25 23.97 -22.37
C VAL B 380 -0.87 23.70 -21.79
N TYR B 381 0.11 23.59 -22.67
CA TYR B 381 1.50 23.42 -22.27
C TYR B 381 2.34 24.48 -22.97
N GLU B 382 3.31 25.03 -22.24
CA GLU B 382 4.35 25.81 -22.88
C GLU B 382 5.17 24.93 -23.81
N LEU B 383 5.44 25.41 -25.01
CA LEU B 383 6.24 24.65 -25.97
C LEU B 383 7.67 24.52 -25.47
N GLY B 384 8.15 23.28 -25.39
CA GLY B 384 9.54 23.00 -25.08
C GLY B 384 10.27 22.51 -26.32
N ILE B 385 11.52 22.94 -26.45
CA ILE B 385 12.41 22.45 -27.50
C ILE B 385 13.10 21.21 -26.93
N LEU B 386 12.69 20.03 -27.40
CA LEU B 386 13.26 18.78 -26.92
C LEU B 386 14.52 18.45 -27.72
N PRO B 387 15.54 17.88 -27.05
CA PRO B 387 16.82 17.62 -27.73
C PRO B 387 16.71 16.92 -29.08
N ASN B 388 15.85 15.91 -29.21
CA ASN B 388 15.78 15.15 -30.45
C ASN B 388 14.46 15.31 -31.19
N ALA B 389 13.66 16.30 -30.83
CA ALA B 389 12.49 16.61 -31.63
C ALA B 389 12.92 17.20 -32.97
N PRO B 390 12.17 16.92 -34.04
CA PRO B 390 12.50 17.52 -35.35
C PRO B 390 12.59 19.03 -35.32
N LEU B 391 11.84 19.69 -34.43
CA LEU B 391 11.86 21.14 -34.35
C LEU B 391 13.19 21.69 -33.86
N ASN B 392 14.02 20.86 -33.23
CA ASN B 392 15.25 21.36 -32.61
C ASN B 392 16.40 21.35 -33.62
N THR B 393 16.33 22.28 -34.56
CA THR B 393 17.46 22.58 -35.44
C THR B 393 17.63 24.09 -35.50
N PRO B 394 18.86 24.57 -35.67
CA PRO B 394 19.05 26.03 -35.82
C PRO B 394 18.23 26.62 -36.95
N GLU B 395 18.06 25.88 -38.05
CA GLU B 395 17.31 26.39 -39.19
C GLU B 395 15.84 26.57 -38.84
N LYS B 396 15.24 25.58 -38.18
CA LYS B 396 13.83 25.69 -37.79
C LYS B 396 13.63 26.80 -36.76
N ILE B 397 14.50 26.87 -35.77
CA ILE B 397 14.39 27.90 -34.74
C ILE B 397 14.47 29.28 -35.38
N GLU B 398 15.39 29.46 -36.32
CA GLU B 398 15.52 30.74 -37.00
C GLU B 398 14.33 31.01 -37.92
N GLN B 399 13.88 29.99 -38.65
CA GLN B 399 12.80 30.18 -39.61
C GLN B 399 11.55 30.75 -38.96
N TYR B 400 11.22 30.29 -37.76
CA TYR B 400 10.03 30.75 -37.07
C TYR B 400 10.34 31.74 -35.96
N GLY B 401 11.61 32.11 -35.79
CA GLY B 401 11.97 33.10 -34.79
C GLY B 401 11.72 32.66 -33.37
N LEU B 402 11.88 31.36 -33.09
CA LEU B 402 11.62 30.86 -31.75
C LEU B 402 12.66 31.39 -30.77
N ARG B 403 12.19 32.00 -29.69
CA ARG B 403 13.04 32.50 -28.62
C ARG B 403 12.76 31.68 -27.37
N THR B 404 13.82 31.25 -26.70
CA THR B 404 13.70 30.37 -25.56
C THR B 404 14.45 30.92 -24.36
N VAL B 405 14.03 30.46 -23.18
CA VAL B 405 14.76 30.69 -21.94
C VAL B 405 15.00 29.32 -21.31
N PRO B 406 16.12 29.13 -20.61
CA PRO B 406 16.33 27.88 -19.87
C PRO B 406 15.49 27.86 -18.61
N LYS B 407 14.24 27.38 -18.71
CA LYS B 407 13.27 27.52 -17.63
C LYS B 407 13.48 26.43 -16.59
N ARG B 408 13.73 26.82 -15.35
CA ARG B 408 13.80 25.84 -14.28
C ARG B 408 12.47 25.13 -14.10
N MET B 409 12.54 23.87 -13.72
CA MET B 409 11.32 23.09 -13.59
C MET B 409 10.77 23.08 -12.17
N TYR B 410 11.64 23.08 -11.15
CA TYR B 410 11.21 22.87 -9.77
C TYR B 410 11.82 23.93 -8.87
N VAL B 411 11.13 24.21 -7.75
CA VAL B 411 11.70 25.06 -6.71
C VAL B 411 12.97 24.41 -6.18
N GLU B 412 14.03 25.22 -6.06
CA GLU B 412 15.32 24.75 -5.59
C GLU B 412 15.56 25.25 -4.17
N ARG B 413 16.00 24.35 -3.29
CA ARG B 413 16.32 24.75 -1.93
C ARG B 413 17.47 25.75 -1.95
N PRO B 414 17.45 26.76 -1.08
CA PRO B 414 18.62 27.64 -0.97
C PRO B 414 19.83 26.81 -0.59
N GLY B 415 20.94 27.04 -1.29
CA GLY B 415 22.13 26.26 -1.09
C GLY B 415 22.28 25.08 -2.03
N THR B 416 21.31 24.86 -2.92
CA THR B 416 21.43 23.82 -3.93
C THR B 416 22.26 24.38 -5.09
N PRO B 417 23.36 23.74 -5.48
CA PRO B 417 24.18 24.29 -6.56
C PRO B 417 23.36 24.46 -7.84
N ASP B 418 23.72 25.47 -8.61
CA ASP B 418 22.93 25.80 -9.79
C ASP B 418 23.11 24.80 -10.92
N ASP B 419 24.15 23.97 -10.86
CA ASP B 419 24.31 22.92 -11.85
C ASP B 419 23.47 21.69 -11.54
N GLU B 420 22.67 21.74 -10.48
CA GLU B 420 21.76 20.65 -10.13
C GLU B 420 20.30 20.98 -10.45
N ALA B 421 20.03 22.16 -11.01
CA ALA B 421 18.66 22.58 -11.30
C ALA B 421 18.27 22.10 -12.69
N GLU B 422 17.17 21.35 -12.78
CA GLU B 422 16.69 20.89 -14.07
C GLU B 422 16.06 22.05 -14.83
N THR B 423 16.31 22.11 -16.14
CA THR B 423 15.80 23.18 -16.96
C THR B 423 15.16 22.63 -18.22
N PHE B 424 14.21 23.41 -18.73
CA PHE B 424 13.34 23.06 -19.84
C PHE B 424 13.45 24.21 -20.84
N GLU B 425 13.87 23.92 -22.07
CA GLU B 425 14.02 24.98 -23.06
CA GLU B 425 14.03 24.97 -23.08
C GLU B 425 12.66 25.47 -23.54
N MET B 426 12.17 26.54 -22.92
CA MET B 426 10.80 26.99 -23.12
C MET B 426 10.71 28.13 -24.12
N VAL B 427 9.86 27.96 -25.14
CA VAL B 427 9.56 29.03 -26.08
C VAL B 427 8.66 30.04 -25.40
N MET B 428 9.04 31.33 -25.47
CA MET B 428 8.20 32.40 -24.95
C MET B 428 8.04 33.56 -25.93
N GLU B 429 8.45 33.38 -27.18
CA GLU B 429 8.31 34.41 -28.21
C GLU B 429 8.64 33.79 -29.55
N THR B 430 7.86 34.15 -30.57
CA THR B 430 8.09 33.71 -31.93
C THR B 430 7.90 34.90 -32.86
N ASN B 431 8.17 34.70 -34.15
CA ASN B 431 7.90 35.75 -35.14
C ASN B 431 6.42 36.11 -35.16
N ALA B 432 5.54 35.15 -34.88
CA ALA B 432 4.11 35.41 -34.94
C ALA B 432 3.51 35.83 -33.61
N MET B 433 4.22 35.60 -32.50
CA MET B 433 3.69 35.88 -31.17
C MET B 433 4.76 36.57 -30.34
N PRO B 434 4.74 37.90 -30.27
CA PRO B 434 5.65 38.60 -29.36
C PRO B 434 5.36 38.21 -27.92
N ARG B 435 6.36 38.41 -27.05
CA ARG B 435 6.25 37.94 -25.68
C ARG B 435 5.07 38.60 -24.94
N ASP B 436 4.74 39.85 -25.27
CA ASP B 436 3.56 40.46 -24.66
C ASP B 436 2.29 39.71 -25.03
N ALA B 437 2.17 39.30 -26.30
CA ALA B 437 1.01 38.53 -26.72
C ALA B 437 1.04 37.11 -26.17
N TRP B 438 2.23 36.54 -25.99
CA TRP B 438 2.36 35.25 -25.32
C TRP B 438 1.78 35.32 -23.92
N VAL B 439 2.13 36.36 -23.16
CA VAL B 439 1.63 36.50 -21.79
C VAL B 439 0.12 36.64 -21.77
N GLU B 440 -0.41 37.52 -22.63
CA GLU B 440 -1.86 37.71 -22.65
C GLU B 440 -2.59 36.45 -23.11
N SER B 441 -1.99 35.70 -24.03
CA SER B 441 -2.62 34.47 -24.49
C SER B 441 -2.61 33.41 -23.40
N PHE B 442 -1.51 33.31 -22.64
CA PHE B 442 -1.45 32.38 -21.53
C PHE B 442 -2.50 32.72 -20.48
N SER B 443 -2.61 34.00 -20.12
CA SER B 443 -3.62 34.42 -19.17
C SER B 443 -5.02 34.12 -19.68
N PHE B 444 -5.25 34.35 -20.98
CA PHE B 444 -6.56 34.10 -21.58
C PHE B 444 -6.99 32.65 -21.37
N ILE B 445 -6.11 31.70 -21.70
CA ILE B 445 -6.53 30.30 -21.66
C ILE B 445 -6.58 29.79 -20.23
N GLN B 446 -5.78 30.35 -19.31
CA GLN B 446 -5.92 29.98 -17.91
C GLN B 446 -7.30 30.37 -17.38
N ALA B 447 -7.77 31.57 -17.73
CA ALA B 447 -9.08 31.99 -17.29
C ALA B 447 -10.18 31.11 -17.88
N VAL B 448 -10.04 30.72 -19.14
CA VAL B 448 -11.02 29.80 -19.73
C VAL B 448 -11.05 28.50 -18.95
N GLN B 449 -9.90 28.07 -18.44
CA GLN B 449 -9.87 26.83 -17.66
C GLN B 449 -10.61 26.98 -16.34
N PHE B 450 -10.30 28.02 -15.55
CA PHE B 450 -10.98 28.05 -14.25
C PHE B 450 -12.38 28.63 -14.32
N LEU B 451 -12.73 29.39 -15.38
CA LEU B 451 -14.09 29.89 -15.50
C LEU B 451 -15.02 28.92 -16.23
N HIS B 452 -14.55 28.32 -17.31
CA HIS B 452 -15.38 27.46 -18.15
C HIS B 452 -15.22 25.98 -17.77
N ASN B 453 -13.99 25.45 -17.83
CA ASN B 453 -13.77 24.10 -17.31
C ASN B 453 -14.14 24.03 -15.84
N GLY B 454 -13.79 25.07 -15.08
CA GLY B 454 -14.12 25.17 -13.67
C GLY B 454 -15.57 25.49 -13.37
N CYS B 455 -16.37 25.79 -14.41
CA CYS B 455 -17.83 25.83 -14.34
CA CYS B 455 -17.82 25.84 -14.40
C CYS B 455 -18.39 27.18 -13.92
N TYR B 456 -17.58 28.07 -13.34
CA TYR B 456 -18.11 29.33 -12.78
C TYR B 456 -18.98 30.10 -13.78
N THR B 457 -18.58 30.12 -15.06
CA THR B 457 -19.36 30.79 -16.09
C THR B 457 -19.72 29.86 -17.24
N ARG B 458 -19.56 28.55 -17.08
CA ARG B 458 -19.79 27.65 -18.20
C ARG B 458 -21.25 27.65 -18.62
N TYR B 459 -22.16 27.50 -17.66
CA TYR B 459 -23.57 27.40 -18.03
C TYR B 459 -24.11 28.74 -18.52
N LEU B 460 -23.70 29.84 -17.89
CA LEU B 460 -24.05 31.15 -18.40
C LEU B 460 -23.56 31.33 -19.84
N SER B 461 -22.32 30.93 -20.10
CA SER B 461 -21.74 31.10 -21.42
C SER B 461 -22.47 30.25 -22.46
N ILE B 462 -22.81 29.01 -22.11
CA ILE B 462 -23.53 28.15 -23.04
C ILE B 462 -24.91 28.72 -23.33
N PHE B 463 -25.60 29.21 -22.29
CA PHE B 463 -26.91 29.83 -22.49
C PHE B 463 -26.82 31.06 -23.38
N LEU B 464 -25.86 31.94 -23.10
CA LEU B 464 -25.72 33.16 -23.91
C LEU B 464 -25.37 32.82 -25.35
N ARG B 465 -24.59 31.76 -25.57
CA ARG B 465 -24.26 31.38 -26.94
C ARG B 465 -25.49 30.85 -27.67
N GLN B 466 -26.27 30.00 -27.01
CA GLN B 466 -27.34 29.29 -27.69
C GLN B 466 -28.64 30.09 -27.77
N GLU B 467 -28.88 31.02 -26.84
CA GLU B 467 -30.11 31.78 -26.83
C GLU B 467 -29.92 33.27 -27.12
N HIS B 468 -28.70 33.80 -26.97
CA HIS B 468 -28.46 35.23 -27.16
C HIS B 468 -27.40 35.52 -28.21
N GLY B 469 -26.91 34.51 -28.92
CA GLY B 469 -25.99 34.75 -30.01
C GLY B 469 -24.64 35.30 -29.62
N ILE B 470 -24.23 35.13 -28.36
CA ILE B 470 -22.93 35.59 -27.90
C ILE B 470 -21.95 34.44 -28.01
N GLY B 471 -21.05 34.51 -28.99
CA GLY B 471 -20.09 33.44 -29.21
C GLY B 471 -19.14 33.26 -28.03
N TYR B 472 -18.59 32.05 -27.94
CA TYR B 472 -17.67 31.75 -26.83
C TYR B 472 -16.43 32.62 -26.88
N THR B 473 -15.88 32.85 -28.08
CA THR B 473 -14.73 33.75 -28.17
C THR B 473 -15.09 35.15 -27.71
N ARG B 474 -16.21 35.68 -28.19
CA ARG B 474 -16.66 37.00 -27.77
C ARG B 474 -16.81 37.07 -26.26
N PHE B 475 -17.42 36.05 -25.65
CA PHE B 475 -17.68 36.08 -24.21
C PHE B 475 -16.37 36.13 -23.42
N TYR B 476 -15.41 35.25 -23.74
CA TYR B 476 -14.20 35.17 -22.92
C TYR B 476 -13.15 36.21 -23.31
N GLU B 477 -13.11 36.62 -24.57
CA GLU B 477 -12.30 37.79 -24.92
C GLU B 477 -12.83 39.04 -24.26
N GLY B 478 -14.17 39.19 -24.23
CA GLY B 478 -14.76 40.35 -23.58
C GLY B 478 -14.44 40.40 -22.11
N LEU B 479 -14.46 39.24 -21.44
CA LEU B 479 -14.11 39.19 -20.02
C LEU B 479 -12.70 39.70 -19.78
N GLN B 480 -11.74 39.26 -20.60
CA GLN B 480 -10.37 39.69 -20.40
C GLN B 480 -10.21 41.18 -20.70
N ASP B 481 -10.81 41.66 -21.80
CA ASP B 481 -10.71 43.08 -22.14
C ASP B 481 -11.36 43.95 -21.07
N TYR B 482 -12.57 43.56 -20.64
CA TYR B 482 -13.30 44.37 -19.68
C TYR B 482 -12.62 44.38 -18.32
N PHE B 483 -12.26 43.20 -17.80
CA PHE B 483 -11.81 43.15 -16.42
C PHE B 483 -10.35 43.54 -16.26
N THR B 484 -9.50 43.39 -17.29
CA THR B 484 -8.15 43.92 -17.18
C THR B 484 -8.18 45.44 -16.98
N GLY B 485 -9.21 46.11 -17.47
CA GLY B 485 -9.41 47.52 -17.21
C GLY B 485 -10.00 47.88 -15.87
N ARG B 486 -10.31 46.90 -15.01
CA ARG B 486 -10.90 47.15 -13.70
C ARG B 486 -10.08 46.42 -12.65
N PRO B 487 -8.97 47.02 -12.21
CA PRO B 487 -8.01 46.29 -11.37
C PRO B 487 -8.55 45.86 -10.02
N ASP B 488 -9.62 46.48 -9.52
CA ASP B 488 -10.10 46.17 -8.17
C ASP B 488 -11.20 45.11 -8.17
N THR B 489 -11.63 44.63 -9.33
CA THR B 489 -12.58 43.53 -9.37
C THR B 489 -11.88 42.22 -9.05
N VAL B 490 -12.70 41.21 -8.73
CA VAL B 490 -12.15 39.88 -8.45
C VAL B 490 -11.44 39.33 -9.68
N LEU B 491 -12.13 39.32 -10.82
CA LEU B 491 -11.55 38.75 -12.03
C LEU B 491 -10.46 39.64 -12.59
N GLY B 492 -10.64 40.96 -12.50
CA GLY B 492 -9.61 41.87 -12.97
C GLY B 492 -8.31 41.69 -12.22
N ALA B 493 -8.39 41.51 -10.90
CA ALA B 493 -7.18 41.25 -10.11
C ALA B 493 -6.49 39.97 -10.58
N LEU B 494 -7.28 38.97 -10.99
CA LEU B 494 -6.68 37.72 -11.46
C LEU B 494 -5.97 37.90 -12.79
N TYR B 495 -6.63 38.55 -13.75
CA TYR B 495 -6.00 38.78 -15.05
C TYR B 495 -4.70 39.58 -14.90
N LEU B 496 -4.73 40.63 -14.09
CA LEU B 496 -3.55 41.48 -13.94
C LEU B 496 -2.45 40.77 -13.16
N ARG B 497 -2.80 39.94 -12.19
CA ARG B 497 -1.78 39.16 -11.47
C ARG B 497 -1.12 38.15 -12.38
N MET B 498 -1.90 37.52 -13.26
CA MET B 498 -1.32 36.58 -14.21
C MET B 498 -0.42 37.29 -15.21
N ARG B 499 -0.79 38.52 -15.60
CA ARG B 499 0.05 39.29 -16.51
C ARG B 499 1.41 39.57 -15.90
N SER B 500 1.45 40.02 -14.64
CA SER B 500 2.74 40.29 -14.03
C SER B 500 3.49 39.01 -13.74
N LEU B 501 2.78 37.94 -13.37
CA LEU B 501 3.44 36.67 -13.10
C LEU B 501 4.15 36.12 -14.33
N TYR B 502 3.46 36.10 -15.47
CA TYR B 502 4.05 35.49 -16.65
C TYR B 502 5.14 36.37 -17.25
N HIS B 503 5.11 37.68 -17.01
CA HIS B 503 6.25 38.51 -17.39
C HIS B 503 7.47 38.23 -16.50
N ASP B 504 7.25 38.05 -15.19
CA ASP B 504 8.32 37.61 -14.32
C ASP B 504 8.79 36.20 -14.71
N TYR B 505 7.84 35.34 -15.09
CA TYR B 505 8.16 33.99 -15.54
C TYR B 505 9.17 34.01 -16.68
N ILE B 506 9.01 34.93 -17.62
CA ILE B 506 9.95 35.07 -18.72
C ILE B 506 11.26 35.68 -18.23
N ASP B 507 11.17 36.77 -17.46
CA ASP B 507 12.37 37.53 -17.12
C ASP B 507 13.25 36.83 -16.09
N MET B 508 12.68 35.95 -15.28
CA MET B 508 13.42 35.23 -14.25
C MET B 508 13.32 33.74 -14.57
N PRO B 509 14.23 33.21 -15.39
CA PRO B 509 14.15 31.79 -15.76
C PRO B 509 14.17 30.83 -14.58
N ALA B 510 14.54 31.31 -13.39
CA ALA B 510 14.53 30.45 -12.21
C ALA B 510 13.14 30.18 -11.65
N LEU B 511 12.16 31.03 -11.94
CA LEU B 511 10.80 30.78 -11.47
C LEU B 511 10.30 29.46 -12.05
N PRO B 512 9.95 28.48 -11.23
CA PRO B 512 9.84 27.10 -11.72
C PRO B 512 8.55 26.79 -12.48
N LEU B 513 8.70 26.05 -13.57
CA LEU B 513 7.57 25.70 -14.42
C LEU B 513 6.52 24.90 -13.66
N ALA B 514 6.95 23.95 -12.83
CA ALA B 514 6.04 23.03 -12.18
C ALA B 514 5.61 23.46 -10.79
N ASN B 515 6.21 24.53 -10.24
CA ASN B 515 5.86 25.02 -8.91
C ASN B 515 5.64 26.54 -8.93
N LEU B 516 5.04 27.05 -10.01
CA LEU B 516 5.01 28.49 -10.22
C LEU B 516 4.21 29.21 -9.14
N VAL B 517 2.98 28.75 -8.88
CA VAL B 517 2.15 29.38 -7.86
C VAL B 517 2.84 29.35 -6.51
N ALA B 518 3.41 28.18 -6.15
CA ALA B 518 4.04 28.03 -4.84
C ALA B 518 5.24 28.98 -4.69
N SER B 519 5.88 29.36 -5.80
CA SER B 519 7.02 30.25 -5.74
C SER B 519 6.64 31.69 -5.44
N GLN B 520 5.35 32.04 -5.49
CA GLN B 520 4.91 33.40 -5.25
C GLN B 520 4.31 33.50 -3.86
N PRO B 521 4.95 34.22 -2.94
CA PRO B 521 4.44 34.27 -1.55
C PRO B 521 3.00 34.75 -1.44
N ASP B 522 2.60 35.74 -2.21
CA ASP B 522 1.23 36.25 -2.10
C ASP B 522 0.22 35.21 -2.57
N MET B 523 0.53 34.51 -3.67
CA MET B 523 -0.38 33.50 -4.18
C MET B 523 -0.42 32.27 -3.27
N ALA B 524 0.74 31.86 -2.75
CA ALA B 524 0.76 30.77 -1.78
C ALA B 524 -0.02 31.12 -0.52
N ALA B 525 0.07 32.37 -0.07
CA ALA B 525 -0.67 32.78 1.13
C ALA B 525 -2.18 32.72 0.90
N ASP B 526 -2.63 33.12 -0.28
CA ASP B 526 -4.07 33.10 -0.56
C ASP B 526 -4.65 31.69 -0.54
N LEU B 527 -3.83 30.69 -0.84
CA LEU B 527 -4.32 29.31 -0.90
C LEU B 527 -4.03 28.53 0.38
N ALA B 528 -3.26 29.09 1.31
CA ALA B 528 -2.94 28.39 2.55
C ALA B 528 -4.15 27.87 3.32
N PRO B 529 -5.26 28.61 3.45
CA PRO B 529 -6.43 28.02 4.12
C PRO B 529 -7.00 26.79 3.41
N TYR B 530 -6.70 26.61 2.12
CA TYR B 530 -7.26 25.50 1.37
C TYR B 530 -6.36 24.26 1.36
N GLY B 531 -5.08 24.41 1.66
CA GLY B 531 -4.18 23.28 1.68
C GLY B 531 -2.74 23.72 1.49
N ARG B 532 -1.84 22.78 1.74
CA ARG B 532 -0.41 22.98 1.55
C ARG B 532 0.04 22.13 0.38
N ARG B 533 0.42 22.77 -0.72
CA ARG B 533 0.82 22.07 -1.93
C ARG B 533 2.01 22.79 -2.57
N ARG B 534 2.96 22.01 -3.06
CA ARG B 534 4.03 22.53 -3.89
C ARG B 534 3.62 22.66 -5.36
N GLY B 535 2.61 21.89 -5.78
CA GLY B 535 2.28 21.77 -7.18
C GLY B 535 1.00 22.45 -7.65
N TRP B 536 0.49 23.43 -6.89
CA TRP B 536 -0.65 24.24 -7.33
C TRP B 536 -0.48 24.67 -8.77
N THR B 537 -1.52 24.50 -9.57
CA THR B 537 -1.51 25.09 -10.90
C THR B 537 -2.16 26.48 -10.86
N ILE B 538 -1.94 27.23 -11.93
CA ILE B 538 -2.56 28.54 -12.05
C ILE B 538 -4.08 28.42 -12.06
N ASP B 539 -4.61 27.40 -12.76
CA ASP B 539 -6.06 27.30 -12.80
C ASP B 539 -6.62 26.83 -11.46
N ASN B 540 -5.86 26.03 -10.70
CA ASN B 540 -6.24 25.76 -9.31
C ASN B 540 -6.38 27.07 -8.53
N TRP B 541 -5.37 27.94 -8.66
CA TRP B 541 -5.34 29.18 -7.90
C TRP B 541 -6.49 30.11 -8.29
N GLY B 542 -6.72 30.26 -9.61
CA GLY B 542 -7.83 31.09 -10.05
C GLY B 542 -9.16 30.60 -9.53
N TRP B 543 -9.39 29.29 -9.57
CA TRP B 543 -10.66 28.73 -9.11
C TRP B 543 -10.87 29.01 -7.63
N LEU B 544 -9.82 28.83 -6.82
CA LEU B 544 -9.97 29.05 -5.39
C LEU B 544 -10.08 30.54 -5.06
N ARG B 545 -9.38 31.40 -5.80
CA ARG B 545 -9.53 32.83 -5.59
C ARG B 545 -10.98 33.26 -5.80
N ILE B 546 -11.65 32.71 -6.80
CA ILE B 546 -13.06 33.04 -7.03
C ILE B 546 -13.92 32.46 -5.92
N ALA B 547 -13.61 31.25 -5.47
CA ALA B 547 -14.37 30.67 -4.36
C ALA B 547 -14.29 31.55 -3.12
N THR B 548 -13.15 32.21 -2.91
CA THR B 548 -12.99 33.08 -1.75
C THR B 548 -13.85 34.34 -1.86
N ASP B 549 -13.93 34.92 -3.06
CA ASP B 549 -14.70 36.15 -3.25
C ASP B 549 -15.89 35.91 -4.18
N PHE B 550 -16.67 34.87 -3.87
CA PHE B 550 -17.69 34.36 -4.79
C PHE B 550 -18.80 35.38 -5.03
N ASP B 551 -19.33 35.96 -3.95
CA ASP B 551 -20.46 36.87 -4.10
C ASP B 551 -20.07 38.13 -4.86
N ARG B 552 -18.90 38.70 -4.55
CA ARG B 552 -18.46 39.89 -5.26
C ARG B 552 -18.17 39.57 -6.72
N PHE B 553 -17.63 38.38 -7.00
CA PHE B 553 -17.42 37.94 -8.37
C PHE B 553 -18.72 38.02 -9.17
N HIS B 554 -19.82 37.60 -8.56
CA HIS B 554 -21.07 37.54 -9.31
C HIS B 554 -21.73 38.92 -9.45
N THR B 555 -21.57 39.80 -8.46
CA THR B 555 -22.09 41.15 -8.64
C THR B 555 -21.37 41.87 -9.77
N GLU B 556 -20.05 41.68 -9.85
CA GLU B 556 -19.28 42.30 -10.93
C GLU B 556 -19.55 41.63 -12.28
N LEU B 557 -19.87 40.33 -12.28
CA LEU B 557 -20.21 39.67 -13.54
C LEU B 557 -21.47 40.27 -14.16
N ARG B 558 -22.43 40.69 -13.33
CA ARG B 558 -23.62 41.36 -13.86
C ARG B 558 -23.26 42.63 -14.60
N GLU B 559 -22.26 43.35 -14.10
CA GLU B 559 -21.85 44.60 -14.75
C GLU B 559 -21.20 44.33 -16.10
N TYR B 560 -20.47 43.22 -16.23
CA TYR B 560 -19.91 42.85 -17.52
C TYR B 560 -21.01 42.53 -18.52
N LEU B 561 -22.07 41.84 -18.08
CA LEU B 561 -23.12 41.44 -19.01
C LEU B 561 -23.81 42.63 -19.66
N ALA B 562 -23.83 43.79 -18.99
CA ALA B 562 -24.40 44.98 -19.61
C ALA B 562 -23.60 45.40 -20.84
N THR B 563 -22.29 45.15 -20.85
CA THR B 563 -21.50 45.52 -22.02
C THR B 563 -21.82 44.66 -23.24
N LEU B 564 -22.53 43.55 -23.05
CA LEU B 564 -22.96 42.70 -24.15
C LEU B 564 -24.35 43.05 -24.65
N GLY B 565 -24.96 44.11 -24.13
CA GLY B 565 -26.31 44.45 -24.52
C GLY B 565 -27.39 43.72 -23.76
N LEU B 566 -27.06 43.10 -22.65
CA LEU B 566 -28.02 42.32 -21.87
C LEU B 566 -28.60 43.17 -20.76
N ASP B 567 -29.71 42.69 -20.19
CA ASP B 567 -30.48 43.42 -19.18
C ASP B 567 -30.65 42.53 -17.96
N PRO B 568 -29.60 42.38 -17.15
CA PRO B 568 -29.71 41.50 -15.97
C PRO B 568 -30.82 41.91 -15.02
N ALA B 569 -31.01 43.21 -14.79
CA ALA B 569 -32.06 43.62 -13.85
C ALA B 569 -33.46 43.32 -14.40
N GLY B 570 -33.66 43.45 -15.70
CA GLY B 570 -35.00 43.38 -16.26
C GLY B 570 -35.36 42.12 -17.03
N ASP B 571 -34.39 41.25 -17.27
CA ASP B 571 -34.62 40.01 -18.01
C ASP B 571 -34.79 38.88 -16.99
N ALA B 572 -36.05 38.48 -16.75
CA ALA B 572 -36.32 37.50 -15.71
C ALA B 572 -35.63 36.17 -16.00
N ARG B 573 -35.60 35.76 -17.27
CA ARG B 573 -34.94 34.51 -17.64
C ARG B 573 -33.45 34.58 -17.36
N LEU B 574 -32.81 35.69 -17.71
CA LEU B 574 -31.39 35.86 -17.44
C LEU B 574 -31.12 35.87 -15.94
N GLU B 575 -31.98 36.53 -15.17
CA GLU B 575 -31.84 36.46 -13.72
C GLU B 575 -31.91 35.03 -13.23
N ASP B 576 -32.77 34.23 -13.87
CA ASP B 576 -32.99 32.86 -13.44
C ASP B 576 -31.75 32.01 -13.71
N VAL B 577 -31.17 32.12 -14.91
CA VAL B 577 -30.00 31.30 -15.22
C VAL B 577 -28.79 31.76 -14.39
N LEU B 578 -28.74 33.04 -14.02
CA LEU B 578 -27.65 33.51 -13.18
C LEU B 578 -27.73 32.90 -11.79
N ARG B 579 -28.94 32.78 -11.24
CA ARG B 579 -29.10 32.08 -9.97
C ARG B 579 -28.72 30.62 -10.10
N PHE B 580 -29.12 29.98 -11.20
CA PHE B 580 -28.71 28.60 -11.43
C PHE B 580 -27.19 28.47 -11.50
N GLN B 581 -26.53 29.38 -12.22
CA GLN B 581 -25.08 29.33 -12.35
C GLN B 581 -24.39 29.54 -11.01
N GLN B 582 -24.99 30.33 -10.12
CA GLN B 582 -24.40 30.49 -8.80
C GLN B 582 -24.60 29.24 -7.95
N ASP B 583 -25.82 28.67 -7.97
CA ASP B 583 -26.16 27.58 -7.05
C ASP B 583 -25.46 26.28 -7.43
N VAL B 584 -25.16 26.08 -8.70
CA VAL B 584 -24.60 24.80 -9.13
C VAL B 584 -23.16 24.63 -8.64
N MET B 585 -22.49 25.71 -8.27
CA MET B 585 -21.10 25.62 -7.85
C MET B 585 -20.99 24.98 -6.46
N LEU B 586 -19.97 24.14 -6.28
CA LEU B 586 -19.71 23.58 -4.96
C LEU B 586 -19.15 24.66 -4.06
N ARG B 587 -19.70 24.79 -2.86
CA ARG B 587 -19.35 25.80 -1.89
C ARG B 587 -18.88 25.15 -0.60
N PRO B 588 -18.07 25.85 0.21
CA PRO B 588 -17.54 25.22 1.43
C PRO B 588 -18.59 24.82 2.45
N ASP B 589 -19.78 25.44 2.42
CA ASP B 589 -20.79 25.12 3.41
C ASP B 589 -21.73 24.00 2.97
N TYR B 590 -21.46 23.36 1.83
CA TYR B 590 -22.32 22.29 1.37
C TYR B 590 -22.25 21.10 2.32
N SER B 591 -23.41 20.55 2.65
CA SER B 591 -23.51 19.38 3.51
C SER B 591 -24.13 18.24 2.73
N PRO B 592 -23.41 17.12 2.53
CA PRO B 592 -24.03 15.97 1.88
C PRO B 592 -25.23 15.42 2.65
N GLU B 593 -25.25 15.62 3.97
CA GLU B 593 -26.40 15.19 4.76
C GLU B 593 -27.64 16.01 4.40
N LEU B 594 -27.49 17.33 4.32
CA LEU B 594 -28.64 18.20 4.11
C LEU B 594 -28.99 18.34 2.63
N GLY B 595 -28.02 18.19 1.75
CA GLY B 595 -28.26 18.51 0.36
C GLY B 595 -28.35 20.02 0.17
N LYS B 596 -28.80 20.40 -1.02
CA LYS B 596 -28.88 21.81 -1.40
C LYS B 596 -29.98 21.95 -2.44
N SER B 597 -30.92 22.86 -2.19
CA SER B 597 -32.08 22.99 -3.07
C SER B 597 -32.33 24.45 -3.41
N ALA B 598 -33.02 24.66 -4.53
CA ALA B 598 -33.39 25.98 -4.98
C ALA B 598 -34.53 25.82 -5.98
N GLU B 599 -35.18 26.94 -6.28
CA GLU B 599 -36.31 26.96 -7.21
C GLU B 599 -36.01 27.87 -8.37
N TYR B 600 -36.41 27.46 -9.58
CA TYR B 600 -36.13 28.22 -10.78
C TYR B 600 -37.38 28.29 -11.64
N ALA B 601 -37.44 29.33 -12.47
CA ALA B 601 -38.52 29.50 -13.42
C ALA B 601 -38.35 28.62 -14.66
N HIS B 602 -37.20 27.98 -14.84
CA HIS B 602 -36.94 27.12 -15.99
C HIS B 602 -36.25 25.86 -15.52
N ASP B 603 -36.40 24.79 -16.31
CA ASP B 603 -35.75 23.51 -16.02
C ASP B 603 -34.34 23.52 -16.59
N TRP B 604 -33.44 24.16 -15.87
CA TRP B 604 -32.07 24.33 -16.36
C TRP B 604 -31.32 23.00 -16.45
N PRO B 605 -31.42 22.10 -15.46
CA PRO B 605 -30.77 20.78 -15.64
C PRO B 605 -31.20 20.08 -16.91
N GLY B 606 -32.49 20.08 -17.23
CA GLY B 606 -32.95 19.46 -18.45
C GLY B 606 -32.44 20.17 -19.69
N TYR B 607 -32.37 21.51 -19.64
CA TYR B 607 -31.92 22.28 -20.79
C TYR B 607 -30.45 22.01 -21.10
N PHE B 608 -29.60 22.09 -20.07
CA PHE B 608 -28.18 21.88 -20.29
C PHE B 608 -27.84 20.41 -20.55
N ALA B 609 -28.82 19.51 -20.50
CA ALA B 609 -28.65 18.12 -20.90
C ALA B 609 -29.16 17.84 -22.31
N GLY B 610 -29.62 18.87 -23.02
CA GLY B 610 -30.10 18.70 -24.38
C GLY B 610 -31.59 18.92 -24.54
N GLY B 611 -32.32 19.17 -23.47
CA GLY B 611 -33.76 19.37 -23.55
C GLY B 611 -34.14 20.75 -24.06
N LEU B 612 -35.43 20.88 -24.37
CA LEU B 612 -35.95 22.16 -24.83
C LEU B 612 -36.06 23.13 -23.67
N LEU B 613 -35.74 24.39 -23.93
CA LEU B 613 -35.83 25.42 -22.90
C LEU B 613 -37.30 25.76 -22.67
N ARG B 614 -37.81 25.44 -21.47
CA ARG B 614 -39.21 25.69 -21.19
C ARG B 614 -39.38 26.46 -19.89
N PRO B 615 -40.32 27.40 -19.84
CA PRO B 615 -40.60 28.11 -18.59
C PRO B 615 -41.35 27.22 -17.60
N ARG B 616 -40.67 26.20 -17.10
CA ARG B 616 -41.27 25.22 -16.19
C ARG B 616 -40.72 25.49 -14.80
N ARG B 617 -41.61 25.86 -13.87
CA ARG B 617 -41.19 26.11 -12.50
C ARG B 617 -40.81 24.79 -11.85
N VAL B 618 -39.58 24.70 -11.36
CA VAL B 618 -39.05 23.44 -10.82
C VAL B 618 -38.34 23.71 -9.51
N ARG B 619 -38.25 22.66 -8.71
CA ARG B 619 -37.38 22.60 -7.55
C ARG B 619 -36.23 21.68 -7.89
N VAL B 620 -35.00 22.15 -7.68
CA VAL B 620 -33.80 21.36 -7.94
C VAL B 620 -33.15 21.08 -6.59
N ALA B 621 -32.98 19.80 -6.28
CA ALA B 621 -32.37 19.37 -5.02
C ALA B 621 -31.09 18.62 -5.36
N TYR B 622 -29.94 19.24 -5.08
CA TYR B 622 -28.66 18.58 -5.31
C TYR B 622 -28.35 17.66 -4.13
N GLY B 623 -27.99 16.41 -4.44
CA GLY B 623 -27.69 15.45 -3.40
C GLY B 623 -26.37 14.74 -3.57
N ASP B 624 -25.35 15.46 -4.07
CA ASP B 624 -24.04 14.86 -4.24
C ASP B 624 -23.52 14.31 -2.92
N GLN B 625 -23.04 13.08 -2.94
CA GLN B 625 -22.44 12.46 -1.76
C GLN B 625 -20.92 12.45 -1.80
N SER B 626 -20.33 12.45 -2.98
CA SER B 626 -18.88 12.40 -3.10
C SER B 626 -18.47 13.08 -4.41
N PHE B 627 -17.18 13.38 -4.52
CA PHE B 627 -16.65 14.05 -5.69
C PHE B 627 -15.33 13.41 -6.09
N GLY B 628 -14.89 13.72 -7.32
CA GLY B 628 -13.58 13.35 -7.78
C GLY B 628 -13.50 11.96 -8.38
N ALA B 629 -12.26 11.60 -8.75
CA ALA B 629 -12.00 10.30 -9.35
C ALA B 629 -12.44 9.18 -8.41
N ASN B 630 -13.23 8.25 -8.94
CA ASN B 630 -13.76 7.11 -8.18
C ASN B 630 -14.60 7.55 -7.00
N GLY B 631 -15.08 8.80 -7.01
CA GLY B 631 -15.89 9.33 -5.91
C GLY B 631 -15.20 9.26 -4.56
N ARG B 632 -13.90 9.54 -4.51
CA ARG B 632 -13.11 9.30 -3.32
C ARG B 632 -13.15 10.42 -2.29
N TYR B 633 -13.76 11.57 -2.60
CA TYR B 633 -13.73 12.74 -1.72
C TYR B 633 -15.11 13.07 -1.19
N ARG B 634 -15.24 13.16 0.15
CA ARG B 634 -16.50 13.56 0.77
C ARG B 634 -16.43 15.01 1.20
N PRO B 635 -17.39 15.86 0.82
CA PRO B 635 -17.40 17.22 1.35
C PRO B 635 -17.75 17.22 2.82
N VAL B 636 -17.16 18.15 3.56
CA VAL B 636 -17.46 18.33 4.98
C VAL B 636 -17.71 19.82 5.23
N PRO B 637 -18.94 20.22 5.57
CA PRO B 637 -19.22 21.65 5.71
C PRO B 637 -18.31 22.31 6.73
N GLY B 638 -17.79 23.49 6.36
CA GLY B 638 -16.89 24.23 7.22
C GLY B 638 -15.44 23.82 7.15
N ASP B 639 -15.14 22.63 6.64
CA ASP B 639 -13.77 22.15 6.52
C ASP B 639 -13.22 22.61 5.17
N LEU B 640 -12.37 23.63 5.19
CA LEU B 640 -11.84 24.18 3.94
C LEU B 640 -10.87 23.21 3.27
N LYS B 641 -10.18 22.38 4.07
CA LYS B 641 -9.30 21.36 3.51
C LYS B 641 -10.10 20.31 2.75
N ALA B 642 -11.17 19.82 3.35
CA ALA B 642 -12.03 18.84 2.69
C ALA B 642 -12.72 19.46 1.48
N PHE B 643 -13.10 20.73 1.57
CA PHE B 643 -13.74 21.40 0.44
C PHE B 643 -12.85 21.41 -0.78
N THR B 644 -11.55 21.69 -0.59
CA THR B 644 -10.63 21.78 -1.72
C THR B 644 -10.50 20.45 -2.44
N MET B 645 -10.39 19.35 -1.69
CA MET B 645 -10.25 18.05 -2.33
C MET B 645 -11.49 17.71 -3.16
N ALA B 646 -12.68 17.96 -2.61
CA ALA B 646 -13.90 17.66 -3.36
C ALA B 646 -14.07 18.62 -4.55
N ALA B 647 -13.66 19.88 -4.37
CA ALA B 647 -13.90 20.88 -5.40
C ALA B 647 -12.95 20.71 -6.58
N ILE B 648 -11.65 20.54 -6.31
CA ILE B 648 -10.65 20.55 -7.37
C ILE B 648 -9.70 19.36 -7.31
N GLY B 649 -9.82 18.47 -6.33
CA GLY B 649 -8.98 17.27 -6.34
C GLY B 649 -7.49 17.56 -6.20
N THR B 650 -6.69 16.65 -6.75
CA THR B 650 -5.23 16.79 -6.72
C THR B 650 -4.75 17.67 -7.86
N SER B 651 -3.63 18.37 -7.64
CA SER B 651 -3.03 19.15 -8.71
C SER B 651 -2.37 18.24 -9.74
N TYR B 652 -1.69 17.19 -9.29
CA TYR B 652 -1.25 16.11 -10.17
C TYR B 652 -1.58 14.80 -9.48
N PRO B 653 -2.22 13.85 -10.18
CA PRO B 653 -2.71 13.92 -11.56
C PRO B 653 -3.79 14.97 -11.76
N VAL B 654 -3.96 15.43 -13.01
CA VAL B 654 -4.97 16.44 -13.29
C VAL B 654 -6.35 15.90 -12.93
N SER B 655 -7.12 16.69 -12.22
CA SER B 655 -8.41 16.25 -11.67
C SER B 655 -9.52 17.12 -12.26
N ARG B 656 -10.19 16.60 -13.30
CA ARG B 656 -11.29 17.32 -13.93
C ARG B 656 -12.50 16.43 -14.15
N MET B 657 -12.53 15.28 -13.48
CA MET B 657 -13.65 14.35 -13.57
C MET B 657 -14.33 14.34 -12.21
N GLY B 658 -15.59 14.76 -12.18
CA GLY B 658 -16.37 14.77 -10.95
C GLY B 658 -16.02 15.89 -9.99
N HIS B 659 -15.73 17.09 -10.50
CA HIS B 659 -15.30 18.20 -9.64
C HIS B 659 -16.11 19.46 -9.94
N PHE B 660 -15.80 20.51 -9.18
CA PHE B 660 -16.22 21.89 -9.41
C PHE B 660 -17.67 22.19 -9.06
N CYS B 661 -18.61 21.38 -9.53
CA CYS B 661 -20.02 21.73 -9.41
C CYS B 661 -20.85 20.50 -9.08
N HIS B 662 -22.05 20.76 -8.59
CA HIS B 662 -23.03 19.70 -8.34
C HIS B 662 -23.46 19.07 -9.66
N ARG B 663 -23.74 17.78 -9.62
CA ARG B 663 -24.04 17.00 -10.81
C ARG B 663 -25.53 16.80 -10.97
N PHE B 664 -26.01 16.83 -12.23
CA PHE B 664 -27.44 16.63 -12.46
C PHE B 664 -27.86 15.20 -12.22
N GLU B 665 -26.97 14.24 -12.49
CA GLU B 665 -27.27 12.82 -12.27
C GLU B 665 -27.62 12.55 -10.80
N SER B 666 -27.14 13.38 -9.90
CA SER B 666 -27.42 13.25 -8.47
C SER B 666 -28.45 14.25 -7.98
N ALA B 667 -29.11 14.95 -8.89
CA ALA B 667 -30.06 16.01 -8.53
C ALA B 667 -31.48 15.55 -8.82
N GLU B 668 -32.41 15.96 -7.95
CA GLU B 668 -33.82 15.63 -8.10
C GLU B 668 -34.56 16.88 -8.56
N VAL B 669 -35.22 16.80 -9.71
CA VAL B 669 -35.95 17.92 -10.30
C VAL B 669 -37.43 17.59 -10.27
N THR B 670 -38.20 18.40 -9.54
CA THR B 670 -39.64 18.20 -9.38
C THR B 670 -40.38 19.46 -9.81
N SER B 671 -41.57 19.27 -10.37
CA SER B 671 -42.35 20.39 -10.88
C SER B 671 -42.99 21.18 -9.75
N LEU B 672 -43.26 22.46 -10.03
CA LEU B 672 -43.84 23.39 -9.08
C LEU B 672 -43.01 23.49 -7.81
FE1 SF4 C . 3.84 -11.14 4.80
FE2 SF4 C . 2.88 -8.72 5.36
FE3 SF4 C . 3.96 -10.26 7.40
FE4 SF4 C . 1.56 -10.90 6.20
S1 SF4 C . 1.99 -9.06 7.41
S2 SF4 C . 3.28 -12.31 6.67
S3 SF4 C . 1.91 -10.25 4.06
S4 SF4 C . 5.04 -9.41 5.52
CO B12 D . -5.30 -13.10 14.50
N21 B12 D . -5.63 -13.16 12.65
N22 B12 D . -5.27 -15.02 14.55
N23 B12 D . -5.62 -12.83 16.36
N24 B12 D . -5.17 -11.23 14.21
C1 B12 D . -5.93 -11.85 12.07
C20 B12 D . -7.33 -11.41 12.45
C2 B12 D . -5.70 -12.13 10.53
C25 B12 D . -6.47 -11.20 9.58
C26 B12 D . -4.19 -12.09 10.24
C27 B12 D . -3.71 -12.85 8.98
O28 B12 D . -4.14 -12.54 7.88
N29 B12 D . -2.83 -13.83 9.17
C3 B12 D . -6.12 -13.64 10.43
C30 B12 D . -7.63 -13.93 10.39
C31 B12 D . -8.22 -14.14 9.00
C32 B12 D . -9.69 -14.49 9.10
O34 B12 D . -10.27 -14.53 10.19
N33 B12 D . -10.30 -14.74 7.95
C4 B12 D . -5.70 -14.13 11.79
C5 B12 D . -5.39 -15.52 12.18
C35 B12 D . -5.31 -16.40 10.97
C6 B12 D . -5.30 -15.92 13.49
C7 B12 D . -5.20 -17.35 14.05
C36 B12 D . -6.59 -17.99 13.87
C37 B12 D . -4.13 -18.24 13.34
C38 B12 D . -2.66 -17.79 13.39
O39 B12 D . -1.79 -18.65 13.20
N40 B12 D . -2.38 -16.51 13.63
C8 B12 D . -4.82 -17.15 15.54
C41 B12 D . -5.53 -18.05 16.56
C42 B12 D . -5.00 -19.49 16.57
C43 B12 D . -5.24 -20.23 17.86
O44 B12 D . -4.41 -21.03 18.29
N45 B12 D . -6.37 -19.96 18.50
C9 B12 D . -5.13 -15.68 15.71
C10 B12 D . -5.21 -15.11 16.98
C11 B12 D . -5.46 -13.78 17.30
C12 B12 D . -5.53 -13.25 18.71
C46 B12 D . -4.10 -13.01 19.24
C47 B12 D . -6.29 -14.14 19.70
C13 B12 D . -6.15 -11.85 18.49
C48 B12 D . -7.69 -11.81 18.52
C49 B12 D . -8.27 -10.41 18.35
C50 B12 D . -9.77 -10.28 18.49
O51 B12 D . -10.40 -9.40 17.90
N52 B12 D . -10.35 -11.18 19.28
C14 B12 D . -5.71 -11.58 17.05
C15 B12 D . -5.37 -10.38 16.49
C53 B12 D . -5.30 -9.18 17.39
C16 B12 D . -5.15 -10.17 14.98
C17 B12 D . -4.87 -8.90 14.20
C54 B12 D . -3.37 -8.54 14.39
C55 B12 D . -5.70 -7.65 14.57
C56 B12 D . -7.22 -7.79 14.45
C57 B12 D . -7.83 -6.43 14.68
O58 B12 D . -8.51 -6.19 15.67
N59 B12 D . -7.57 -5.50 13.76
C18 B12 D . -5.21 -9.36 12.78
C60 B12 D . -4.47 -8.65 11.63
C61 B12 D . -4.98 -7.23 11.44
O63 B12 D . -6.17 -7.01 11.22
N62 B12 D . -4.07 -6.26 11.53
C19 B12 D . -4.94 -10.88 12.80
C1P B12 D . -8.03 -4.12 13.85
C2P B12 D . -9.46 -3.96 13.26
C3P B12 D . -9.97 -2.57 13.51
O3 B12 D . -9.34 -4.12 11.90
O4 B12 D . -10.09 -6.59 11.61
O5 B12 D . -9.39 -5.18 9.65
P B12 D . -10.06 -5.23 11.01
O2 B12 D . -11.53 -4.54 10.90
C3R B12 D . -11.91 -3.72 9.81
C2R B12 D . -12.61 -4.46 8.66
O7R B12 D . -12.44 -5.87 8.79
C1R B12 D . -14.08 -4.02 8.83
O6R B12 D . -14.03 -2.73 9.38
C4R B12 D . -12.93 -2.67 10.30
C5R B12 D . -12.41 -1.26 10.41
O8R B12 D . -12.04 -0.74 9.13
N1B B12 D . -14.92 -4.87 9.67
C8B B12 D . -16.29 -4.72 9.73
C2B B12 D . -14.58 -5.70 10.71
N3B B12 D . -15.60 -6.09 11.42
C9B B12 D . -16.70 -5.49 10.82
C4B B12 D . -18.06 -5.54 11.15
C5B B12 D . -18.98 -4.82 10.40
C5M B12 D . -20.44 -4.90 10.76
C6B B12 D . -18.55 -4.03 9.30
C6M B12 D . -19.53 -3.20 8.52
C7B B12 D . -17.19 -3.99 8.97
N MET E . 5.23 -8.62 8.68
CA MET E . 6.25 -9.30 9.49
C MET E . 6.80 -10.54 8.79
O MET E . 6.11 -11.19 7.98
CB MET E . 5.69 -9.67 10.86
CG MET E . 4.93 -10.98 10.93
SD MET E . 3.40 -11.00 9.99
CE MET E . 2.51 -9.66 10.77
OXT MET E . 7.94 -10.93 9.01
N1 5AD F . -1.80 -19.66 8.51
C2 5AD F . -0.97 -19.78 9.55
N3 5AD F . -0.19 -18.85 10.11
C4 5AD F . -0.31 -17.67 9.50
N9 5AD F . 0.33 -16.50 9.78
C8 5AD F . -0.13 -15.58 8.89
N7 5AD F . -1.02 -16.06 8.04
C5 5AD F . -1.14 -17.39 8.42
C6 5AD F . -1.90 -18.46 7.91
N6 5AD F . -2.69 -18.32 6.83
C1' 5AD F . 1.37 -16.31 10.80
C2' 5AD F . 2.76 -16.00 10.22
C3' 5AD F . 2.98 -14.54 10.64
C4' 5AD F . 2.18 -14.46 11.94
C5' 5AD F . 1.78 -13.08 12.38
O4' 5AD F . 1.00 -15.23 11.64
O2' 5AD F . 3.70 -16.88 10.83
O3' 5AD F . 4.34 -14.24 10.90
C13 WCD G . -9.51 -20.47 24.24
C14 WCD G . -7.07 -20.98 24.25
C15 WCD G . -8.30 -20.74 26.40
C16 WCD G . -8.18 -20.22 24.97
C18 WCD G . -7.87 -18.71 24.99
C19 WCD G . -7.43 -18.22 23.60
C21 WCD G . -5.60 -17.18 22.31
C22 WCD G . -4.55 -18.20 21.88
C23 WCD G . -4.00 -17.89 20.48
C01 WCD G . 0.96 -14.48 15.69
C02 WCD G . 0.41 -13.19 16.30
C04 WCD G . 0.46 -15.25 16.93
C05 WCD G . -0.78 -13.87 18.53
C06 WCD G . -1.27 -15.34 18.46
C07 WCD G . -1.00 -15.67 16.96
C09 WCD G . -0.15 -13.49 19.89
C24 WCD G . -0.71 -18.08 19.00
C26 WCD G . -2.22 -18.31 18.86
N03 WCD G . 0.11 -13.95 17.41
N20 WCD G . -6.21 -17.68 23.56
N27 WCD G . -2.85 -18.50 20.18
O08 WCD G . 0.33 -12.00 15.99
O10 WCD G . -4.61 -17.13 19.73
O11 WCD G . -8.16 -18.30 22.61
O12 WCD G . -9.85 -21.85 24.27
O17 WCD G . -6.80 -18.48 25.91
O28 WCD G . 1.07 -13.75 20.06
O29 WCD G . -0.90 -12.93 20.72
S25 WCD G . -0.29 -16.39 19.58
C1 GOL H . -19.69 -8.13 27.26
O1 GOL H . -19.72 -8.99 26.16
C2 GOL H . -20.86 -7.16 27.15
O2 GOL H . -22.08 -7.80 27.08
C3 GOL H . -20.75 -6.23 28.38
O3 GOL H . -19.61 -5.43 28.20
K K I . -6.73 -8.34 -0.29
K K J . 6.77 8.32 9.63
FE1 SF4 K . 2.08 13.80 -32.84
FE2 SF4 K . 0.89 12.50 -30.71
FE3 SF4 K . 3.60 13.02 -30.76
FE4 SF4 K . 2.62 11.20 -32.49
S1 SF4 K . 2.65 11.07 -30.20
S2 SF4 K . 4.10 12.80 -32.97
S3 SF4 K . 0.61 12.14 -33.02
S4 SF4 K . 1.89 14.54 -30.69
CO B12 L . 6.58 12.91 -20.29
N21 B12 L . 7.68 13.20 -21.78
N22 B12 L . 6.64 14.78 -19.89
N23 B12 L . 5.95 12.32 -18.59
N24 B12 L . 6.50 11.14 -20.96
C1 B12 L . 8.11 11.97 -22.44
C20 B12 L . 9.17 11.26 -21.64
C2 B12 L . 8.56 12.53 -23.85
C25 B12 L . 9.57 11.64 -24.60
C26 B12 L . 7.30 12.77 -24.70
C27 B12 L . 7.43 13.77 -25.85
O28 B12 L . 8.25 13.57 -26.75
N29 B12 L . 6.65 14.84 -25.83
C3 B12 L . 9.12 13.94 -23.45
C30 B12 L . 10.55 13.98 -22.86
C31 B12 L . 11.64 14.41 -23.85
C32 B12 L . 12.97 14.61 -23.16
O34 B12 L . 13.97 14.96 -23.80
N33 B12 L . 13.00 14.40 -21.86
C4 B12 L . 8.20 14.28 -22.30
C5 B12 L . 7.88 15.61 -21.79
C35 B12 L . 8.45 16.67 -22.70
C6 B12 L . 7.23 15.82 -20.59
C7 B12 L . 7.03 17.14 -19.82
C36 B12 L . 8.39 17.49 -19.19
C37 B12 L . 6.52 18.31 -20.70
C38 B12 L . 5.15 18.15 -21.38
O39 B12 L . 4.50 19.17 -21.65
N40 B12 L . 4.71 16.93 -21.67
C8 B12 L . 5.97 16.78 -18.75
C41 B12 L . 6.19 17.36 -17.34
C42 B12 L . 5.76 18.82 -17.23
C43 B12 L . 5.61 19.29 -15.80
O44 B12 L . 6.39 18.91 -14.92
N45 B12 L . 4.61 20.12 -15.55
C9 B12 L . 6.03 15.27 -18.78
C10 B12 L . 5.48 14.53 -17.75
C11 B12 L . 5.45 13.15 -17.66
C12 B12 L . 4.80 12.40 -16.51
C46 B12 L . 3.29 12.29 -16.75
C47 B12 L . 5.06 13.07 -15.14
C13 B12 L . 5.42 10.99 -16.67
C48 B12 L . 6.79 10.82 -15.99
C49 B12 L . 7.39 9.41 -16.18
C50 B12 L . 8.65 9.16 -15.39
O51 B12 L . 9.46 8.30 -15.74
N52 B12 L . 8.81 9.90 -14.31
C14 B12 L . 5.69 10.98 -18.18
C15 B12 L . 5.61 9.91 -19.02
C53 B12 L . 5.10 8.60 -18.49
C16 B12 L . 6.08 9.99 -20.50
C17 B12 L . 6.08 8.89 -21.56
C54 B12 L . 4.63 8.71 -22.04
C55 B12 L . 6.61 7.49 -21.15
C56 B12 L . 8.04 7.43 -20.63
C57 B12 L . 8.42 5.98 -20.48
O58 B12 L . 8.63 5.49 -19.37
N59 B12 L . 8.47 5.26 -21.59
C18 B12 L . 6.99 9.54 -22.62
C60 B12 L . 6.77 9.13 -24.09
C61 B12 L . 7.21 7.71 -24.32
O63 B12 L . 8.37 7.36 -24.09
N62 B12 L . 6.29 6.87 -24.77
C19 B12 L . 6.84 11.05 -22.40
C1P B12 L . 8.78 3.84 -21.63
C2P B12 L . 10.32 3.62 -21.62
C3P B12 L . 10.65 2.15 -21.48
O3 B12 L . 10.76 4.03 -22.85
O4 B12 L . 11.73 6.36 -22.31
O5 B12 L . 11.85 5.35 -24.62
P B12 L . 11.87 5.13 -23.11
O2 B12 L . 13.18 4.25 -22.73
C3R B12 L . 13.94 3.58 -23.73
C2R B12 L . 15.05 4.42 -24.39
O7R B12 L . 14.93 5.80 -24.08
C1R B12 L . 16.32 3.79 -23.82
O6R B12 L . 16.01 2.43 -23.58
C4R B12 L . 14.66 2.37 -23.09
C5R B12 L . 14.07 1.01 -23.41
O8R B12 L . 14.13 0.72 -24.80
N1B B12 L . 16.82 4.37 -22.57
C8B B12 L . 18.04 4.01 -22.02
C2B B12 L . 16.16 5.07 -21.60
N3B B12 L . 16.84 5.21 -20.49
C9B B12 L . 18.03 4.54 -20.74
C4B B12 L . 19.13 4.33 -19.91
C5B B12 L . 20.22 3.59 -20.36
C5M B12 L . 21.42 3.44 -19.47
C6B B12 L . 20.19 3.03 -21.66
C6M B12 L . 21.33 2.16 -22.15
C7B B12 L . 19.10 3.25 -22.49
N MET M . -0.94 10.85 -30.33
CA MET M . -2.13 11.54 -29.84
C MET M . -2.27 12.94 -30.44
O MET M . -3.39 13.47 -30.57
CB MET M . -2.12 11.62 -28.32
CG MET M . -1.35 12.81 -27.72
SD MET M . 0.44 12.77 -27.99
CE MET M . 0.87 11.21 -27.20
OXT MET M . -1.29 13.59 -30.81
N1 5AD N . 6.20 20.83 -25.59
C2 5AD N . 5.02 20.92 -24.98
N3 5AD N . 4.03 20.02 -24.95
C4 5AD N . 4.34 18.92 -25.63
N9 5AD N . 3.56 17.81 -25.82
C8 5AD N . 4.31 16.95 -26.58
N7 5AD N . 5.50 17.42 -26.90
C5 5AD N . 5.52 18.68 -26.31
C6 5AD N . 6.50 19.70 -26.27
N6 5AD N . 7.67 19.57 -26.89
C1' 5AD N . 2.20 17.60 -25.35
C2' 5AD N . 1.14 17.56 -26.47
C3' 5AD N . 0.72 16.10 -26.48
C4' 5AD N . 0.90 15.70 -25.02
C5' 5AD N . 1.01 14.23 -24.74
O4' 5AD N . 2.14 16.37 -24.66
O2' 5AD N . 0.06 18.41 -26.14
O3' 5AD N . -0.63 15.92 -26.87
C1 GOL O . 14.81 1.94 -3.09
O1 GOL O . 13.72 1.54 -3.87
C2 GOL O . 15.22 3.40 -3.46
O2 GOL O . 16.54 3.50 -3.87
C3 GOL O . 14.23 3.93 -4.53
O3 GOL O . 14.72 5.17 -5.02
K K P . 13.61 10.50 -34.02
K K Q . -3.80 -5.54 -33.55
#